data_7R52
#
_entry.id   7R52
#
_cell.length_a   162.537
_cell.length_b   87.227
_cell.length_c   153.054
_cell.angle_alpha   90
_cell.angle_beta   120.1
_cell.angle_gamma   90
#
_symmetry.space_group_name_H-M   'C 1 2 1'
#
loop_
_entity.id
_entity.type
_entity.pdbx_description
1 polymer 'Toll-like receptor 8'
2 branched alpha-D-mannopyranose-(1-3)-[alpha-D-mannopyranose-(1-6)]beta-D-mannopyranose-(1-4)-2-acetamido-2-deoxy-beta-D-glucopyranose-(1-4)-2-acetamido-2-deoxy-beta-D-glucopyranose
3 branched beta-D-mannopyranose-(1-4)-2-acetamido-2-deoxy-beta-D-glucopyranose-(1-4)-2-acetamido-2-deoxy-beta-D-glucopyranose
4 non-polymer 2-acetamido-2-deoxy-beta-D-glucopyranose
5 non-polymer 5-methoxy-6-pyridin-4-yl-1~{H}-indole
6 water water
#
_entity_poly.entity_id   1
_entity_poly.type   'polypeptide(L)'
_entity_poly.pdbx_seq_one_letter_code
;EENFSRSYPCDEKKQNDSVIAECSNRRLQEVPQTVGKYVTELDLSDNFITHITNESFQGLQNLTKINLNHNPNVQHQNGN
PGIQSNGLNITDGAFLNLKNLRELLLEDNQLPQIPSGLPESLTELSLIQNNIYNITKEGISRLINLKNLYLAWNCYFNKV
CEKTNIEDGVFETLTNLELLSLSFNSLSHVPPKLPSSLRKLFLSNTQIKYISEEDFKGLINLTLLDLSGNCPRCFNAPFP
CVPCDGGASINIDRFAFQNLTQLRYLNLSSTSLRKINAAWFKNMPHLKVLDLEFNYLVGEIASGAFLTMLPRLEILDLSF
NYIKGSYPQHINISRNFSKLLSLRALHLRGYVFQELREDDFQPLMQLPNLSTINLGINFIKQIDFKLFQNFSNLEIIYLS
ENRISPLVKDTRQSYANSSSFQRHIRKRRSTDFEFDPHSNFYHFTRPLIKPQCAAYGKALDLSLNSIFFIGPNQFENLPD
IACLNLSANSNAQVLSGTEFSAIPHVKYLDLTNNRLDFDNASALTELSDLEVLDLSYNSHYFRIAGVTHHLEFIQNFTNL
KVLNLSHNNIYTLTDKYNLESKSLVELVFSGNRLDILWNDDDNRYISIFKGLKNLTRLDLSLNRLKHIPNEAFLNLPASL
TELHINDNMLKFFNWTLLQQFPRLELLDLRGNKLLFLTDSLSDFTSSLRTLLLSHNRISHLPSGFLSEVSSLKHLDLSSN
LLKTINKSALETKTTTKLSMLELHGNPFECTCDIGDFRRWMDEHLNVKIPRLVDVICASPGDQRGKSIVSLELTTCVSDV
TEFLVPR
;
_entity_poly.pdbx_strand_id   A,B
#
loop_
_chem_comp.id
_chem_comp.type
_chem_comp.name
_chem_comp.formula
BMA D-saccharide, beta linking beta-D-mannopyranose 'C6 H12 O6'
I6A non-polymer 5-methoxy-6-pyridin-4-yl-1~{H}-indole 'C14 H12 N2 O'
MAN D-saccharide, alpha linking alpha-D-mannopyranose 'C6 H12 O6'
NAG D-saccharide, beta linking 2-acetamido-2-deoxy-beta-D-glucopyranose 'C8 H15 N O6'
#
# COMPACT_ATOMS: atom_id res chain seq x y z
N SER A 5 48.64 11.68 -4.99
CA SER A 5 48.00 11.66 -6.30
C SER A 5 46.56 11.15 -6.26
N ARG A 6 45.89 11.21 -5.09
CA ARG A 6 44.51 10.75 -4.95
C ARG A 6 43.55 11.79 -5.54
N SER A 7 42.79 11.40 -6.56
CA SER A 7 41.86 12.28 -7.28
C SER A 7 40.74 12.89 -6.44
N TYR A 8 40.46 14.18 -6.65
CA TYR A 8 39.39 14.91 -5.97
C TYR A 8 38.95 16.08 -6.85
N PRO A 9 37.64 16.30 -7.02
CA PRO A 9 36.52 15.55 -6.45
C PRO A 9 36.04 14.36 -7.28
N CYS A 10 36.69 14.08 -8.41
CA CYS A 10 36.27 12.99 -9.29
C CYS A 10 36.84 11.64 -8.88
N ASP A 11 36.16 10.57 -9.29
CA ASP A 11 36.63 9.22 -9.03
C ASP A 11 37.24 8.72 -10.32
N GLU A 12 38.53 8.93 -10.50
CA GLU A 12 39.21 8.54 -11.74
C GLU A 12 39.47 7.02 -11.80
N LYS A 13 39.52 6.47 -13.01
CA LYS A 13 39.76 5.06 -13.25
C LYS A 13 40.29 4.86 -14.67
N LYS A 14 41.46 4.23 -14.84
CA LYS A 14 42.01 4.01 -16.18
C LYS A 14 41.36 2.78 -16.85
N GLN A 15 40.05 2.85 -17.09
CA GLN A 15 39.22 1.82 -17.70
C GLN A 15 39.56 1.63 -19.18
N ASN A 16 40.18 0.49 -19.52
CA ASN A 16 40.62 0.12 -20.87
C ASN A 16 41.57 1.16 -21.47
N ASP A 17 42.66 1.47 -20.74
CA ASP A 17 43.72 2.41 -21.09
C ASP A 17 43.28 3.89 -20.98
N SER A 18 42.08 4.22 -21.46
CA SER A 18 41.53 5.57 -21.38
C SER A 18 41.10 5.86 -19.95
N VAL A 19 41.45 7.04 -19.41
CA VAL A 19 41.09 7.38 -18.04
C VAL A 19 39.73 8.07 -17.91
N ILE A 20 38.75 7.37 -17.33
CA ILE A 20 37.43 7.94 -17.11
C ILE A 20 37.40 8.72 -15.79
N ALA A 21 36.45 9.65 -15.66
CA ALA A 21 36.35 10.47 -14.45
C ALA A 21 34.90 10.67 -14.04
N GLU A 22 34.43 9.87 -13.08
CA GLU A 22 33.07 9.99 -12.59
C GLU A 22 33.02 11.14 -11.59
N CYS A 23 32.50 12.29 -12.03
CA CYS A 23 32.38 13.47 -11.17
C CYS A 23 30.93 13.91 -11.05
N SER A 24 29.98 12.96 -11.07
CA SER A 24 28.57 13.27 -11.02
C SER A 24 27.97 13.23 -9.62
N ASN A 25 26.88 14.00 -9.41
CA ASN A 25 26.14 14.09 -8.14
C ASN A 25 27.05 14.42 -6.95
N ARG A 26 27.86 15.48 -7.07
CA ARG A 26 28.80 15.88 -6.03
C ARG A 26 28.62 17.32 -5.53
N ARG A 27 27.45 17.93 -5.83
CA ARG A 27 27.12 19.31 -5.44
C ARG A 27 28.17 20.33 -5.87
N LEU A 28 28.77 20.13 -7.05
CA LEU A 28 29.79 21.02 -7.55
C LEU A 28 29.19 22.29 -8.14
N GLN A 29 29.57 23.44 -7.60
CA GLN A 29 29.07 24.72 -8.10
C GLN A 29 29.76 25.16 -9.41
N GLU A 30 31.00 24.69 -9.64
CA GLU A 30 31.75 25.04 -10.84
C GLU A 30 32.58 23.85 -11.34
N VAL A 31 33.06 23.91 -12.59
CA VAL A 31 33.90 22.87 -13.18
C VAL A 31 35.21 22.80 -12.42
N PRO A 32 35.55 21.63 -11.86
CA PRO A 32 36.77 21.52 -11.07
C PRO A 32 38.07 21.70 -11.82
N GLN A 33 38.99 22.49 -11.26
CA GLN A 33 40.31 22.71 -11.84
C GLN A 33 41.35 21.67 -11.36
N THR A 34 40.91 20.60 -10.67
CA THR A 34 41.78 19.55 -10.17
C THR A 34 41.58 18.21 -10.89
N VAL A 35 41.00 18.22 -12.10
CA VAL A 35 40.80 17.02 -12.88
C VAL A 35 42.07 16.73 -13.67
N GLY A 36 42.55 15.49 -13.63
CA GLY A 36 43.77 15.07 -14.31
C GLY A 36 43.75 15.39 -15.80
N LYS A 37 44.88 15.85 -16.34
CA LYS A 37 44.96 16.21 -17.76
C LYS A 37 44.91 15.01 -18.71
N TYR A 38 45.25 13.82 -18.20
CA TYR A 38 45.27 12.58 -18.96
C TYR A 38 43.89 11.92 -19.15
N VAL A 39 42.84 12.45 -18.49
CA VAL A 39 41.51 11.85 -18.61
C VAL A 39 40.91 12.06 -20.00
N THR A 40 40.06 11.13 -20.43
CA THR A 40 39.43 11.19 -21.74
C THR A 40 37.91 11.39 -21.63
N GLU A 41 37.28 10.92 -20.54
CA GLU A 41 35.84 11.05 -20.38
C GLU A 41 35.49 11.70 -19.05
N LEU A 42 34.87 12.88 -19.10
CA LEU A 42 34.47 13.57 -17.88
C LEU A 42 32.96 13.58 -17.76
N ASP A 43 32.45 13.17 -16.59
CA ASP A 43 31.01 13.14 -16.35
C ASP A 43 30.69 14.07 -15.18
N LEU A 44 30.26 15.30 -15.48
CA LEU A 44 29.89 16.28 -14.45
C LEU A 44 28.37 16.46 -14.36
N SER A 45 27.60 15.39 -14.60
CA SER A 45 26.15 15.47 -14.57
C SER A 45 25.56 15.57 -13.15
N ASP A 46 24.35 16.13 -13.04
CA ASP A 46 23.64 16.28 -11.76
C ASP A 46 24.40 17.11 -10.73
N ASN A 47 25.02 18.21 -11.19
CA ASN A 47 25.73 19.12 -10.31
C ASN A 47 25.06 20.52 -10.34
N PHE A 48 25.57 21.48 -9.56
CA PHE A 48 25.00 22.83 -9.54
C PHE A 48 25.84 23.82 -10.36
N ILE A 49 26.47 23.35 -11.44
CA ILE A 49 27.29 24.19 -12.30
C ILE A 49 26.38 25.15 -13.06
N THR A 50 26.71 26.44 -13.06
CA THR A 50 25.88 27.45 -13.71
C THR A 50 26.56 28.12 -14.90
N HIS A 51 27.91 28.14 -14.93
CA HIS A 51 28.63 28.81 -16.01
C HIS A 51 29.67 27.95 -16.70
N ILE A 52 29.67 27.93 -18.04
CA ILE A 52 30.63 27.21 -18.86
C ILE A 52 31.35 28.20 -19.77
N THR A 53 32.63 28.48 -19.49
CA THR A 53 33.43 29.42 -20.28
C THR A 53 34.56 28.69 -21.05
N ASN A 54 35.32 29.40 -21.91
CA ASN A 54 36.43 28.78 -22.63
C ASN A 54 37.63 28.41 -21.71
N GLU A 55 37.62 28.87 -20.46
CA GLU A 55 38.67 28.55 -19.48
C GLU A 55 38.22 27.47 -18.47
N SER A 56 37.18 26.68 -18.81
CA SER A 56 36.67 25.63 -17.92
C SER A 56 37.40 24.30 -18.12
N PHE A 57 37.87 24.04 -19.35
CA PHE A 57 38.59 22.80 -19.63
C PHE A 57 40.01 23.09 -20.11
N GLN A 58 40.83 23.71 -19.25
CA GLN A 58 42.20 24.05 -19.58
C GLN A 58 43.13 22.86 -19.41
N GLY A 59 43.95 22.60 -20.42
CA GLY A 59 44.91 21.50 -20.40
C GLY A 59 44.32 20.11 -20.61
N LEU A 60 43.01 20.03 -20.87
CA LEU A 60 42.32 18.75 -21.07
C LEU A 60 42.20 18.45 -22.58
N GLN A 61 43.35 18.33 -23.26
CA GLN A 61 43.40 18.07 -24.69
C GLN A 61 42.89 16.67 -25.06
N ASN A 62 43.13 15.69 -24.18
CA ASN A 62 42.68 14.32 -24.43
C ASN A 62 41.20 14.08 -24.14
N LEU A 63 40.41 15.12 -23.84
CA LEU A 63 38.99 14.96 -23.58
C LEU A 63 38.22 14.64 -24.85
N THR A 64 37.62 13.46 -24.89
CA THR A 64 36.82 12.99 -26.02
C THR A 64 35.32 12.99 -25.72
N LYS A 65 34.92 12.90 -24.44
CA LYS A 65 33.52 12.89 -24.07
C LYS A 65 33.23 13.68 -22.79
N ILE A 66 32.36 14.69 -22.90
CA ILE A 66 31.98 15.53 -21.76
C ILE A 66 30.49 15.41 -21.51
N ASN A 67 30.10 15.08 -20.27
CA ASN A 67 28.70 14.94 -19.90
C ASN A 67 28.34 16.06 -18.92
N LEU A 68 27.48 16.99 -19.34
CA LEU A 68 27.06 18.09 -18.48
C LEU A 68 25.54 18.11 -18.30
N ASN A 69 24.90 16.93 -18.23
CA ASN A 69 23.46 16.81 -18.07
C ASN A 69 22.99 17.30 -16.70
N HIS A 70 21.77 17.85 -16.66
CA HIS A 70 21.11 18.31 -15.42
C HIS A 70 21.97 19.30 -14.63
N ASN A 71 22.36 20.41 -15.25
CA ASN A 71 23.17 21.42 -14.58
C ASN A 71 22.54 22.80 -14.79
N PRO A 72 22.00 23.42 -13.73
CA PRO A 72 21.94 22.94 -12.34
C PRO A 72 20.79 21.96 -12.06
N ASN A 73 21.01 21.00 -11.16
CA ASN A 73 20.00 19.99 -10.81
C ASN A 73 18.87 20.52 -9.92
N GLY A 87 19.22 28.64 -15.93
CA GLY A 87 19.79 27.50 -16.62
C GLY A 87 21.30 27.51 -16.65
N LEU A 88 21.88 27.00 -17.74
CA LEU A 88 23.33 26.93 -17.90
C LEU A 88 23.83 28.01 -18.88
N ASN A 89 24.78 28.84 -18.45
CA ASN A 89 25.32 29.93 -19.26
C ASN A 89 26.59 29.51 -19.97
N ILE A 90 26.48 29.09 -21.23
CA ILE A 90 27.65 28.67 -22.01
C ILE A 90 28.06 29.77 -22.99
N THR A 91 29.31 30.22 -22.92
CA THR A 91 29.83 31.26 -23.80
C THR A 91 30.12 30.73 -25.22
N ASP A 92 30.28 31.63 -26.20
CA ASP A 92 30.58 31.21 -27.57
C ASP A 92 32.02 30.72 -27.66
N GLY A 93 32.19 29.53 -28.23
CA GLY A 93 33.50 28.92 -28.40
C GLY A 93 34.11 28.42 -27.10
N ALA A 94 33.26 28.04 -26.13
CA ALA A 94 33.72 27.52 -24.84
C ALA A 94 34.38 26.15 -24.98
N PHE A 95 33.93 25.34 -25.95
CA PHE A 95 34.52 24.01 -26.18
C PHE A 95 35.39 23.96 -27.45
N LEU A 96 35.68 25.10 -28.09
CA LEU A 96 36.46 25.16 -29.32
C LEU A 96 37.92 24.71 -29.17
N ASN A 97 38.52 24.91 -28.00
CA ASN A 97 39.90 24.50 -27.76
C ASN A 97 40.08 22.99 -27.51
N LEU A 98 38.98 22.21 -27.58
CA LEU A 98 39.02 20.76 -27.38
C LEU A 98 39.00 20.11 -28.76
N LYS A 99 40.17 19.95 -29.37
CA LYS A 99 40.30 19.39 -30.72
C LYS A 99 39.92 17.91 -30.81
N ASN A 100 39.92 17.19 -29.68
CA ASN A 100 39.57 15.76 -29.68
C ASN A 100 38.17 15.47 -29.15
N LEU A 101 37.32 16.49 -28.98
CA LEU A 101 35.97 16.28 -28.43
C LEU A 101 35.03 15.65 -29.44
N ARG A 102 34.66 14.39 -29.21
CA ARG A 102 33.79 13.63 -30.08
C ARG A 102 32.37 13.44 -29.54
N GLU A 103 32.15 13.65 -28.23
CA GLU A 103 30.83 13.43 -27.64
C GLU A 103 30.44 14.47 -26.60
N LEU A 104 29.47 15.32 -26.92
CA LEU A 104 29.01 16.34 -25.99
C LEU A 104 27.57 16.08 -25.56
N LEU A 105 27.33 16.06 -24.25
CA LEU A 105 26.01 15.79 -23.68
C LEU A 105 25.51 17.00 -22.88
N LEU A 106 24.47 17.69 -23.37
CA LEU A 106 23.92 18.87 -22.69
C LEU A 106 22.40 18.73 -22.49
N GLU A 107 21.97 17.65 -21.84
CA GLU A 107 20.55 17.41 -21.59
C GLU A 107 20.05 18.08 -20.32
N ASP A 108 18.79 18.56 -20.34
CA ASP A 108 18.14 19.21 -19.19
C ASP A 108 18.95 20.37 -18.61
N ASN A 109 19.41 21.29 -19.47
CA ASN A 109 20.21 22.43 -19.05
C ASN A 109 19.51 23.78 -19.19
N GLN A 110 18.26 23.80 -19.72
CA GLN A 110 17.46 25.00 -19.97
C GLN A 110 18.17 25.97 -20.92
N LEU A 111 18.84 25.43 -21.94
CA LEU A 111 19.55 26.25 -22.91
C LEU A 111 18.55 26.93 -23.84
N PRO A 112 18.62 28.26 -23.99
CA PRO A 112 17.66 28.96 -24.86
C PRO A 112 17.90 28.73 -26.35
N GLN A 113 19.14 28.45 -26.72
CA GLN A 113 19.52 28.21 -28.11
C GLN A 113 20.67 27.18 -28.19
N ILE A 114 20.98 26.69 -29.41
CA ILE A 114 22.07 25.74 -29.59
C ILE A 114 23.38 26.49 -29.33
N PRO A 115 24.21 25.99 -28.40
CA PRO A 115 25.48 26.69 -28.10
C PRO A 115 26.33 26.97 -29.33
N SER A 116 26.70 28.23 -29.52
CA SER A 116 27.50 28.64 -30.67
C SER A 116 28.98 28.39 -30.39
N GLY A 117 29.70 27.91 -31.41
CA GLY A 117 31.12 27.66 -31.28
C GLY A 117 31.47 26.27 -30.79
N LEU A 118 30.66 25.27 -31.17
CA LEU A 118 30.94 23.88 -30.80
C LEU A 118 32.06 23.33 -31.71
N PRO A 119 32.96 22.49 -31.18
CA PRO A 119 34.06 21.97 -32.03
C PRO A 119 33.59 21.09 -33.18
N GLU A 120 34.15 21.30 -34.38
CA GLU A 120 33.79 20.52 -35.57
C GLU A 120 34.10 19.03 -35.45
N SER A 121 34.92 18.63 -34.46
CA SER A 121 35.28 17.23 -34.23
C SER A 121 34.14 16.39 -33.61
N LEU A 122 33.05 17.05 -33.17
CA LEU A 122 31.91 16.37 -32.55
C LEU A 122 31.27 15.33 -33.46
N THR A 123 30.94 14.17 -32.90
CA THR A 123 30.26 13.08 -33.59
C THR A 123 28.93 12.74 -32.91
N GLU A 124 28.82 12.96 -31.60
CA GLU A 124 27.58 12.72 -30.87
C GLU A 124 27.21 13.97 -30.09
N LEU A 125 26.03 14.53 -30.36
CA LEU A 125 25.57 15.72 -29.66
C LEU A 125 24.14 15.52 -29.16
N SER A 126 23.93 15.66 -27.85
CA SER A 126 22.60 15.48 -27.27
C SER A 126 22.14 16.73 -26.56
N LEU A 127 21.10 17.38 -27.06
CA LEU A 127 20.56 18.61 -26.48
C LEU A 127 19.09 18.40 -26.07
N ILE A 128 18.80 17.23 -25.48
CA ILE A 128 17.47 16.84 -25.03
C ILE A 128 17.00 17.67 -23.82
N GLN A 129 15.69 17.94 -23.72
CA GLN A 129 15.07 18.66 -22.61
C GLN A 129 15.62 20.09 -22.41
N ASN A 130 15.72 20.86 -23.48
CA ASN A 130 16.18 22.24 -23.41
C ASN A 130 15.09 23.21 -23.93
N ASN A 131 15.38 24.52 -23.98
CA ASN A 131 14.43 25.50 -24.50
C ASN A 131 14.82 25.94 -25.92
N ILE A 132 15.35 25.02 -26.73
CA ILE A 132 15.78 25.33 -28.08
C ILE A 132 14.60 25.36 -29.03
N TYR A 133 14.24 26.55 -29.50
CA TYR A 133 13.12 26.70 -30.43
C TYR A 133 13.56 26.88 -31.88
N ASN A 134 14.82 27.31 -32.12
CA ASN A 134 15.32 27.51 -33.46
C ASN A 134 16.52 26.61 -33.76
N ILE A 135 16.45 25.87 -34.88
CA ILE A 135 17.55 25.02 -35.32
C ILE A 135 18.21 25.77 -36.47
N THR A 136 19.26 26.54 -36.17
CA THR A 136 19.93 27.35 -37.18
C THR A 136 21.23 26.77 -37.69
N LYS A 137 21.64 27.19 -38.90
CA LYS A 137 22.89 26.77 -39.53
C LYS A 137 24.13 27.33 -38.81
N GLU A 138 23.96 28.42 -38.06
CA GLU A 138 25.00 29.10 -37.29
C GLU A 138 25.65 28.15 -36.28
N GLY A 139 24.84 27.30 -35.64
CA GLY A 139 25.35 26.37 -34.64
C GLY A 139 25.39 24.92 -35.02
N ILE A 140 24.82 24.54 -36.18
CA ILE A 140 24.79 23.14 -36.59
C ILE A 140 25.58 22.84 -37.88
N SER A 141 25.41 23.66 -38.94
CA SER A 141 26.07 23.44 -40.23
C SER A 141 27.60 23.37 -40.18
N ARG A 142 28.22 23.94 -39.15
CA ARG A 142 29.68 23.88 -38.99
C ARG A 142 30.13 22.48 -38.51
N LEU A 143 29.25 21.75 -37.80
CA LEU A 143 29.55 20.40 -37.28
C LEU A 143 29.33 19.37 -38.39
N ILE A 144 30.31 19.22 -39.28
CA ILE A 144 30.20 18.30 -40.42
C ILE A 144 30.48 16.83 -40.08
N ASN A 145 31.15 16.56 -38.96
CA ASN A 145 31.44 15.17 -38.57
C ASN A 145 30.32 14.52 -37.71
N LEU A 146 29.23 15.25 -37.44
CA LEU A 146 28.11 14.75 -36.64
C LEU A 146 27.51 13.49 -37.20
N LYS A 147 27.38 12.48 -36.34
CA LYS A 147 26.82 11.18 -36.65
C LYS A 147 25.51 11.00 -35.88
N ASN A 148 25.47 11.38 -34.61
CA ASN A 148 24.27 11.25 -33.78
C ASN A 148 23.82 12.61 -33.25
N LEU A 149 22.60 13.03 -33.60
CA LEU A 149 22.06 14.30 -33.13
C LEU A 149 20.73 14.10 -32.42
N TYR A 150 20.67 14.46 -31.14
CA TYR A 150 19.46 14.31 -30.34
C TYR A 150 18.90 15.67 -29.96
N LEU A 151 17.74 16.04 -30.50
CA LEU A 151 17.11 17.32 -30.20
C LEU A 151 15.69 17.13 -29.66
N ALA A 152 15.45 16.06 -28.91
CA ALA A 152 14.13 15.77 -28.37
C ALA A 152 13.74 16.66 -27.17
N TRP A 153 12.43 16.82 -26.94
CA TRP A 153 11.85 17.57 -25.82
C TRP A 153 12.28 19.05 -25.73
N ASN A 154 12.09 19.83 -26.80
CA ASN A 154 12.45 21.25 -26.79
C ASN A 154 11.22 22.16 -26.87
N CYS A 155 10.33 21.89 -27.83
CA CYS A 155 9.08 22.65 -27.94
C CYS A 155 7.97 21.72 -27.49
N TYR A 156 7.72 21.67 -26.19
CA TYR A 156 6.70 20.80 -25.64
C TYR A 156 5.79 21.56 -24.67
N CYS A 161 4.96 26.28 -25.54
CA CYS A 161 5.70 26.03 -26.78
C CYS A 161 5.18 26.84 -27.96
N GLU A 162 6.11 27.36 -28.75
CA GLU A 162 5.83 28.04 -30.00
C GLU A 162 6.50 27.15 -31.05
N LYS A 163 5.72 26.53 -31.96
CA LYS A 163 6.15 25.60 -33.02
C LYS A 163 7.63 25.70 -33.44
N THR A 164 8.36 24.57 -33.41
CA THR A 164 9.78 24.50 -33.73
C THR A 164 10.13 25.03 -35.11
N ASN A 165 11.10 25.95 -35.17
CA ASN A 165 11.57 26.53 -36.42
C ASN A 165 12.86 25.83 -36.84
N ILE A 166 12.87 25.24 -38.03
CA ILE A 166 14.04 24.56 -38.57
C ILE A 166 14.47 25.27 -39.84
N GLU A 167 15.72 25.74 -39.90
CA GLU A 167 16.23 26.45 -41.07
C GLU A 167 16.25 25.52 -42.28
N ASP A 168 15.77 25.99 -43.43
CA ASP A 168 15.69 25.18 -44.64
C ASP A 168 17.06 24.68 -45.12
N GLY A 169 17.35 23.43 -44.84
CA GLY A 169 18.62 22.80 -45.25
C GLY A 169 19.68 22.82 -44.18
N VAL A 170 19.29 22.91 -42.90
CA VAL A 170 20.25 22.95 -41.80
C VAL A 170 20.98 21.59 -41.66
N PHE A 171 20.29 20.47 -41.91
CA PHE A 171 20.90 19.15 -41.81
C PHE A 171 21.57 18.69 -43.12
N GLU A 172 21.31 19.38 -44.24
CA GLU A 172 21.86 19.04 -45.55
C GLU A 172 23.38 18.93 -45.57
N THR A 173 24.09 19.88 -44.92
CA THR A 173 25.56 19.87 -44.87
C THR A 173 26.15 18.74 -44.01
N LEU A 174 25.34 18.19 -43.09
CA LEU A 174 25.78 17.10 -42.21
C LEU A 174 25.71 15.79 -42.99
N THR A 175 26.70 15.57 -43.88
CA THR A 175 26.73 14.39 -44.74
C THR A 175 27.12 13.09 -44.03
N ASN A 176 27.49 13.15 -42.75
CA ASN A 176 27.84 11.93 -42.00
C ASN A 176 26.78 11.54 -40.94
N LEU A 177 25.66 12.28 -40.89
CA LEU A 177 24.57 12.09 -39.93
C LEU A 177 23.83 10.77 -40.14
N GLU A 178 23.94 9.86 -39.17
CA GLU A 178 23.29 8.55 -39.20
C GLU A 178 22.04 8.52 -38.32
N LEU A 179 22.00 9.32 -37.25
CA LEU A 179 20.84 9.35 -36.36
C LEU A 179 20.37 10.77 -36.15
N LEU A 180 19.08 11.03 -36.38
CA LEU A 180 18.50 12.35 -36.14
C LEU A 180 17.24 12.16 -35.32
N SER A 181 17.23 12.71 -34.11
CA SER A 181 16.08 12.59 -33.23
C SER A 181 15.43 13.95 -33.04
N LEU A 182 14.20 14.10 -33.51
CA LEU A 182 13.46 15.34 -33.34
C LEU A 182 12.12 15.14 -32.63
N SER A 183 11.99 14.05 -31.86
CA SER A 183 10.78 13.68 -31.14
C SER A 183 10.38 14.68 -30.05
N PHE A 184 9.09 14.71 -29.70
CA PHE A 184 8.53 15.57 -28.66
C PHE A 184 8.82 17.05 -28.90
N ASN A 185 8.49 17.51 -30.10
CA ASN A 185 8.64 18.89 -30.57
C ASN A 185 7.47 19.23 -31.50
N SER A 186 6.96 20.47 -31.46
CA SER A 186 5.87 20.86 -32.35
C SER A 186 6.43 21.08 -33.74
N LEU A 187 6.45 20.03 -34.57
CA LEU A 187 7.01 20.14 -35.91
C LEU A 187 5.96 20.44 -36.98
N SER A 188 4.83 19.71 -36.96
CA SER A 188 3.72 19.79 -37.92
C SER A 188 4.06 19.15 -39.28
N HIS A 189 5.32 19.26 -39.73
CA HIS A 189 5.75 18.69 -41.00
C HIS A 189 7.13 18.05 -40.87
N VAL A 190 7.41 17.04 -41.72
CA VAL A 190 8.71 16.37 -41.72
C VAL A 190 9.72 17.34 -42.30
N PRO A 191 10.83 17.62 -41.59
CA PRO A 191 11.82 18.59 -42.10
C PRO A 191 12.39 18.22 -43.46
N PRO A 192 12.31 19.16 -44.43
CA PRO A 192 12.88 18.87 -45.75
C PRO A 192 14.40 18.98 -45.77
N LYS A 193 15.02 18.50 -46.86
CA LYS A 193 16.47 18.52 -47.08
C LYS A 193 17.24 17.75 -46.00
N LEU A 194 16.91 16.46 -45.83
CA LEU A 194 17.60 15.61 -44.87
C LEU A 194 18.73 14.85 -45.58
N PRO A 195 19.87 14.59 -44.90
CA PRO A 195 20.98 13.90 -45.57
C PRO A 195 20.66 12.47 -45.96
N SER A 196 21.18 12.02 -47.12
CA SER A 196 20.97 10.64 -47.59
C SER A 196 21.68 9.57 -46.72
N SER A 197 22.63 9.99 -45.90
CA SER A 197 23.36 9.12 -44.99
C SER A 197 22.57 8.75 -43.74
N LEU A 198 21.32 9.25 -43.59
CA LEU A 198 20.50 8.99 -42.42
C LEU A 198 20.10 7.53 -42.37
N ARG A 199 20.17 6.93 -41.19
CA ARG A 199 19.80 5.56 -40.98
C ARG A 199 18.66 5.45 -39.95
N LYS A 200 18.59 6.36 -38.97
CA LYS A 200 17.55 6.33 -37.95
C LYS A 200 16.88 7.69 -37.77
N LEU A 201 15.64 7.83 -38.24
CA LEU A 201 14.88 9.08 -38.13
C LEU A 201 13.77 8.97 -37.08
N PHE A 202 13.92 9.71 -35.97
CA PHE A 202 12.94 9.67 -34.88
C PHE A 202 12.03 10.90 -34.90
N LEU A 203 10.74 10.69 -35.16
CA LEU A 203 9.76 11.77 -35.23
C LEU A 203 8.51 11.45 -34.38
N SER A 204 8.73 10.91 -33.18
CA SER A 204 7.64 10.56 -32.29
C SER A 204 7.03 11.79 -31.62
N ASN A 205 5.70 11.83 -31.45
CA ASN A 205 4.98 12.94 -30.82
C ASN A 205 5.39 14.31 -31.37
N THR A 206 5.35 14.45 -32.70
CA THR A 206 5.77 15.66 -33.38
C THR A 206 4.64 16.46 -34.05
N GLN A 207 3.38 16.06 -33.82
CA GLN A 207 2.21 16.71 -34.42
C GLN A 207 2.22 16.69 -35.95
N ILE A 208 2.85 15.65 -36.54
CA ILE A 208 2.89 15.52 -37.99
C ILE A 208 1.70 14.65 -38.39
N LYS A 209 0.63 15.28 -38.85
CA LYS A 209 -0.59 14.58 -39.21
C LYS A 209 -0.65 14.09 -40.66
N TYR A 210 0.30 14.52 -41.51
CA TYR A 210 0.29 14.12 -42.91
C TYR A 210 1.68 13.71 -43.40
N ILE A 211 1.76 12.56 -44.08
CA ILE A 211 3.02 12.06 -44.63
C ILE A 211 2.93 11.98 -46.15
N SER A 212 3.75 12.78 -46.83
CA SER A 212 3.80 12.88 -48.28
C SER A 212 4.87 11.97 -48.90
N GLU A 213 4.70 11.61 -50.19
CA GLU A 213 5.64 10.77 -50.94
C GLU A 213 7.04 11.40 -51.05
N GLU A 214 7.13 12.74 -50.96
CA GLU A 214 8.41 13.43 -51.04
C GLU A 214 9.03 13.76 -49.67
N ASP A 215 8.45 13.28 -48.55
CA ASP A 215 8.99 13.55 -47.22
C ASP A 215 10.25 12.74 -46.92
N PHE A 216 10.36 11.54 -47.49
CA PHE A 216 11.53 10.68 -47.31
C PHE A 216 12.02 10.22 -48.69
N LYS A 217 12.01 11.12 -49.67
CA LYS A 217 12.40 10.81 -51.05
C LYS A 217 13.88 10.45 -51.23
N GLY A 218 14.76 11.14 -50.52
CA GLY A 218 16.19 10.90 -50.65
C GLY A 218 16.82 10.10 -49.51
N LEU A 219 16.01 9.35 -48.77
CA LEU A 219 16.51 8.57 -47.64
C LEU A 219 16.51 7.07 -47.99
N ILE A 220 17.37 6.65 -48.92
CA ILE A 220 17.41 5.26 -49.35
C ILE A 220 18.12 4.31 -48.37
N ASN A 221 18.98 4.84 -47.49
CA ASN A 221 19.68 3.98 -46.52
C ASN A 221 19.05 3.96 -45.12
N LEU A 222 17.82 4.49 -44.98
CA LEU A 222 17.12 4.56 -43.70
C LEU A 222 16.65 3.18 -43.25
N THR A 223 17.09 2.73 -42.08
CA THR A 223 16.72 1.45 -41.48
C THR A 223 15.69 1.59 -40.34
N LEU A 224 15.46 2.81 -39.84
CA LEU A 224 14.48 3.02 -38.78
C LEU A 224 13.66 4.29 -39.03
N LEU A 225 12.34 4.19 -38.87
CA LEU A 225 11.46 5.33 -39.02
C LEU A 225 10.40 5.32 -37.92
N ASP A 226 10.52 6.26 -36.97
CA ASP A 226 9.60 6.35 -35.85
C ASP A 226 8.59 7.47 -36.09
N LEU A 227 7.35 7.12 -36.42
CA LEU A 227 6.30 8.13 -36.63
C LEU A 227 5.18 8.02 -35.57
N SER A 228 5.46 7.39 -34.43
CA SER A 228 4.51 7.18 -33.34
C SER A 228 4.06 8.48 -32.64
N GLY A 229 2.93 8.42 -31.94
CA GLY A 229 2.42 9.56 -31.19
C GLY A 229 1.84 10.70 -31.99
N ASN A 230 1.71 10.52 -33.32
CA ASN A 230 1.14 11.52 -34.23
C ASN A 230 -0.30 11.12 -34.50
N CYS A 231 -1.24 11.93 -33.99
CA CYS A 231 -2.69 11.68 -33.91
C CYS A 231 -2.82 10.55 -32.89
N PRO A 232 -2.55 10.84 -31.60
CA PRO A 232 -2.49 9.76 -30.62
C PRO A 232 -3.80 9.16 -30.15
N ARG A 233 -3.70 7.96 -29.57
CA ARG A 233 -4.80 7.29 -28.92
C ARG A 233 -4.40 7.35 -27.45
N CYS A 234 -5.06 8.20 -26.68
CA CYS A 234 -4.69 8.44 -25.29
C CYS A 234 -5.05 7.29 -24.34
N PHE A 235 -4.03 6.55 -23.90
CA PHE A 235 -4.22 5.45 -22.97
C PHE A 235 -3.13 5.52 -21.93
N ASN A 236 -3.43 6.15 -20.77
CA ASN A 236 -2.50 6.31 -19.66
C ASN A 236 -1.10 6.76 -20.08
N ALA A 237 -1.02 7.86 -20.84
CA ALA A 237 0.24 8.37 -21.34
C ALA A 237 1.01 9.14 -20.26
N PRO A 238 2.34 8.93 -20.18
CA PRO A 238 3.14 9.66 -19.19
C PRO A 238 3.55 11.07 -19.63
N PHE A 239 2.91 11.61 -20.67
CA PHE A 239 3.19 12.93 -21.23
C PHE A 239 1.92 13.49 -21.91
N PRO A 240 1.81 14.83 -22.12
CA PRO A 240 0.60 15.38 -22.76
C PRO A 240 0.15 14.65 -24.02
N CYS A 241 -1.14 14.27 -24.05
CA CYS A 241 -1.71 13.54 -25.16
C CYS A 241 -2.91 14.30 -25.73
N VAL A 242 -2.80 14.81 -26.96
CA VAL A 242 -3.92 15.53 -27.59
C VAL A 242 -4.30 14.88 -28.92
N PRO A 243 -5.45 14.17 -28.95
CA PRO A 243 -5.86 13.49 -30.19
C PRO A 243 -6.22 14.43 -31.33
N CYS A 244 -6.15 13.92 -32.57
CA CYS A 244 -6.44 14.71 -33.76
C CYS A 244 -7.92 15.04 -33.90
N ASP A 245 -8.20 16.22 -34.46
CA ASP A 245 -9.58 16.70 -34.66
C ASP A 245 -10.39 15.74 -35.50
N GLY A 246 -11.52 15.32 -34.97
CA GLY A 246 -12.40 14.38 -35.65
C GLY A 246 -11.97 12.94 -35.57
N GLY A 247 -11.09 12.63 -34.61
CA GLY A 247 -10.57 11.27 -34.40
C GLY A 247 -9.85 10.73 -35.61
N ALA A 248 -9.18 11.59 -36.35
CA ALA A 248 -8.46 11.19 -37.56
C ALA A 248 -7.14 10.51 -37.24
N SER A 249 -6.67 9.66 -38.14
CA SER A 249 -5.40 8.97 -38.00
C SER A 249 -4.28 9.73 -38.74
N ILE A 250 -3.01 9.27 -38.64
CA ILE A 250 -1.93 9.89 -39.39
C ILE A 250 -2.16 9.57 -40.88
N ASN A 251 -2.08 10.58 -41.74
CA ASN A 251 -2.35 10.40 -43.16
C ASN A 251 -1.11 10.03 -43.95
N ILE A 252 -0.73 8.75 -43.96
CA ILE A 252 0.43 8.30 -44.71
C ILE A 252 0.04 8.02 -46.16
N ASP A 253 0.69 8.68 -47.11
CA ASP A 253 0.43 8.48 -48.53
C ASP A 253 0.83 7.07 -48.99
N ARG A 254 0.17 6.56 -50.02
CA ARG A 254 0.43 5.23 -50.58
C ARG A 254 1.90 5.05 -50.99
N PHE A 255 2.49 6.07 -51.62
CA PHE A 255 3.87 6.00 -52.08
C PHE A 255 4.85 6.75 -51.19
N ALA A 256 4.54 6.90 -49.89
CA ALA A 256 5.44 7.60 -48.97
C ALA A 256 6.64 6.75 -48.63
N PHE A 257 6.43 5.45 -48.41
CA PHE A 257 7.53 4.53 -48.06
C PHE A 257 8.02 3.71 -49.27
N GLN A 258 7.77 4.19 -50.51
CA GLN A 258 8.17 3.43 -51.70
C GLN A 258 9.69 3.43 -51.95
N ASN A 259 10.43 4.38 -51.37
CA ASN A 259 11.88 4.42 -51.54
C ASN A 259 12.67 4.01 -50.29
N LEU A 260 11.99 3.53 -49.22
CA LEU A 260 12.66 3.08 -48.01
C LEU A 260 12.83 1.56 -48.12
N THR A 261 13.78 1.12 -48.95
CA THR A 261 14.00 -0.30 -49.19
C THR A 261 14.73 -1.02 -48.04
N GLN A 262 15.59 -0.30 -47.32
CA GLN A 262 16.34 -0.90 -46.21
C GLN A 262 15.65 -0.78 -44.85
N LEU A 263 14.41 -0.28 -44.80
CA LEU A 263 13.69 -0.08 -43.55
C LEU A 263 13.43 -1.39 -42.80
N ARG A 264 13.92 -1.47 -41.56
CA ARG A 264 13.78 -2.64 -40.71
C ARG A 264 12.99 -2.37 -39.42
N TYR A 265 12.83 -1.09 -39.04
CA TYR A 265 12.10 -0.74 -37.82
C TYR A 265 11.06 0.34 -38.10
N LEU A 266 9.77 -0.03 -38.11
CA LEU A 266 8.71 0.95 -38.34
C LEU A 266 7.82 1.09 -37.11
N ASN A 267 7.89 2.23 -36.43
CA ASN A 267 7.10 2.47 -35.24
C ASN A 267 5.90 3.37 -35.55
N LEU A 268 4.72 2.77 -35.70
CA LEU A 268 3.48 3.51 -35.96
C LEU A 268 2.53 3.47 -34.77
N SER A 269 3.06 3.37 -33.55
CA SER A 269 2.26 3.30 -32.32
C SER A 269 1.52 4.60 -32.04
N SER A 270 0.37 4.52 -31.37
CA SER A 270 -0.42 5.71 -31.02
C SER A 270 -0.65 6.68 -32.19
N THR A 271 -1.10 6.15 -33.34
CA THR A 271 -1.37 6.97 -34.52
C THR A 271 -2.84 6.96 -34.96
N SER A 272 -3.74 6.39 -34.12
CA SER A 272 -5.17 6.27 -34.35
C SER A 272 -5.55 5.60 -35.67
N LEU A 273 -4.64 4.78 -36.23
CA LEU A 273 -4.84 4.09 -37.49
C LEU A 273 -5.99 3.12 -37.42
N ARG A 274 -6.85 3.16 -38.43
CA ARG A 274 -7.99 2.23 -38.52
C ARG A 274 -7.77 1.24 -39.68
N LYS A 275 -7.04 1.67 -40.73
CA LYS A 275 -6.70 0.84 -41.89
C LYS A 275 -5.19 0.92 -42.14
N ILE A 276 -4.58 -0.21 -42.49
CA ILE A 276 -3.16 -0.29 -42.82
C ILE A 276 -3.05 -0.59 -44.31
N ASN A 277 -2.52 0.36 -45.09
CA ASN A 277 -2.36 0.18 -46.52
C ASN A 277 -1.21 -0.78 -46.82
N ALA A 278 -1.50 -1.86 -47.56
CA ALA A 278 -0.49 -2.87 -47.90
C ALA A 278 0.60 -2.32 -48.84
N ALA A 279 0.26 -1.30 -49.64
CA ALA A 279 1.19 -0.64 -50.56
C ALA A 279 2.40 -0.02 -49.86
N TRP A 280 2.30 0.26 -48.55
CA TRP A 280 3.39 0.83 -47.77
C TRP A 280 4.56 -0.14 -47.65
N PHE A 281 4.29 -1.46 -47.66
CA PHE A 281 5.32 -2.48 -47.48
C PHE A 281 5.66 -3.26 -48.76
N LYS A 282 5.37 -2.67 -49.94
CA LYS A 282 5.67 -3.31 -51.22
C LYS A 282 7.17 -3.32 -51.49
N ASN A 283 7.85 -2.21 -51.16
CA ASN A 283 9.29 -2.10 -51.36
C ASN A 283 10.04 -2.15 -50.02
N MET A 284 9.51 -2.91 -49.05
CA MET A 284 10.13 -3.02 -47.73
C MET A 284 10.28 -4.52 -47.39
N PRO A 285 11.18 -5.25 -48.09
CA PRO A 285 11.31 -6.69 -47.83
C PRO A 285 12.09 -7.07 -46.58
N HIS A 286 12.80 -6.13 -45.96
CA HIS A 286 13.62 -6.43 -44.79
C HIS A 286 12.98 -6.07 -43.44
N LEU A 287 11.77 -5.44 -43.44
CA LEU A 287 11.08 -5.01 -42.22
C LEU A 287 11.05 -6.08 -41.13
N LYS A 288 11.76 -5.82 -40.03
CA LYS A 288 11.95 -6.75 -38.93
C LYS A 288 11.04 -6.47 -37.72
N VAL A 289 10.89 -5.19 -37.35
CA VAL A 289 10.05 -4.83 -36.21
C VAL A 289 8.96 -3.84 -36.58
N LEU A 290 7.69 -4.25 -36.39
CA LEU A 290 6.56 -3.39 -36.69
C LEU A 290 5.76 -3.12 -35.42
N ASP A 291 5.62 -1.85 -35.07
CA ASP A 291 4.90 -1.45 -33.88
C ASP A 291 3.57 -0.79 -34.23
N LEU A 292 2.47 -1.52 -34.07
CA LEU A 292 1.14 -0.99 -34.37
C LEU A 292 0.26 -0.88 -33.12
N GLU A 293 0.86 -0.76 -31.94
CA GLU A 293 0.11 -0.66 -30.69
C GLU A 293 -0.58 0.70 -30.50
N PHE A 294 -1.63 0.75 -29.67
CA PHE A 294 -2.40 1.96 -29.38
C PHE A 294 -3.04 2.57 -30.62
N ASN A 295 -3.67 1.73 -31.43
CA ASN A 295 -4.40 2.15 -32.62
C ASN A 295 -5.83 1.56 -32.59
N TYR A 296 -6.59 1.63 -33.69
CA TYR A 296 -7.93 1.07 -33.75
C TYR A 296 -7.91 0.02 -34.85
N LEU A 297 -7.09 -1.03 -34.67
CA LEU A 297 -6.91 -2.03 -35.71
C LEU A 297 -7.54 -3.41 -35.40
N VAL A 298 -8.71 -3.45 -34.73
CA VAL A 298 -9.40 -4.73 -34.51
C VAL A 298 -9.84 -5.33 -35.88
N GLY A 299 -10.34 -4.46 -36.75
CA GLY A 299 -10.76 -4.83 -38.10
C GLY A 299 -9.59 -5.25 -38.97
N GLU A 300 -8.44 -4.58 -38.80
CA GLU A 300 -7.24 -4.93 -39.54
C GLU A 300 -6.61 -6.24 -39.05
N ILE A 301 -6.81 -6.59 -37.77
CA ILE A 301 -6.31 -7.86 -37.25
C ILE A 301 -7.17 -9.03 -37.80
N ALA A 302 -8.47 -8.79 -38.02
CA ALA A 302 -9.41 -9.78 -38.55
C ALA A 302 -9.24 -10.05 -40.05
N SER A 303 -9.02 -8.99 -40.85
CA SER A 303 -8.87 -9.16 -42.30
C SER A 303 -7.38 -9.16 -42.71
N GLY A 304 -6.65 -8.10 -42.35
CA GLY A 304 -5.22 -7.95 -42.58
C GLY A 304 -4.64 -8.27 -43.95
N ALA A 305 -4.76 -7.33 -44.90
CA ALA A 305 -4.17 -7.52 -46.23
C ALA A 305 -2.64 -7.33 -46.17
N PHE A 306 -2.17 -6.40 -45.31
CA PHE A 306 -0.76 -6.08 -45.07
C PHE A 306 0.07 -7.23 -44.51
N LEU A 307 -0.58 -8.27 -43.94
CA LEU A 307 0.09 -9.43 -43.36
C LEU A 307 0.85 -10.27 -44.40
N THR A 308 0.41 -10.22 -45.67
CA THR A 308 1.07 -10.94 -46.76
C THR A 308 2.33 -10.20 -47.28
N MET A 309 2.53 -8.94 -46.88
CA MET A 309 3.66 -8.10 -47.30
C MET A 309 4.84 -8.14 -46.32
N LEU A 310 4.75 -8.93 -45.23
CA LEU A 310 5.82 -8.96 -44.23
C LEU A 310 6.38 -10.38 -44.01
N PRO A 311 7.12 -10.96 -44.99
CA PRO A 311 7.67 -12.32 -44.80
C PRO A 311 8.96 -12.40 -43.97
N ARG A 312 9.56 -11.25 -43.62
CA ARG A 312 10.78 -11.26 -42.80
C ARG A 312 10.62 -10.53 -41.46
N LEU A 313 9.36 -10.30 -41.03
CA LEU A 313 9.04 -9.62 -39.77
C LEU A 313 9.23 -10.58 -38.61
N GLU A 314 9.98 -10.16 -37.60
CA GLU A 314 10.24 -11.01 -36.44
C GLU A 314 9.45 -10.53 -35.22
N ILE A 315 9.24 -9.22 -35.07
CA ILE A 315 8.47 -8.69 -33.94
C ILE A 315 7.27 -7.88 -34.40
N LEU A 316 6.07 -8.35 -34.06
CA LEU A 316 4.83 -7.66 -34.39
C LEU A 316 4.12 -7.30 -33.09
N ASP A 317 3.74 -6.04 -32.92
CA ASP A 317 3.04 -5.61 -31.72
C ASP A 317 1.72 -4.94 -32.07
N LEU A 318 0.60 -5.57 -31.73
CA LEU A 318 -0.72 -5.00 -31.98
C LEU A 318 -1.44 -4.75 -30.65
N SER A 319 -0.71 -4.39 -29.59
CA SER A 319 -1.26 -4.17 -28.27
C SER A 319 -2.18 -2.96 -28.15
N PHE A 320 -3.12 -3.02 -27.22
CA PHE A 320 -4.09 -1.98 -26.90
C PHE A 320 -4.76 -1.39 -28.14
N ASN A 321 -5.32 -2.29 -28.94
CA ASN A 321 -6.07 -1.92 -30.15
C ASN A 321 -7.58 -2.16 -30.01
N TYR A 322 -8.05 -2.45 -28.80
CA TYR A 322 -9.44 -2.74 -28.44
C TYR A 322 -10.47 -1.72 -28.89
N ILE A 323 -11.72 -2.17 -29.05
CA ILE A 323 -12.85 -1.31 -29.35
C ILE A 323 -13.42 -0.94 -27.99
N LYS A 324 -13.52 0.36 -27.69
CA LYS A 324 -14.03 0.82 -26.41
C LYS A 324 -15.51 0.48 -26.26
N GLY A 325 -15.85 -0.14 -25.15
CA GLY A 325 -17.24 -0.50 -24.85
C GLY A 325 -17.66 -1.88 -25.30
N SER A 326 -16.73 -2.70 -25.81
CA SER A 326 -17.07 -4.04 -26.27
C SER A 326 -16.14 -5.10 -25.72
N TYR A 327 -16.72 -6.26 -25.40
CA TYR A 327 -16.05 -7.41 -24.81
C TYR A 327 -16.41 -8.63 -25.69
N PRO A 328 -15.78 -8.79 -26.88
CA PRO A 328 -16.13 -9.91 -27.75
C PRO A 328 -15.81 -11.27 -27.14
N GLN A 329 -16.58 -12.29 -27.52
CA GLN A 329 -16.40 -13.65 -27.01
C GLN A 329 -15.07 -14.24 -27.45
N HIS A 330 -14.65 -13.96 -28.69
CA HIS A 330 -13.41 -14.54 -29.23
C HIS A 330 -12.51 -13.50 -29.89
N ILE A 331 -11.23 -13.84 -30.05
CA ILE A 331 -10.28 -12.99 -30.74
C ILE A 331 -10.33 -13.34 -32.23
N ASN A 332 -10.47 -12.33 -33.09
CA ASN A 332 -10.56 -12.57 -34.53
C ASN A 332 -9.20 -12.40 -35.20
N ILE A 333 -8.49 -13.51 -35.39
CA ILE A 333 -7.16 -13.51 -36.01
C ILE A 333 -7.28 -13.93 -37.48
N SER A 334 -6.83 -13.06 -38.40
CA SER A 334 -6.87 -13.32 -39.84
C SER A 334 -6.06 -14.56 -40.22
N ARG A 335 -6.51 -15.27 -41.27
CA ARG A 335 -5.75 -16.42 -41.77
C ARG A 335 -4.38 -15.97 -42.32
N ASN A 336 -4.29 -14.72 -42.83
CA ASN A 336 -3.06 -14.13 -43.35
C ASN A 336 -1.93 -14.03 -42.30
N PHE A 337 -2.23 -14.28 -41.01
CA PHE A 337 -1.20 -14.31 -39.96
C PHE A 337 -0.24 -15.49 -40.18
N SER A 338 -0.67 -16.54 -40.92
CA SER A 338 0.14 -17.70 -41.27
C SER A 338 1.26 -17.33 -42.28
N LYS A 339 1.11 -16.20 -42.99
CA LYS A 339 2.11 -15.73 -43.95
C LYS A 339 3.30 -14.99 -43.28
N LEU A 340 3.23 -14.76 -41.95
CA LEU A 340 4.31 -14.12 -41.19
C LEU A 340 5.33 -15.22 -40.81
N LEU A 341 5.95 -15.81 -41.82
CA LEU A 341 6.88 -16.94 -41.72
C LEU A 341 8.10 -16.69 -40.85
N SER A 342 8.52 -15.44 -40.67
CA SER A 342 9.69 -15.14 -39.84
C SER A 342 9.35 -14.71 -38.40
N LEU A 343 8.05 -14.66 -38.06
CA LEU A 343 7.59 -14.19 -36.75
C LEU A 343 8.20 -14.94 -35.58
N ARG A 344 8.67 -14.20 -34.58
CA ARG A 344 9.28 -14.74 -33.38
C ARG A 344 8.49 -14.32 -32.15
N ALA A 345 8.03 -13.06 -32.12
CA ALA A 345 7.26 -12.56 -30.98
C ALA A 345 5.99 -11.85 -31.41
N LEU A 346 4.85 -12.29 -30.89
CA LEU A 346 3.57 -11.66 -31.17
C LEU A 346 3.02 -11.05 -29.88
N HIS A 347 2.89 -9.72 -29.86
CA HIS A 347 2.37 -9.01 -28.70
C HIS A 347 0.94 -8.61 -28.99
N LEU A 348 0.01 -9.21 -28.27
CA LEU A 348 -1.42 -8.97 -28.48
C LEU A 348 -2.14 -8.59 -27.18
N ARG A 349 -1.53 -7.70 -26.39
CA ARG A 349 -2.17 -7.23 -25.16
C ARG A 349 -3.32 -6.26 -25.48
N GLY A 350 -4.15 -5.97 -24.49
CA GLY A 350 -5.24 -5.01 -24.65
C GLY A 350 -6.16 -5.17 -25.85
N TYR A 351 -6.40 -6.40 -26.31
CA TYR A 351 -7.38 -6.65 -27.36
C TYR A 351 -8.79 -6.70 -26.72
N VAL A 352 -8.87 -7.24 -25.48
CA VAL A 352 -10.05 -7.39 -24.64
C VAL A 352 -11.03 -8.39 -25.23
N PHE A 353 -10.90 -9.66 -24.82
CA PHE A 353 -11.78 -10.74 -25.28
C PHE A 353 -12.02 -11.76 -24.17
N GLN A 354 -13.18 -12.43 -24.21
CA GLN A 354 -13.59 -13.37 -23.16
C GLN A 354 -13.02 -14.79 -23.22
N GLU A 355 -12.71 -15.31 -24.41
CA GLU A 355 -12.29 -16.70 -24.52
C GLU A 355 -11.29 -16.99 -25.63
N LEU A 356 -10.26 -17.78 -25.32
CA LEU A 356 -9.29 -18.18 -26.33
C LEU A 356 -9.52 -19.64 -26.71
N ARG A 357 -10.10 -19.86 -27.89
CA ARG A 357 -10.36 -21.22 -28.37
C ARG A 357 -9.18 -21.77 -29.19
N GLU A 358 -9.16 -23.08 -29.43
CA GLU A 358 -8.09 -23.70 -30.21
C GLU A 358 -8.10 -23.21 -31.67
N ASP A 359 -9.28 -23.11 -32.29
CA ASP A 359 -9.37 -22.64 -33.67
C ASP A 359 -9.06 -21.14 -33.85
N ASP A 360 -9.08 -20.36 -32.76
CA ASP A 360 -8.79 -18.94 -32.82
C ASP A 360 -7.33 -18.66 -33.16
N PHE A 361 -6.42 -19.52 -32.68
CA PHE A 361 -4.99 -19.37 -32.91
C PHE A 361 -4.42 -20.37 -33.92
N GLN A 362 -5.25 -20.87 -34.84
CA GLN A 362 -4.79 -21.80 -35.86
C GLN A 362 -3.77 -21.19 -36.86
N PRO A 363 -3.91 -19.92 -37.33
CA PRO A 363 -2.88 -19.39 -38.26
C PRO A 363 -1.47 -19.33 -37.69
N LEU A 364 -1.34 -19.19 -36.37
CA LEU A 364 -0.05 -19.10 -35.70
C LEU A 364 0.63 -20.46 -35.46
N MET A 365 -0.13 -21.55 -35.53
CA MET A 365 0.38 -22.88 -35.23
C MET A 365 1.44 -23.44 -36.19
N GLN A 366 1.48 -22.98 -37.45
CA GLN A 366 2.47 -23.48 -38.40
C GLN A 366 3.70 -22.56 -38.57
N LEU A 367 3.80 -21.48 -37.77
CA LEU A 367 4.95 -20.57 -37.83
C LEU A 367 6.16 -21.26 -37.18
N PRO A 368 7.26 -21.43 -37.92
CA PRO A 368 8.39 -22.18 -37.38
C PRO A 368 9.20 -21.52 -36.27
N ASN A 369 9.21 -20.19 -36.19
CA ASN A 369 10.03 -19.51 -35.19
C ASN A 369 9.27 -18.74 -34.13
N LEU A 370 7.93 -18.84 -34.08
CA LEU A 370 7.14 -18.11 -33.09
C LEU A 370 7.37 -18.67 -31.68
N SER A 371 8.17 -17.97 -30.87
CA SER A 371 8.51 -18.41 -29.52
C SER A 371 7.81 -17.64 -28.41
N THR A 372 7.31 -16.44 -28.69
CA THR A 372 6.66 -15.63 -27.67
C THR A 372 5.24 -15.22 -28.05
N ILE A 373 4.28 -15.53 -27.17
CA ILE A 373 2.90 -15.10 -27.35
C ILE A 373 2.54 -14.28 -26.13
N ASN A 374 2.34 -12.98 -26.34
CA ASN A 374 2.01 -12.07 -25.27
C ASN A 374 0.52 -11.80 -25.31
N LEU A 375 -0.21 -12.23 -24.28
CA LEU A 375 -1.65 -12.01 -24.21
C LEU A 375 -2.08 -11.36 -22.90
N GLY A 376 -1.21 -10.54 -22.32
CA GLY A 376 -1.50 -9.86 -21.06
C GLY A 376 -2.59 -8.82 -21.16
N ILE A 377 -3.23 -8.47 -20.03
CA ILE A 377 -4.29 -7.45 -19.96
C ILE A 377 -5.37 -7.64 -21.05
N ASN A 378 -5.94 -8.84 -21.13
CA ASN A 378 -6.98 -9.14 -22.11
C ASN A 378 -8.33 -9.51 -21.50
N PHE A 379 -8.38 -9.66 -20.15
CA PHE A 379 -9.58 -10.01 -19.37
C PHE A 379 -10.18 -11.34 -19.80
N ILE A 380 -9.34 -12.30 -20.26
CA ILE A 380 -9.80 -13.60 -20.72
C ILE A 380 -10.34 -14.45 -19.58
N LYS A 381 -11.61 -14.86 -19.67
CA LYS A 381 -12.23 -15.68 -18.65
C LYS A 381 -11.74 -17.12 -18.71
N GLN A 382 -11.63 -17.68 -19.92
CA GLN A 382 -11.18 -19.06 -20.08
C GLN A 382 -10.37 -19.30 -21.35
N ILE A 383 -9.35 -20.14 -21.25
CA ILE A 383 -8.47 -20.50 -22.36
C ILE A 383 -8.51 -22.01 -22.57
N ASP A 384 -8.57 -22.45 -23.83
CA ASP A 384 -8.50 -23.86 -24.13
C ASP A 384 -7.00 -24.17 -24.17
N PHE A 385 -6.39 -24.44 -22.99
CA PHE A 385 -4.95 -24.67 -22.85
C PHE A 385 -4.36 -25.80 -23.69
N LYS A 386 -5.20 -26.64 -24.33
CA LYS A 386 -4.68 -27.70 -25.20
C LYS A 386 -4.04 -27.13 -26.48
N LEU A 387 -4.44 -25.90 -26.90
CA LEU A 387 -3.91 -25.26 -28.10
C LEU A 387 -2.41 -24.98 -28.04
N PHE A 388 -1.85 -24.82 -26.83
CA PHE A 388 -0.44 -24.54 -26.68
C PHE A 388 0.44 -25.74 -27.05
N GLN A 389 -0.07 -26.97 -26.91
CA GLN A 389 0.63 -28.19 -27.32
C GLN A 389 0.80 -28.21 -28.85
N ASN A 390 -0.19 -27.65 -29.56
CA ASN A 390 -0.21 -27.59 -31.01
C ASN A 390 0.79 -26.58 -31.62
N PHE A 391 1.63 -25.93 -30.80
CA PHE A 391 2.65 -25.00 -31.29
C PHE A 391 3.99 -25.70 -31.47
N SER A 392 4.82 -25.21 -32.41
CA SER A 392 6.10 -25.83 -32.69
C SER A 392 7.27 -25.37 -31.78
N ASN A 393 7.51 -24.06 -31.68
CA ASN A 393 8.63 -23.56 -30.88
C ASN A 393 8.26 -22.57 -29.78
N LEU A 394 7.11 -22.79 -29.11
CA LEU A 394 6.69 -21.89 -28.03
C LEU A 394 7.56 -21.98 -26.79
N GLU A 395 8.16 -20.87 -26.40
CA GLU A 395 9.01 -20.83 -25.21
C GLU A 395 8.42 -19.92 -24.12
N ILE A 396 7.65 -18.89 -24.50
CA ILE A 396 7.06 -17.96 -23.54
C ILE A 396 5.57 -17.75 -23.80
N ILE A 397 4.73 -18.11 -22.82
CA ILE A 397 3.29 -17.89 -22.92
C ILE A 397 2.93 -16.92 -21.81
N TYR A 398 2.78 -15.64 -22.16
CA TYR A 398 2.48 -14.60 -21.18
C TYR A 398 0.98 -14.39 -21.06
N LEU A 399 0.38 -14.82 -19.94
CA LEU A 399 -1.06 -14.65 -19.73
C LEU A 399 -1.38 -13.82 -18.47
N SER A 400 -0.43 -13.01 -17.99
CA SER A 400 -0.63 -12.19 -16.80
C SER A 400 -1.75 -11.17 -16.96
N GLU A 401 -2.39 -10.80 -15.84
CA GLU A 401 -3.50 -9.85 -15.80
C GLU A 401 -4.69 -10.28 -16.66
N ASN A 402 -5.19 -11.50 -16.40
CA ASN A 402 -6.35 -12.06 -17.07
C ASN A 402 -7.37 -12.61 -16.03
N ARG A 403 -8.48 -13.20 -16.45
CA ARG A 403 -9.49 -13.69 -15.51
C ARG A 403 -9.61 -15.21 -15.49
N ILE A 404 -8.48 -15.95 -15.55
CA ILE A 404 -8.50 -17.41 -15.52
C ILE A 404 -8.97 -17.88 -14.14
N SER A 405 -9.96 -18.78 -14.11
CA SER A 405 -10.57 -19.28 -12.88
C SER A 405 -10.12 -20.74 -12.55
N PRO A 406 -10.40 -21.29 -11.34
CA PRO A 406 -10.03 -22.68 -11.07
C PRO A 406 -10.72 -23.71 -11.98
N LEU A 407 -10.03 -24.83 -12.26
CA LEU A 407 -10.43 -25.94 -13.15
C LEU A 407 -10.63 -25.46 -14.59
N ASP A 436 11.77 9.38 -18.42
CA ASP A 436 12.99 9.04 -19.14
C ASP A 436 12.77 9.14 -20.65
N PRO A 437 13.37 10.14 -21.29
CA PRO A 437 13.21 10.28 -22.75
C PRO A 437 14.01 9.26 -23.57
N HIS A 438 15.00 8.59 -22.95
CA HIS A 438 15.81 7.58 -23.63
C HIS A 438 15.19 6.19 -23.44
N SER A 439 13.85 6.10 -23.51
CA SER A 439 13.16 4.84 -23.32
C SER A 439 12.08 4.57 -24.37
N ASN A 440 11.76 3.28 -24.59
CA ASN A 440 10.70 2.90 -25.52
C ASN A 440 9.40 3.12 -24.75
N PHE A 441 8.73 4.24 -25.02
CA PHE A 441 7.50 4.61 -24.31
C PHE A 441 6.25 3.89 -24.78
N TYR A 442 6.33 3.03 -25.81
CA TYR A 442 5.14 2.32 -26.29
C TYR A 442 5.24 0.79 -26.21
N HIS A 443 6.46 0.26 -26.15
CA HIS A 443 6.66 -1.18 -26.09
C HIS A 443 7.48 -1.53 -24.86
N PHE A 444 7.09 -2.60 -24.14
CA PHE A 444 7.81 -3.04 -22.94
C PHE A 444 9.13 -3.72 -23.30
N THR A 445 10.25 -3.11 -22.93
CA THR A 445 11.58 -3.64 -23.22
C THR A 445 11.99 -4.75 -22.23
N ARG A 446 11.53 -4.63 -20.96
CA ARG A 446 11.79 -5.61 -19.90
C ARG A 446 11.32 -7.01 -20.31
N PRO A 447 12.04 -8.07 -19.89
CA PRO A 447 11.62 -9.42 -20.27
C PRO A 447 10.29 -9.78 -19.61
N LEU A 448 9.37 -10.38 -20.39
CA LEU A 448 8.05 -10.77 -19.90
C LEU A 448 8.14 -11.72 -18.71
N ILE A 449 9.05 -12.70 -18.79
CA ILE A 449 9.31 -13.64 -17.71
C ILE A 449 10.75 -13.36 -17.22
N LYS A 450 11.01 -13.49 -15.91
CA LYS A 450 12.35 -13.26 -15.37
C LYS A 450 13.33 -14.26 -16.00
N PRO A 451 14.44 -13.77 -16.58
CA PRO A 451 15.38 -14.66 -17.28
C PRO A 451 15.80 -15.93 -16.54
N GLN A 452 15.92 -15.85 -15.20
CA GLN A 452 16.27 -16.98 -14.34
C GLN A 452 15.23 -18.11 -14.45
N CYS A 453 13.94 -17.73 -14.58
CA CYS A 453 12.85 -18.66 -14.73
C CYS A 453 12.81 -19.24 -16.15
N ALA A 454 12.84 -18.36 -17.16
CA ALA A 454 12.78 -18.71 -18.58
C ALA A 454 13.94 -19.59 -19.04
N ALA A 455 15.09 -19.50 -18.37
CA ALA A 455 16.26 -20.31 -18.70
C ALA A 455 16.03 -21.81 -18.49
N TYR A 456 15.06 -22.19 -17.65
CA TYR A 456 14.77 -23.60 -17.38
C TYR A 456 14.01 -24.31 -18.50
N GLY A 457 13.32 -23.57 -19.34
CA GLY A 457 12.56 -24.16 -20.43
C GLY A 457 11.31 -23.37 -20.77
N LYS A 458 10.23 -24.07 -21.15
CA LYS A 458 8.96 -23.44 -21.47
C LYS A 458 8.41 -22.68 -20.27
N ALA A 459 8.01 -21.43 -20.48
CA ALA A 459 7.51 -20.59 -19.41
C ALA A 459 6.05 -20.23 -19.62
N LEU A 460 5.27 -20.32 -18.55
CA LEU A 460 3.86 -19.97 -18.59
C LEU A 460 3.60 -19.00 -17.44
N ASP A 461 3.14 -17.78 -17.76
CA ASP A 461 2.89 -16.78 -16.73
C ASP A 461 1.39 -16.60 -16.52
N LEU A 462 0.85 -17.23 -15.47
CA LEU A 462 -0.55 -17.08 -15.14
C LEU A 462 -0.74 -16.19 -13.90
N SER A 463 0.18 -15.24 -13.66
CA SER A 463 0.09 -14.35 -12.51
C SER A 463 -1.00 -13.30 -12.68
N LEU A 464 -1.45 -12.70 -11.57
CA LEU A 464 -2.50 -11.67 -11.57
C LEU A 464 -3.76 -12.12 -12.27
N ASN A 465 -4.12 -13.38 -12.08
CA ASN A 465 -5.32 -13.98 -12.63
C ASN A 465 -6.36 -14.19 -11.50
N SER A 466 -7.44 -14.94 -11.76
CA SER A 466 -8.47 -15.16 -10.74
C SER A 466 -8.44 -16.58 -10.19
N ILE A 467 -7.25 -17.22 -10.16
CA ILE A 467 -7.09 -18.58 -9.67
C ILE A 467 -7.05 -18.55 -8.14
N PHE A 468 -8.22 -18.49 -7.49
CA PHE A 468 -8.28 -18.42 -6.02
C PHE A 468 -7.94 -19.76 -5.32
N PHE A 469 -7.84 -20.86 -6.09
CA PHE A 469 -7.40 -22.17 -5.64
C PHE A 469 -7.04 -23.01 -6.87
N ILE A 470 -6.07 -23.91 -6.74
CA ILE A 470 -5.65 -24.75 -7.86
C ILE A 470 -6.68 -25.83 -8.12
N GLY A 471 -7.40 -25.71 -9.22
CA GLY A 471 -8.42 -26.67 -9.59
C GLY A 471 -7.85 -28.03 -9.96
N PRO A 472 -8.69 -29.07 -9.95
CA PRO A 472 -8.19 -30.41 -10.30
C PRO A 472 -7.82 -30.56 -11.77
N ASN A 473 -8.42 -29.75 -12.66
CA ASN A 473 -8.10 -29.78 -14.09
C ASN A 473 -7.34 -28.49 -14.49
N GLN A 474 -6.59 -27.89 -13.56
CA GLN A 474 -5.91 -26.63 -13.80
C GLN A 474 -4.81 -26.67 -14.86
N PHE A 475 -3.99 -27.72 -14.85
CA PHE A 475 -2.86 -27.80 -15.75
C PHE A 475 -2.93 -28.93 -16.77
N GLU A 476 -4.13 -29.48 -17.02
CA GLU A 476 -4.28 -30.54 -18.00
C GLU A 476 -4.12 -30.00 -19.42
N ASN A 477 -3.55 -30.82 -20.32
CA ASN A 477 -3.33 -30.48 -21.73
C ASN A 477 -2.34 -29.33 -21.93
N LEU A 478 -1.42 -29.13 -20.98
CA LEU A 478 -0.42 -28.09 -21.08
C LEU A 478 0.91 -28.68 -21.57
N PRO A 479 1.75 -27.90 -22.28
CA PRO A 479 3.06 -28.43 -22.70
C PRO A 479 3.97 -28.80 -21.51
N ASP A 480 5.20 -29.28 -21.78
CA ASP A 480 6.13 -29.62 -20.70
C ASP A 480 6.67 -28.33 -20.09
N ILE A 481 5.91 -27.77 -19.15
CA ILE A 481 6.22 -26.51 -18.48
C ILE A 481 7.38 -26.64 -17.51
N ALA A 482 8.39 -25.78 -17.65
CA ALA A 482 9.54 -25.77 -16.75
C ALA A 482 9.58 -24.52 -15.84
N CYS A 483 8.86 -23.46 -16.22
CA CYS A 483 8.80 -22.23 -15.46
C CYS A 483 7.33 -21.85 -15.35
N LEU A 484 6.83 -21.70 -14.12
CA LEU A 484 5.43 -21.35 -13.93
C LEU A 484 5.26 -20.19 -12.95
N ASN A 485 4.44 -19.20 -13.32
CA ASN A 485 4.16 -18.08 -12.43
C ASN A 485 2.72 -18.03 -12.01
N LEU A 486 2.45 -18.30 -10.73
CA LEU A 486 1.11 -18.20 -10.19
C LEU A 486 1.03 -17.10 -9.12
N SER A 487 1.85 -16.05 -9.26
CA SER A 487 1.94 -14.93 -8.35
C SER A 487 0.66 -14.10 -8.29
N ALA A 488 0.41 -13.44 -7.15
CA ALA A 488 -0.72 -12.55 -6.93
C ALA A 488 -2.06 -13.07 -7.48
N ASN A 489 -2.41 -14.30 -7.11
CA ASN A 489 -3.66 -14.91 -7.55
C ASN A 489 -4.66 -15.11 -6.41
N SER A 490 -4.36 -14.63 -5.18
CA SER A 490 -5.20 -14.83 -3.98
C SER A 490 -5.47 -16.32 -3.76
N ASN A 491 -4.51 -17.18 -4.12
CA ASN A 491 -4.66 -18.63 -4.06
C ASN A 491 -4.56 -19.15 -2.66
N ALA A 492 -5.68 -19.65 -2.12
CA ALA A 492 -5.71 -20.18 -0.76
C ALA A 492 -5.66 -21.72 -0.75
N GLN A 493 -4.96 -22.32 -1.73
CA GLN A 493 -4.84 -23.76 -1.89
C GLN A 493 -4.13 -24.44 -0.73
N VAL A 494 -4.68 -25.56 -0.25
CA VAL A 494 -4.03 -26.37 0.76
C VAL A 494 -3.25 -27.39 -0.06
N LEU A 495 -1.96 -27.14 -0.27
CA LEU A 495 -1.09 -28.00 -1.06
C LEU A 495 -0.91 -29.37 -0.42
N SER A 496 -1.34 -30.42 -1.12
CA SER A 496 -1.32 -31.79 -0.65
C SER A 496 -0.36 -32.73 -1.41
N GLY A 497 0.18 -32.28 -2.53
CA GLY A 497 1.11 -33.11 -3.30
C GLY A 497 0.59 -33.66 -4.61
N THR A 498 -0.57 -33.19 -5.10
CA THR A 498 -1.11 -33.68 -6.38
C THR A 498 -1.56 -32.56 -7.32
N GLU A 499 -1.45 -31.29 -6.92
CA GLU A 499 -1.92 -30.14 -7.69
C GLU A 499 -1.18 -29.90 -9.00
N PHE A 500 0.13 -30.17 -9.03
CA PHE A 500 0.96 -29.97 -10.23
C PHE A 500 1.36 -31.32 -10.84
N SER A 501 0.46 -32.31 -10.80
CA SER A 501 0.74 -33.63 -11.35
C SER A 501 0.69 -33.69 -12.88
N ALA A 502 0.04 -32.71 -13.52
CA ALA A 502 -0.02 -32.64 -14.98
C ALA A 502 1.21 -31.93 -15.60
N ILE A 503 1.97 -31.18 -14.80
CA ILE A 503 3.20 -30.51 -15.23
C ILE A 503 4.26 -30.78 -14.16
N PRO A 504 4.79 -32.02 -14.07
CA PRO A 504 5.71 -32.33 -12.97
C PRO A 504 7.18 -31.98 -13.21
N HIS A 505 7.52 -31.38 -14.36
CA HIS A 505 8.91 -31.02 -14.63
C HIS A 505 9.20 -29.53 -14.44
N VAL A 506 8.42 -28.86 -13.57
CA VAL A 506 8.59 -27.44 -13.28
C VAL A 506 9.84 -27.28 -12.42
N LYS A 507 10.85 -26.58 -12.92
CA LYS A 507 12.09 -26.35 -12.19
C LYS A 507 12.12 -24.98 -11.47
N TYR A 508 11.26 -24.04 -11.87
CA TYR A 508 11.20 -22.72 -11.25
C TYR A 508 9.73 -22.39 -11.02
N LEU A 509 9.30 -22.33 -9.75
CA LEU A 509 7.90 -22.04 -9.43
C LEU A 509 7.75 -20.77 -8.63
N ASP A 510 6.98 -19.82 -9.15
CA ASP A 510 6.74 -18.56 -8.47
C ASP A 510 5.34 -18.58 -7.90
N LEU A 511 5.23 -18.64 -6.58
CA LEU A 511 3.94 -18.63 -5.91
C LEU A 511 3.81 -17.43 -4.96
N THR A 512 4.50 -16.32 -5.25
CA THR A 512 4.49 -15.14 -4.40
C THR A 512 3.13 -14.45 -4.31
N ASN A 513 2.90 -13.69 -3.23
CA ASN A 513 1.68 -12.92 -3.01
C ASN A 513 0.39 -13.76 -3.06
N ASN A 514 0.39 -14.87 -2.32
CA ASN A 514 -0.76 -15.76 -2.25
C ASN A 514 -1.10 -16.14 -0.78
N ARG A 515 -2.15 -16.93 -0.54
CA ARG A 515 -2.55 -17.36 0.81
C ARG A 515 -2.41 -18.88 0.93
N LEU A 516 -1.35 -19.44 0.31
CA LEU A 516 -1.12 -20.88 0.27
C LEU A 516 -0.90 -21.54 1.63
N ASP A 517 -1.28 -22.80 1.72
CA ASP A 517 -1.10 -23.62 2.91
C ASP A 517 -0.17 -24.76 2.51
N PHE A 518 1.06 -24.74 3.00
CA PHE A 518 2.03 -25.79 2.69
C PHE A 518 2.48 -26.53 3.95
N ASP A 519 1.56 -26.69 4.92
CA ASP A 519 1.84 -27.39 6.18
C ASP A 519 1.97 -28.90 6.01
N ASN A 520 1.45 -29.46 4.92
CA ASN A 520 1.55 -30.88 4.63
C ASN A 520 2.97 -31.23 4.21
N ALA A 521 3.48 -32.39 4.64
CA ALA A 521 4.82 -32.82 4.26
C ALA A 521 4.93 -33.18 2.77
N SER A 522 3.79 -33.49 2.12
CA SER A 522 3.77 -33.81 0.70
C SER A 522 3.60 -32.59 -0.21
N ALA A 523 3.44 -31.38 0.34
CA ALA A 523 3.25 -30.18 -0.47
C ALA A 523 4.34 -29.96 -1.52
N LEU A 524 3.93 -29.84 -2.80
CA LEU A 524 4.80 -29.60 -3.96
C LEU A 524 5.78 -30.73 -4.29
N THR A 525 5.80 -31.83 -3.51
CA THR A 525 6.73 -32.93 -3.72
C THR A 525 6.59 -33.63 -5.07
N GLU A 526 5.45 -33.47 -5.76
CA GLU A 526 5.25 -34.03 -7.10
C GLU A 526 6.18 -33.36 -8.15
N LEU A 527 6.78 -32.21 -7.82
CA LEU A 527 7.71 -31.50 -8.68
C LEU A 527 9.11 -31.95 -8.27
N SER A 528 9.48 -33.17 -8.64
CA SER A 528 10.77 -33.76 -8.29
C SER A 528 11.99 -33.00 -8.83
N ASP A 529 11.86 -32.30 -9.97
CA ASP A 529 12.97 -31.56 -10.55
C ASP A 529 12.99 -30.07 -10.15
N LEU A 530 12.18 -29.66 -9.15
CA LEU A 530 12.09 -28.28 -8.69
C LEU A 530 13.42 -27.79 -8.12
N GLU A 531 13.92 -26.66 -8.65
CA GLU A 531 15.18 -26.07 -8.22
C GLU A 531 14.99 -24.71 -7.55
N VAL A 532 13.98 -23.93 -7.96
CA VAL A 532 13.74 -22.61 -7.35
C VAL A 532 12.29 -22.47 -6.91
N LEU A 533 12.06 -22.27 -5.60
CA LEU A 533 10.72 -22.08 -5.08
C LEU A 533 10.60 -20.69 -4.47
N ASP A 534 9.66 -19.90 -4.96
CA ASP A 534 9.46 -18.54 -4.47
C ASP A 534 8.12 -18.42 -3.74
N LEU A 535 8.16 -18.30 -2.42
CA LEU A 535 6.95 -18.20 -1.62
C LEU A 535 6.85 -16.87 -0.86
N SER A 536 7.46 -15.79 -1.39
CA SER A 536 7.44 -14.46 -0.77
C SER A 536 6.04 -13.92 -0.55
N TYR A 537 5.85 -13.17 0.54
CA TYR A 537 4.60 -12.52 0.91
C TYR A 537 3.40 -13.46 1.01
N ASN A 538 3.61 -14.67 1.55
CA ASN A 538 2.54 -15.64 1.68
C ASN A 538 1.81 -15.54 3.03
N SER A 539 0.51 -15.21 2.99
CA SER A 539 -0.33 -15.08 4.18
C SER A 539 -1.01 -16.43 4.59
N HIS A 540 -1.78 -16.45 5.70
CA HIS A 540 -2.47 -17.63 6.22
C HIS A 540 -1.50 -18.63 6.87
N HIS A 549 3.64 -22.94 11.38
CA HIS A 549 4.18 -23.35 10.08
C HIS A 549 4.85 -24.73 10.18
N HIS A 550 4.72 -25.55 9.13
CA HIS A 550 5.32 -26.88 9.10
C HIS A 550 6.09 -27.01 7.80
N LEU A 551 7.42 -26.84 7.86
CA LEU A 551 8.28 -26.85 6.69
C LEU A 551 8.98 -28.18 6.40
N GLU A 552 8.25 -29.29 6.55
CA GLU A 552 8.81 -30.62 6.32
C GLU A 552 8.99 -30.95 4.84
N PHE A 553 8.11 -30.41 3.98
CA PHE A 553 8.13 -30.67 2.54
C PHE A 553 9.49 -30.41 1.86
N ILE A 554 10.27 -29.46 2.38
CA ILE A 554 11.57 -29.03 1.86
C ILE A 554 12.61 -30.16 1.74
N GLN A 555 12.67 -31.08 2.72
CA GLN A 555 13.65 -32.16 2.69
C GLN A 555 13.38 -33.23 1.63
N ASN A 556 12.15 -33.32 1.11
CA ASN A 556 11.84 -34.31 0.08
C ASN A 556 12.48 -33.97 -1.28
N PHE A 557 12.76 -32.70 -1.54
CA PHE A 557 13.37 -32.29 -2.81
C PHE A 557 14.85 -32.63 -2.91
N THR A 558 15.21 -33.40 -3.94
CA THR A 558 16.59 -33.82 -4.19
C THR A 558 17.42 -32.80 -4.98
N ASN A 559 16.76 -31.83 -5.64
CA ASN A 559 17.49 -30.84 -6.45
C ASN A 559 17.06 -29.40 -6.19
N LEU A 560 16.41 -29.12 -5.05
CA LEU A 560 16.00 -27.76 -4.72
C LEU A 560 17.24 -26.97 -4.32
N LYS A 561 17.52 -25.87 -5.02
CA LYS A 561 18.69 -25.04 -4.77
C LYS A 561 18.34 -23.72 -4.09
N VAL A 562 17.27 -23.04 -4.55
CA VAL A 562 16.91 -21.74 -3.99
C VAL A 562 15.49 -21.73 -3.41
N LEU A 563 15.38 -21.33 -2.14
CA LEU A 563 14.07 -21.25 -1.48
C LEU A 563 13.91 -19.85 -0.90
N ASN A 564 12.81 -19.17 -1.24
CA ASN A 564 12.54 -17.83 -0.73
C ASN A 564 11.27 -17.80 0.11
N LEU A 565 11.43 -17.73 1.43
CA LEU A 565 10.32 -17.65 2.38
C LEU A 565 10.18 -16.24 2.97
N SER A 566 10.53 -15.20 2.19
CA SER A 566 10.47 -13.83 2.70
C SER A 566 9.08 -13.33 2.99
N HIS A 567 8.94 -12.54 4.06
CA HIS A 567 7.70 -11.93 4.49
C HIS A 567 6.56 -12.92 4.62
N ASN A 568 6.85 -14.08 5.19
CA ASN A 568 5.83 -15.10 5.43
C ASN A 568 5.21 -14.99 6.84
N ASN A 569 5.81 -14.18 7.74
CA ASN A 569 5.41 -13.99 9.12
C ASN A 569 5.53 -15.32 9.87
N ILE A 570 6.68 -15.96 9.72
CA ILE A 570 6.93 -17.23 10.39
C ILE A 570 7.42 -16.95 11.80
N TYR A 571 6.53 -17.10 12.77
CA TYR A 571 6.87 -16.92 14.18
C TYR A 571 6.81 -18.22 14.99
N THR A 572 6.25 -19.30 14.40
CA THR A 572 6.14 -20.58 15.08
C THR A 572 6.35 -21.73 14.11
N LEU A 573 7.02 -22.80 14.56
CA LEU A 573 7.23 -23.98 13.75
C LEU A 573 6.76 -25.21 14.50
N THR A 574 5.95 -26.05 13.83
CA THR A 574 5.38 -27.28 14.37
C THR A 574 6.45 -28.39 14.53
N ASP A 575 6.09 -29.51 15.22
CA ASP A 575 6.86 -30.73 15.55
C ASP A 575 8.30 -30.80 14.97
N LYS A 576 8.45 -30.79 13.63
CA LYS A 576 9.76 -30.78 12.97
C LYS A 576 10.34 -29.37 13.13
N TYR A 577 10.98 -29.10 14.29
CA TYR A 577 11.53 -27.77 14.61
C TYR A 577 12.78 -27.39 13.79
N ASN A 578 13.15 -28.20 12.79
CA ASN A 578 14.31 -27.97 11.95
C ASN A 578 13.94 -27.94 10.46
N LEU A 579 14.84 -27.41 9.63
CA LEU A 579 14.66 -27.35 8.18
C LEU A 579 15.83 -28.12 7.58
N GLU A 580 15.58 -29.33 7.08
CA GLU A 580 16.64 -30.16 6.50
C GLU A 580 16.59 -30.15 4.97
N SER A 581 17.76 -30.31 4.31
CA SER A 581 17.90 -30.38 2.86
C SER A 581 19.36 -30.60 2.47
N LYS A 582 19.63 -31.61 1.64
CA LYS A 582 21.00 -31.89 1.21
C LYS A 582 21.39 -31.16 -0.09
N SER A 583 20.45 -30.47 -0.75
CA SER A 583 20.72 -29.78 -2.01
C SER A 583 20.59 -28.26 -1.92
N LEU A 584 19.80 -27.74 -0.96
CA LEU A 584 19.55 -26.30 -0.81
C LEU A 584 20.84 -25.53 -0.66
N VAL A 585 20.99 -24.47 -1.44
CA VAL A 585 22.18 -23.63 -1.44
C VAL A 585 21.87 -22.21 -0.94
N GLU A 586 20.67 -21.69 -1.26
CA GLU A 586 20.28 -20.35 -0.84
C GLU A 586 18.93 -20.34 -0.13
N LEU A 587 18.87 -19.71 1.04
CA LEU A 587 17.61 -19.57 1.76
C LEU A 587 17.37 -18.10 2.09
N VAL A 588 16.19 -17.59 1.75
CA VAL A 588 15.83 -16.22 2.07
C VAL A 588 14.77 -16.26 3.16
N PHE A 589 15.14 -15.93 4.39
CA PHE A 589 14.21 -15.94 5.51
C PHE A 589 13.87 -14.52 6.01
N SER A 590 14.14 -13.47 5.20
CA SER A 590 13.85 -12.10 5.59
C SER A 590 12.37 -11.84 5.85
N GLY A 591 12.06 -10.82 6.65
CA GLY A 591 10.68 -10.46 6.94
C GLY A 591 9.91 -11.49 7.75
N ASN A 592 10.61 -12.24 8.59
CA ASN A 592 9.99 -13.25 9.44
C ASN A 592 10.20 -12.87 10.93
N ARG A 593 9.81 -13.75 11.89
CA ARG A 593 9.98 -13.44 13.31
C ARG A 593 11.00 -14.32 14.01
N LEU A 594 12.30 -14.24 13.61
CA LEU A 594 13.34 -15.02 14.28
C LEU A 594 13.58 -14.56 15.73
N ASP A 595 13.14 -13.34 16.09
CA ASP A 595 13.23 -12.83 17.44
C ASP A 595 12.31 -13.62 18.37
N ILE A 596 11.10 -13.97 17.88
CA ILE A 596 10.14 -14.76 18.65
C ILE A 596 10.62 -16.21 18.73
N LEU A 597 11.15 -16.75 17.62
CA LEU A 597 11.68 -18.10 17.56
C LEU A 597 12.91 -18.30 18.47
N TRP A 598 13.60 -17.22 18.84
CA TRP A 598 14.77 -17.29 19.72
C TRP A 598 14.55 -16.52 21.05
N ASN A 599 14.18 -17.21 22.15
CA ASN A 599 13.94 -16.50 23.41
C ASN A 599 14.31 -17.29 24.70
N ASP A 600 14.23 -16.65 25.88
CA ASP A 600 14.59 -17.23 27.17
C ASP A 600 13.71 -18.40 27.62
N ASP A 601 12.41 -18.36 27.29
CA ASP A 601 11.50 -19.46 27.67
C ASP A 601 11.60 -20.60 26.65
N ASP A 602 11.60 -20.24 25.37
CA ASP A 602 11.61 -21.21 24.30
C ASP A 602 12.98 -21.33 23.61
N ASN A 603 13.59 -22.53 23.73
CA ASN A 603 14.88 -22.87 23.11
C ASN A 603 14.75 -24.05 22.15
N ARG A 604 13.55 -24.27 21.55
CA ARG A 604 13.27 -25.37 20.62
C ARG A 604 13.75 -25.12 19.20
N TYR A 605 14.07 -23.87 18.85
CA TYR A 605 14.46 -23.52 17.49
C TYR A 605 15.91 -23.04 17.41
N ILE A 606 16.79 -23.54 18.29
CA ILE A 606 18.20 -23.13 18.27
C ILE A 606 18.99 -23.72 17.10
N SER A 607 18.48 -24.81 16.49
CA SER A 607 19.13 -25.44 15.35
C SER A 607 18.18 -25.50 14.14
N ILE A 608 17.38 -24.44 13.95
CA ILE A 608 16.40 -24.28 12.88
C ILE A 608 17.00 -24.51 11.48
N PHE A 609 18.17 -23.92 11.19
CA PHE A 609 18.80 -24.07 9.87
C PHE A 609 20.00 -25.01 9.87
N LYS A 610 20.18 -25.83 10.92
CA LYS A 610 21.32 -26.74 11.03
C LYS A 610 21.29 -27.85 9.98
N GLY A 611 20.09 -28.31 9.63
CA GLY A 611 19.90 -29.37 8.65
C GLY A 611 20.21 -28.99 7.21
N LEU A 612 20.50 -27.71 6.96
CA LEU A 612 20.83 -27.23 5.62
C LEU A 612 22.35 -27.32 5.44
N LYS A 613 22.88 -28.55 5.39
CA LYS A 613 24.31 -28.85 5.31
C LYS A 613 25.00 -28.40 4.01
N ASN A 614 24.24 -28.03 2.98
CA ASN A 614 24.83 -27.59 1.72
C ASN A 614 24.59 -26.09 1.43
N LEU A 615 24.08 -25.34 2.42
CA LEU A 615 23.75 -23.91 2.29
C LEU A 615 24.99 -23.02 2.25
N THR A 616 25.04 -22.09 1.29
CA THR A 616 26.12 -21.12 1.15
C THR A 616 25.62 -19.68 1.32
N ARG A 617 24.34 -19.40 1.01
CA ARG A 617 23.79 -18.05 1.17
C ARG A 617 22.56 -18.06 2.08
N LEU A 618 22.57 -17.24 3.14
CA LEU A 618 21.46 -17.16 4.07
C LEU A 618 21.05 -15.72 4.37
N ASP A 619 19.77 -15.39 4.19
CA ASP A 619 19.28 -14.04 4.44
C ASP A 619 18.39 -14.01 5.68
N LEU A 620 18.84 -13.32 6.73
CA LEU A 620 18.11 -13.19 7.98
C LEU A 620 17.76 -11.73 8.28
N SER A 621 17.62 -10.89 7.25
CA SER A 621 17.27 -9.48 7.44
C SER A 621 15.80 -9.27 7.84
N LEU A 622 15.42 -8.05 8.27
CA LEU A 622 14.06 -7.70 8.67
C LEU A 622 13.41 -8.71 9.63
N ASN A 623 14.20 -9.34 10.49
CA ASN A 623 13.66 -10.32 11.44
C ASN A 623 13.44 -9.77 12.85
N ARG A 624 13.59 -8.43 13.04
CA ARG A 624 13.43 -7.76 14.35
C ARG A 624 14.37 -8.34 15.42
N LEU A 625 15.54 -8.81 15.01
CA LEU A 625 16.52 -9.43 15.91
C LEU A 625 17.23 -8.41 16.78
N LYS A 626 17.11 -8.55 18.09
CA LYS A 626 17.82 -7.68 19.03
C LYS A 626 19.06 -8.42 19.53
N HIS A 627 18.90 -9.69 19.90
CA HIS A 627 20.00 -10.52 20.38
C HIS A 627 19.96 -11.88 19.66
N ILE A 628 21.14 -12.44 19.37
CA ILE A 628 21.20 -13.76 18.76
C ILE A 628 21.88 -14.68 19.75
N PRO A 629 21.18 -15.73 20.20
CA PRO A 629 21.80 -16.65 21.18
C PRO A 629 23.07 -17.29 20.63
N ASN A 630 24.08 -17.45 21.48
CA ASN A 630 25.38 -18.01 21.08
C ASN A 630 25.26 -19.42 20.50
N GLU A 631 24.42 -20.27 21.11
CA GLU A 631 24.22 -21.63 20.61
C GLU A 631 23.47 -21.61 19.27
N ALA A 632 22.53 -20.65 19.09
CA ALA A 632 21.77 -20.51 17.86
C ALA A 632 22.66 -20.07 16.70
N PHE A 633 23.62 -19.17 16.98
CA PHE A 633 24.54 -18.70 15.94
C PHE A 633 25.50 -19.81 15.53
N LEU A 634 25.99 -20.59 16.50
CA LEU A 634 26.90 -21.70 16.21
C LEU A 634 26.21 -22.86 15.47
N ASN A 635 24.87 -22.95 15.55
CA ASN A 635 24.12 -23.99 14.85
C ASN A 635 23.73 -23.62 13.41
N LEU A 636 24.24 -22.48 12.88
CA LEU A 636 23.99 -22.09 11.50
C LEU A 636 24.87 -22.97 10.57
N PRO A 637 24.48 -23.17 9.30
CA PRO A 637 25.30 -24.03 8.42
C PRO A 637 26.77 -23.66 8.32
N ALA A 638 27.67 -24.59 8.69
CA ALA A 638 29.12 -24.34 8.62
C ALA A 638 29.63 -24.14 7.19
N SER A 639 28.83 -24.50 6.18
CA SER A 639 29.16 -24.32 4.77
C SER A 639 28.89 -22.90 4.25
N LEU A 640 28.30 -22.01 5.09
CA LEU A 640 27.95 -20.64 4.71
C LEU A 640 29.13 -19.82 4.22
N THR A 641 28.95 -19.19 3.06
CA THR A 641 29.93 -18.28 2.46
C THR A 641 29.40 -16.84 2.36
N GLU A 642 28.10 -16.63 2.59
CA GLU A 642 27.48 -15.32 2.49
C GLU A 642 26.30 -15.25 3.45
N LEU A 643 26.44 -14.44 4.50
CA LEU A 643 25.40 -14.31 5.51
C LEU A 643 24.94 -12.86 5.60
N HIS A 644 23.62 -12.63 5.59
CA HIS A 644 23.08 -11.29 5.69
C HIS A 644 22.19 -11.16 6.91
N ILE A 645 22.58 -10.37 7.90
CA ILE A 645 21.73 -10.12 9.09
C ILE A 645 21.42 -8.60 9.17
N ASN A 646 21.32 -7.92 8.01
CA ASN A 646 21.08 -6.50 7.93
C ASN A 646 19.67 -6.06 8.35
N ASP A 647 19.46 -4.74 8.51
CA ASP A 647 18.19 -4.14 8.88
C ASP A 647 17.46 -4.85 10.02
N ASN A 648 18.18 -5.05 11.12
CA ASN A 648 17.67 -5.63 12.35
C ASN A 648 17.96 -4.62 13.51
N MET A 649 17.85 -5.05 14.77
CA MET A 649 18.11 -4.17 15.91
C MET A 649 19.17 -4.81 16.82
N LEU A 650 20.21 -5.39 16.21
CA LEU A 650 21.27 -6.07 16.96
C LEU A 650 22.11 -5.13 17.81
N LYS A 651 22.00 -5.26 19.14
CA LYS A 651 22.79 -4.45 20.05
C LYS A 651 24.23 -4.98 20.15
N PHE A 652 24.40 -6.31 20.06
CA PHE A 652 25.73 -6.91 20.15
C PHE A 652 25.97 -8.02 19.11
N PHE A 653 27.23 -8.24 18.76
CA PHE A 653 27.62 -9.29 17.81
C PHE A 653 28.87 -9.98 18.33
N ASN A 654 28.76 -11.26 18.67
CA ASN A 654 29.91 -12.02 19.17
C ASN A 654 30.79 -12.44 17.99
N TRP A 655 31.87 -11.70 17.74
CA TRP A 655 32.80 -11.99 16.64
C TRP A 655 33.60 -13.28 16.84
N THR A 656 33.67 -13.79 18.08
CA THR A 656 34.38 -15.01 18.44
C THR A 656 33.81 -16.22 17.70
N LEU A 657 32.47 -16.25 17.55
CA LEU A 657 31.71 -17.32 16.92
C LEU A 657 32.02 -17.51 15.43
N LEU A 658 32.62 -16.50 14.77
CA LEU A 658 33.00 -16.58 13.35
C LEU A 658 34.11 -17.61 13.06
N GLN A 659 34.69 -18.23 14.12
CA GLN A 659 35.71 -19.26 13.97
C GLN A 659 35.11 -20.56 13.44
N GLN A 660 33.84 -20.84 13.74
CA GLN A 660 33.17 -22.03 13.24
C GLN A 660 32.57 -21.87 11.84
N PHE A 661 33.01 -20.85 11.09
CA PHE A 661 32.58 -20.59 9.73
C PHE A 661 33.81 -20.28 8.88
N PRO A 662 34.58 -21.32 8.49
CA PRO A 662 35.81 -21.07 7.71
C PRO A 662 35.61 -20.68 6.25
N ARG A 663 34.40 -20.92 5.70
CA ARG A 663 34.12 -20.57 4.30
C ARG A 663 33.46 -19.19 4.14
N LEU A 664 33.02 -18.55 5.25
CA LEU A 664 32.33 -17.26 5.24
C LEU A 664 33.14 -16.11 4.65
N GLU A 665 32.72 -15.60 3.48
CA GLU A 665 33.40 -14.50 2.80
C GLU A 665 32.67 -13.17 2.99
N LEU A 666 31.34 -13.19 3.03
CA LEU A 666 30.56 -11.96 3.18
C LEU A 666 29.70 -11.95 4.42
N LEU A 667 29.92 -10.98 5.30
CA LEU A 667 29.11 -10.78 6.48
C LEU A 667 28.45 -9.43 6.35
N ASP A 668 27.12 -9.40 6.32
CA ASP A 668 26.38 -8.17 6.17
C ASP A 668 25.66 -7.83 7.47
N LEU A 669 26.12 -6.79 8.17
CA LEU A 669 25.49 -6.36 9.40
C LEU A 669 25.02 -4.90 9.31
N ARG A 670 24.63 -4.44 8.12
CA ARG A 670 24.16 -3.07 7.88
C ARG A 670 22.85 -2.77 8.62
N GLY A 671 22.59 -1.49 8.87
CA GLY A 671 21.35 -1.05 9.53
C GLY A 671 21.04 -1.71 10.86
N ASN A 672 22.01 -1.71 11.78
CA ASN A 672 21.83 -2.27 13.11
C ASN A 672 22.25 -1.26 14.21
N LYS A 673 22.21 -1.65 15.49
CA LYS A 673 22.60 -0.76 16.58
C LYS A 673 23.91 -1.20 17.23
N LEU A 674 24.83 -1.80 16.46
CA LEU A 674 26.13 -2.25 16.98
C LEU A 674 26.98 -1.09 17.44
N LEU A 675 27.52 -1.16 18.66
CA LEU A 675 28.32 -0.07 19.23
C LEU A 675 29.82 -0.32 19.15
N PHE A 676 30.26 -1.56 19.41
CA PHE A 676 31.69 -1.85 19.44
C PHE A 676 32.13 -2.97 18.51
N LEU A 677 33.43 -3.00 18.19
CA LEU A 677 34.06 -4.00 17.35
C LEU A 677 35.10 -4.82 18.17
N THR A 678 35.70 -5.86 17.56
CA THR A 678 36.67 -6.70 18.26
C THR A 678 38.11 -6.31 17.97
N ASP A 679 38.98 -6.43 18.97
CA ASP A 679 40.40 -6.11 18.85
C ASP A 679 41.17 -7.20 18.12
N SER A 680 40.73 -8.48 18.24
CA SER A 680 41.41 -9.59 17.59
C SER A 680 40.53 -10.30 16.56
N LEU A 681 40.01 -9.54 15.57
CA LEU A 681 39.14 -10.05 14.49
C LEU A 681 39.84 -11.06 13.59
N SER A 682 41.16 -10.88 13.38
CA SER A 682 41.95 -11.78 12.55
C SER A 682 42.06 -13.19 13.15
N ASP A 683 42.04 -13.29 14.48
CA ASP A 683 42.14 -14.57 15.18
C ASP A 683 40.90 -15.45 14.93
N PHE A 684 39.73 -14.83 14.74
CA PHE A 684 38.48 -15.57 14.55
C PHE A 684 38.23 -15.96 13.10
N THR A 685 38.37 -15.02 12.16
CA THR A 685 38.14 -15.31 10.74
C THR A 685 39.45 -15.37 9.94
N SER A 686 39.42 -16.13 8.85
CA SER A 686 40.59 -16.27 7.97
C SER A 686 40.17 -16.37 6.49
N SER A 687 38.99 -15.81 6.14
CA SER A 687 38.45 -15.85 4.78
C SER A 687 37.47 -14.71 4.47
N LEU A 688 37.07 -13.93 5.48
CA LEU A 688 36.12 -12.83 5.33
C LEU A 688 36.65 -11.76 4.39
N ARG A 689 36.19 -11.76 3.14
CA ARG A 689 36.62 -10.80 2.13
C ARG A 689 35.79 -9.51 2.12
N THR A 690 34.50 -9.59 2.48
CA THR A 690 33.64 -8.41 2.49
C THR A 690 32.90 -8.26 3.81
N LEU A 691 33.06 -7.12 4.49
CA LEU A 691 32.38 -6.87 5.75
C LEU A 691 31.61 -5.55 5.66
N LEU A 692 30.29 -5.63 5.63
CA LEU A 692 29.45 -4.44 5.53
C LEU A 692 28.86 -4.08 6.90
N LEU A 693 29.27 -2.96 7.47
CA LEU A 693 28.77 -2.53 8.77
C LEU A 693 28.19 -1.11 8.73
N SER A 694 27.62 -0.69 7.58
CA SER A 694 27.08 0.65 7.45
C SER A 694 25.79 0.87 8.25
N HIS A 695 25.49 2.14 8.60
CA HIS A 695 24.32 2.54 9.37
C HIS A 695 24.25 1.88 10.76
N ASN A 696 25.36 1.93 11.50
CA ASN A 696 25.48 1.38 12.86
C ASN A 696 25.93 2.46 13.86
N ARG A 697 25.98 2.13 15.17
CA ARG A 697 26.40 3.10 16.20
C ARG A 697 27.86 2.93 16.63
N ILE A 698 28.72 2.46 15.71
CA ILE A 698 30.14 2.27 16.03
C ILE A 698 30.83 3.63 16.13
N SER A 699 31.31 3.96 17.33
CA SER A 699 31.97 5.24 17.59
C SER A 699 33.51 5.15 17.57
N HIS A 700 34.08 3.95 17.67
CA HIS A 700 35.53 3.80 17.68
C HIS A 700 36.00 2.53 16.95
N LEU A 701 36.95 2.68 16.01
CA LEU A 701 37.53 1.54 15.29
C LEU A 701 38.73 1.08 16.12
N PRO A 702 38.77 -0.20 16.52
CA PRO A 702 39.86 -0.66 17.39
C PRO A 702 41.24 -0.80 16.74
N SER A 703 42.28 -0.78 17.58
CA SER A 703 43.67 -0.90 17.14
C SER A 703 43.95 -2.32 16.63
N GLY A 704 44.45 -2.41 15.40
CA GLY A 704 44.74 -3.70 14.78
C GLY A 704 43.53 -4.30 14.07
N PHE A 705 42.60 -3.45 13.62
CA PHE A 705 41.41 -3.91 12.91
C PHE A 705 41.73 -4.30 11.46
N LEU A 706 42.79 -3.73 10.87
CA LEU A 706 43.19 -4.05 9.51
C LEU A 706 44.48 -4.87 9.50
N VAL A 709 43.72 -8.81 9.41
CA VAL A 709 43.01 -9.72 8.51
C VAL A 709 43.52 -9.58 7.06
N SER A 710 44.25 -10.59 6.58
CA SER A 710 44.80 -10.58 5.22
C SER A 710 43.82 -11.09 4.15
N SER A 711 42.51 -11.09 4.47
CA SER A 711 41.47 -11.57 3.55
C SER A 711 40.54 -10.42 3.14
N LEU A 712 40.26 -9.50 4.09
CA LEU A 712 39.36 -8.37 3.91
C LEU A 712 39.74 -7.42 2.79
N LYS A 713 38.98 -7.49 1.71
CA LYS A 713 39.14 -6.70 0.49
C LYS A 713 38.21 -5.47 0.52
N HIS A 714 37.00 -5.62 1.07
CA HIS A 714 36.03 -4.54 1.15
C HIS A 714 35.53 -4.32 2.58
N LEU A 715 35.75 -3.13 3.14
CA LEU A 715 35.29 -2.82 4.49
C LEU A 715 34.35 -1.63 4.46
N ASP A 716 33.10 -1.81 4.87
CA ASP A 716 32.11 -0.74 4.85
C ASP A 716 31.83 -0.23 6.26
N LEU A 717 32.20 1.03 6.53
CA LEU A 717 31.95 1.66 7.82
C LEU A 717 31.25 3.02 7.68
N SER A 718 30.48 3.22 6.60
CA SER A 718 29.79 4.47 6.33
C SER A 718 28.55 4.65 7.21
N SER A 719 28.10 5.91 7.39
CA SER A 719 26.93 6.27 8.19
C SER A 719 26.96 5.74 9.62
N ASN A 720 28.15 5.76 10.23
CA ASN A 720 28.35 5.33 11.61
C ASN A 720 28.57 6.56 12.53
N LEU A 721 29.22 6.41 13.70
CA LEU A 721 29.47 7.54 14.59
C LEU A 721 30.96 7.78 14.79
N LEU A 722 31.79 7.49 13.77
CA LEU A 722 33.23 7.67 13.87
C LEU A 722 33.64 9.13 13.84
N LYS A 723 34.29 9.60 14.91
CA LYS A 723 34.77 10.96 14.98
C LYS A 723 36.20 11.04 14.45
N THR A 724 37.03 10.03 14.72
CA THR A 724 38.42 10.02 14.26
C THR A 724 38.96 8.60 14.08
N ILE A 725 40.05 8.46 13.31
CA ILE A 725 40.72 7.19 13.12
C ILE A 725 42.16 7.34 13.59
N ASN A 726 42.47 6.76 14.77
CA ASN A 726 43.78 6.84 15.39
C ASN A 726 44.87 6.06 14.66
N LYS A 727 46.14 6.41 14.91
CA LYS A 727 47.28 5.77 14.27
C LYS A 727 47.38 4.29 14.61
N SER A 728 47.19 3.94 15.89
CA SER A 728 47.25 2.55 16.37
C SER A 728 46.23 1.62 15.71
N ALA A 729 45.09 2.17 15.27
CA ALA A 729 44.05 1.38 14.61
C ALA A 729 44.45 1.05 13.17
N LEU A 730 45.08 2.01 12.48
CA LEU A 730 45.51 1.80 11.09
C LEU A 730 47.00 1.50 10.95
N GLU A 731 47.67 1.07 12.04
CA GLU A 731 49.10 0.75 12.01
C GLU A 731 49.33 -0.71 11.59
N THR A 732 48.89 -1.06 10.37
CA THR A 732 49.06 -2.42 9.84
C THR A 732 50.51 -2.67 9.44
N LYS A 733 51.24 -3.45 10.27
CA LYS A 733 52.64 -3.75 10.02
C LYS A 733 52.79 -4.67 8.81
N THR A 734 51.90 -5.66 8.68
CA THR A 734 51.93 -6.57 7.55
C THR A 734 51.17 -6.00 6.34
N THR A 735 51.47 -6.51 5.14
CA THR A 735 50.85 -6.05 3.90
C THR A 735 49.36 -6.43 3.81
N THR A 736 48.48 -5.43 3.75
CA THR A 736 47.04 -5.65 3.66
C THR A 736 46.53 -5.66 2.21
N LYS A 737 45.43 -6.36 1.97
CA LYS A 737 44.81 -6.44 0.64
C LYS A 737 43.45 -5.73 0.60
N LEU A 738 43.31 -4.64 1.36
CA LEU A 738 42.07 -3.87 1.42
C LEU A 738 41.98 -2.92 0.23
N SER A 739 41.13 -3.24 -0.76
CA SER A 739 41.01 -2.40 -1.95
C SER A 739 39.90 -1.33 -1.87
N MET A 740 38.99 -1.44 -0.90
CA MET A 740 37.92 -0.45 -0.76
C MET A 740 37.52 -0.23 0.69
N LEU A 741 37.48 1.04 1.11
CA LEU A 741 37.08 1.42 2.46
C LEU A 741 36.09 2.56 2.38
N GLU A 742 34.82 2.30 2.74
CA GLU A 742 33.79 3.34 2.70
C GLU A 742 33.70 4.02 4.07
N LEU A 743 33.71 5.36 4.09
CA LEU A 743 33.67 6.10 5.35
C LEU A 743 32.80 7.36 5.32
N HIS A 744 31.98 7.54 4.29
CA HIS A 744 31.12 8.72 4.18
C HIS A 744 30.00 8.73 5.22
N GLY A 745 29.48 9.90 5.56
CA GLY A 745 28.39 10.02 6.51
C GLY A 745 28.77 9.85 7.96
N ASN A 746 30.06 10.03 8.28
CA ASN A 746 30.55 9.92 9.66
C ASN A 746 30.80 11.31 10.23
N PRO A 747 30.55 11.52 11.54
CA PRO A 747 30.77 12.86 12.12
C PRO A 747 32.23 13.13 12.48
N PHE A 748 33.10 13.23 11.47
CA PHE A 748 34.53 13.43 11.65
C PHE A 748 34.91 14.77 12.26
N GLU A 749 35.86 14.73 13.20
CA GLU A 749 36.39 15.93 13.84
C GLU A 749 37.58 16.36 13.02
N CYS A 750 37.39 17.36 12.14
CA CYS A 750 38.45 17.86 11.28
C CYS A 750 39.38 18.83 11.99
N THR A 751 40.03 18.36 13.07
CA THR A 751 41.00 19.10 13.86
C THR A 751 42.44 18.61 13.52
N CYS A 752 43.47 18.92 14.33
CA CYS A 752 44.84 18.48 14.06
C CYS A 752 45.03 16.95 14.22
N ASP A 753 44.12 16.27 14.94
CA ASP A 753 44.18 14.83 15.16
C ASP A 753 43.81 14.03 13.91
N ILE A 754 42.96 14.59 13.04
CA ILE A 754 42.52 13.89 11.83
C ILE A 754 43.64 13.78 10.75
N GLY A 755 44.72 14.54 10.91
CA GLY A 755 45.86 14.52 9.99
C GLY A 755 46.62 13.22 10.00
N ASP A 756 46.45 12.40 11.04
CA ASP A 756 47.11 11.10 11.14
C ASP A 756 46.45 10.12 10.16
N PHE A 757 45.10 10.17 10.05
CA PHE A 757 44.37 9.33 9.10
C PHE A 757 44.61 9.80 7.67
N ARG A 758 44.76 11.12 7.47
CA ARG A 758 45.02 11.72 6.16
C ARG A 758 46.36 11.25 5.60
N ARG A 759 47.37 11.07 6.46
CA ARG A 759 48.69 10.59 6.05
C ARG A 759 48.63 9.13 5.58
N TRP A 760 47.75 8.32 6.19
CA TRP A 760 47.54 6.92 5.83
C TRP A 760 46.91 6.83 4.43
N MET A 761 46.06 7.79 4.06
CA MET A 761 45.42 7.84 2.75
C MET A 761 46.44 8.17 1.65
N ASP A 762 47.45 8.98 1.96
CA ASP A 762 48.49 9.35 1.01
C ASP A 762 49.49 8.21 0.80
N GLU A 763 49.79 7.46 1.87
CA GLU A 763 50.71 6.33 1.81
C GLU A 763 50.04 5.12 1.14
N HIS A 764 48.75 4.92 1.43
CA HIS A 764 48.01 3.78 0.87
C HIS A 764 47.06 4.26 -0.23
N LEU A 765 47.59 4.52 -1.43
CA LEU A 765 46.78 4.97 -2.57
C LEU A 765 45.94 3.83 -3.19
N ASN A 766 46.32 2.58 -2.96
CA ASN A 766 45.60 1.42 -3.48
C ASN A 766 44.24 1.22 -2.78
N VAL A 767 44.11 1.67 -1.52
CA VAL A 767 42.86 1.58 -0.77
C VAL A 767 41.92 2.65 -1.29
N LYS A 768 41.10 2.29 -2.28
CA LYS A 768 40.16 3.24 -2.89
C LYS A 768 39.00 3.60 -1.96
N ILE A 769 38.94 4.86 -1.55
CA ILE A 769 37.86 5.35 -0.69
C ILE A 769 36.83 6.07 -1.56
N PRO A 770 35.65 5.47 -1.74
CA PRO A 770 34.64 6.10 -2.60
C PRO A 770 33.89 7.23 -1.92
N ARG A 771 33.27 8.11 -2.74
CA ARG A 771 32.48 9.25 -2.29
C ARG A 771 33.23 10.14 -1.31
N LEU A 772 34.39 10.68 -1.75
CA LEU A 772 35.21 11.57 -0.91
C LEU A 772 34.50 12.88 -0.56
N VAL A 773 33.60 13.35 -1.44
CA VAL A 773 32.84 14.58 -1.18
C VAL A 773 31.81 14.41 -0.07
N ASP A 774 31.41 13.16 0.24
CA ASP A 774 30.44 12.88 1.29
C ASP A 774 31.08 12.61 2.66
N VAL A 775 32.42 12.45 2.72
CA VAL A 775 33.14 12.26 3.98
C VAL A 775 33.22 13.67 4.60
N ILE A 776 32.22 14.02 5.41
CA ILE A 776 32.06 15.36 5.93
C ILE A 776 32.61 15.56 7.36
N CYS A 777 32.92 16.82 7.70
CA CYS A 777 33.37 17.18 9.04
C CYS A 777 32.16 17.69 9.80
N ALA A 778 31.97 17.23 11.05
CA ALA A 778 30.89 17.74 11.89
C ALA A 778 31.40 18.97 12.66
N SER A 779 32.65 18.91 13.16
CA SER A 779 33.33 19.97 13.89
C SER A 779 34.75 20.16 13.31
N PRO A 780 35.34 21.37 13.35
CA PRO A 780 34.82 22.64 13.89
C PRO A 780 33.89 23.39 12.92
N GLY A 781 33.37 24.53 13.36
CA GLY A 781 32.48 25.36 12.56
C GLY A 781 33.07 25.85 11.25
N ASP A 782 34.39 26.10 11.24
CA ASP A 782 35.07 26.55 10.03
C ASP A 782 35.28 25.42 9.01
N GLN A 783 35.34 24.16 9.47
CA GLN A 783 35.53 23.02 8.59
C GLN A 783 34.24 22.20 8.35
N ARG A 784 33.11 22.59 8.97
CA ARG A 784 31.84 21.88 8.84
C ARG A 784 31.32 21.94 7.41
N GLY A 785 30.98 20.78 6.87
CA GLY A 785 30.47 20.66 5.51
C GLY A 785 31.55 20.44 4.45
N LYS A 786 32.82 20.38 4.87
CA LYS A 786 33.95 20.18 3.98
C LYS A 786 34.48 18.75 4.03
N SER A 787 35.15 18.31 2.96
CA SER A 787 35.73 16.98 2.91
C SER A 787 36.99 16.91 3.76
N ILE A 788 37.30 15.73 4.31
CA ILE A 788 38.49 15.55 5.14
C ILE A 788 39.79 15.69 4.35
N VAL A 789 39.75 15.45 3.03
CA VAL A 789 40.91 15.58 2.15
C VAL A 789 41.23 17.05 1.78
N SER A 790 40.35 18.01 2.14
CA SER A 790 40.58 19.43 1.87
C SER A 790 40.79 20.17 3.21
N LEU A 791 41.98 20.03 3.81
CA LEU A 791 42.24 20.67 5.11
C LEU A 791 43.60 21.45 5.18
N GLU A 792 44.70 20.79 5.62
CA GLU A 792 46.01 21.42 5.77
C GLU A 792 47.09 20.35 5.87
N SER B 5 -11.20 25.34 41.83
CA SER B 5 -11.91 24.06 41.79
C SER B 5 -11.63 23.25 40.52
N ARG B 6 -10.51 23.52 39.83
CA ARG B 6 -10.14 22.80 38.61
C ARG B 6 -9.62 21.41 38.94
N SER B 7 -10.28 20.38 38.41
CA SER B 7 -9.92 18.99 38.66
C SER B 7 -8.60 18.57 38.01
N TYR B 8 -7.81 17.81 38.77
CA TYR B 8 -6.53 17.28 38.31
C TYR B 8 -6.23 16.00 39.10
N PRO B 9 -5.80 14.91 38.43
CA PRO B 9 -5.55 14.79 36.99
C PRO B 9 -6.74 14.35 36.15
N CYS B 10 -7.91 14.17 36.77
CA CYS B 10 -9.12 13.72 36.08
C CYS B 10 -9.89 14.87 35.45
N ASP B 11 -10.70 14.58 34.44
CA ASP B 11 -11.51 15.59 33.78
C ASP B 11 -12.96 15.40 34.20
N GLU B 12 -13.35 16.04 35.32
CA GLU B 12 -14.69 15.93 35.89
C GLU B 12 -15.79 16.51 34.99
N LYS B 13 -16.91 15.80 34.92
CA LYS B 13 -18.05 16.19 34.11
C LYS B 13 -19.34 15.80 34.84
N LYS B 14 -20.29 16.74 34.98
CA LYS B 14 -21.55 16.45 35.65
C LYS B 14 -22.59 15.93 34.65
N GLN B 15 -22.36 14.74 34.10
CA GLN B 15 -23.26 14.14 33.12
C GLN B 15 -24.52 13.57 33.76
N ASN B 16 -25.67 14.24 33.52
CA ASN B 16 -26.99 13.86 34.05
C ASN B 16 -27.00 13.76 35.58
N ASP B 17 -26.58 14.84 36.25
CA ASP B 17 -26.50 14.99 37.71
C ASP B 17 -25.34 14.19 38.36
N SER B 18 -25.09 12.95 37.90
CA SER B 18 -24.00 12.14 38.44
C SER B 18 -22.65 12.62 37.87
N VAL B 19 -21.61 12.70 38.70
CA VAL B 19 -20.31 13.18 38.25
C VAL B 19 -19.38 12.07 37.78
N ILE B 20 -19.03 12.06 36.49
CA ILE B 20 -18.11 11.09 35.91
C ILE B 20 -16.70 11.68 35.85
N ALA B 21 -15.70 10.93 36.29
CA ALA B 21 -14.33 11.40 36.29
C ALA B 21 -13.47 10.62 35.31
N GLU B 22 -13.21 11.19 34.13
CA GLU B 22 -12.39 10.54 33.12
C GLU B 22 -10.93 10.70 33.51
N CYS B 23 -10.30 9.62 33.98
CA CYS B 23 -8.90 9.68 34.41
C CYS B 23 -8.07 8.61 33.70
N SER B 24 -8.40 8.30 32.45
CA SER B 24 -7.73 7.26 31.69
C SER B 24 -6.60 7.78 30.81
N ASN B 25 -5.61 6.91 30.52
CA ASN B 25 -4.44 7.18 29.68
C ASN B 25 -3.69 8.44 30.11
N ARG B 26 -3.34 8.54 31.40
CA ARG B 26 -2.65 9.70 31.94
C ARG B 26 -1.31 9.38 32.63
N ARG B 27 -0.74 8.19 32.37
CA ARG B 27 0.52 7.73 32.94
C ARG B 27 0.55 7.82 34.47
N LEU B 28 -0.58 7.53 35.11
CA LEU B 28 -0.68 7.59 36.57
C LEU B 28 -0.06 6.35 37.20
N GLN B 29 0.94 6.55 38.07
CA GLN B 29 1.58 5.43 38.76
C GLN B 29 0.74 4.90 39.94
N GLU B 30 -0.11 5.75 40.52
CA GLU B 30 -0.96 5.37 41.65
C GLU B 30 -2.35 6.02 41.56
N VAL B 31 -3.32 5.50 42.34
CA VAL B 31 -4.67 6.06 42.37
C VAL B 31 -4.61 7.47 42.95
N PRO B 32 -5.10 8.47 42.20
CA PRO B 32 -5.01 9.86 42.68
C PRO B 32 -5.85 10.18 43.91
N GLN B 33 -5.24 10.88 44.88
CA GLN B 33 -5.92 11.31 46.08
C GLN B 33 -6.58 12.71 45.91
N THR B 34 -6.65 13.24 44.68
CA THR B 34 -7.26 14.53 44.36
C THR B 34 -8.57 14.39 43.57
N VAL B 35 -9.20 13.22 43.60
CA VAL B 35 -10.48 13.01 42.90
C VAL B 35 -11.60 13.45 43.83
N GLY B 36 -12.54 14.23 43.30
CA GLY B 36 -13.67 14.73 44.08
C GLY B 36 -14.47 13.64 44.77
N LYS B 37 -14.90 13.88 46.01
CA LYS B 37 -15.65 12.89 46.77
C LYS B 37 -17.08 12.66 46.26
N TYR B 38 -17.62 13.64 45.52
CA TYR B 38 -18.97 13.61 44.95
C TYR B 38 -19.09 12.78 43.67
N VAL B 39 -17.96 12.31 43.09
CA VAL B 39 -18.03 11.54 41.85
C VAL B 39 -18.65 10.16 42.06
N THR B 40 -19.29 9.64 41.01
CA THR B 40 -19.93 8.34 41.07
C THR B 40 -19.26 7.31 40.16
N GLU B 41 -18.64 7.76 39.06
CA GLU B 41 -17.98 6.85 38.13
C GLU B 41 -16.54 7.25 37.88
N LEU B 42 -15.60 6.39 38.27
CA LEU B 42 -14.17 6.66 38.08
C LEU B 42 -13.59 5.74 37.03
N ASP B 43 -12.88 6.30 36.06
CA ASP B 43 -12.27 5.51 34.99
C ASP B 43 -10.75 5.71 35.01
N LEU B 44 -10.02 4.80 35.63
CA LEU B 44 -8.56 4.88 35.72
C LEU B 44 -7.89 3.84 34.80
N SER B 45 -8.51 3.55 33.65
CA SER B 45 -7.97 2.56 32.71
C SER B 45 -6.75 3.03 31.93
N ASP B 46 -5.91 2.08 31.48
CA ASP B 46 -4.70 2.32 30.68
C ASP B 46 -3.65 3.18 31.37
N ASN B 47 -3.51 3.01 32.69
CA ASN B 47 -2.52 3.73 33.49
C ASN B 47 -1.41 2.76 34.00
N PHE B 48 -0.41 3.28 34.72
CA PHE B 48 0.66 2.43 35.25
C PHE B 48 0.48 2.12 36.74
N ILE B 49 -0.78 2.00 37.19
CA ILE B 49 -1.07 1.70 38.58
C ILE B 49 -0.69 0.26 38.86
N THR B 50 0.06 0.02 39.95
CA THR B 50 0.53 -1.32 40.28
C THR B 50 -0.07 -1.86 41.58
N HIS B 51 -0.50 -0.98 42.50
CA HIS B 51 -1.03 -1.44 43.77
C HIS B 51 -2.41 -0.87 44.12
N ILE B 52 -3.33 -1.74 44.55
CA ILE B 52 -4.67 -1.36 44.98
C ILE B 52 -4.88 -1.82 46.42
N THR B 53 -4.91 -0.88 47.36
CA THR B 53 -5.10 -1.19 48.78
C THR B 53 -6.46 -0.66 49.29
N ASN B 54 -6.82 -0.96 50.57
CA ASN B 54 -8.08 -0.45 51.13
C ASN B 54 -8.08 1.07 51.38
N GLU B 55 -6.92 1.72 51.26
CA GLU B 55 -6.80 3.17 51.42
C GLU B 55 -6.66 3.90 50.07
N SER B 56 -7.07 3.27 48.96
CA SER B 56 -7.00 3.87 47.63
C SER B 56 -8.24 4.70 47.30
N PHE B 57 -9.40 4.31 47.82
CA PHE B 57 -10.63 5.04 47.58
C PHE B 57 -11.23 5.59 48.87
N GLN B 58 -10.49 6.47 49.54
CA GLN B 58 -10.93 7.07 50.79
C GLN B 58 -11.88 8.23 50.56
N GLY B 59 -13.00 8.24 51.28
CA GLY B 59 -14.00 9.29 51.17
C GLY B 59 -14.87 9.25 49.92
N LEU B 60 -14.68 8.23 49.07
CA LEU B 60 -15.48 8.10 47.86
C LEU B 60 -16.63 7.11 48.08
N GLN B 61 -17.56 7.49 48.96
CA GLN B 61 -18.72 6.67 49.30
C GLN B 61 -19.72 6.59 48.14
N ASN B 62 -19.84 7.66 47.35
CA ASN B 62 -20.77 7.69 46.22
C ASN B 62 -20.26 6.95 44.97
N LEU B 63 -19.12 6.25 45.05
CA LEU B 63 -18.59 5.52 43.91
C LEU B 63 -19.43 4.29 43.60
N THR B 64 -20.04 4.27 42.43
CA THR B 64 -20.88 3.17 41.95
C THR B 64 -20.19 2.34 40.85
N LYS B 65 -19.25 2.94 40.11
CA LYS B 65 -18.56 2.24 39.03
C LYS B 65 -17.08 2.60 38.95
N ILE B 66 -16.21 1.59 39.06
CA ILE B 66 -14.75 1.78 39.00
C ILE B 66 -14.18 0.99 37.83
N ASN B 67 -13.43 1.65 36.94
CA ASN B 67 -12.80 1.01 35.80
C ASN B 67 -11.28 1.00 35.99
N LEU B 68 -10.69 -0.18 36.16
CA LEU B 68 -9.25 -0.30 36.35
C LEU B 68 -8.62 -1.21 35.29
N ASN B 69 -9.14 -1.18 34.05
CA ASN B 69 -8.64 -2.00 32.96
C ASN B 69 -7.23 -1.61 32.52
N HIS B 70 -6.45 -2.58 32.04
CA HIS B 70 -5.08 -2.40 31.54
C HIS B 70 -4.16 -1.66 32.51
N ASN B 71 -4.00 -2.18 33.72
CA ASN B 71 -3.15 -1.57 34.73
C ASN B 71 -2.19 -2.61 35.29
N PRO B 72 -0.89 -2.51 34.99
CA PRO B 72 -0.22 -1.49 34.18
C PRO B 72 -0.33 -1.73 32.68
N ASN B 73 -0.50 -0.65 31.90
CA ASN B 73 -0.64 -0.70 30.45
C ASN B 73 0.69 -1.06 29.79
N VAL B 74 0.92 -2.37 29.55
CA VAL B 74 2.14 -2.92 28.95
C VAL B 74 3.40 -2.54 29.73
N GLY B 87 2.01 -7.92 37.75
CA GLY B 87 0.62 -7.54 37.52
C GLY B 87 0.08 -6.59 38.57
N LEU B 88 -1.25 -6.45 38.63
CA LEU B 88 -1.88 -5.55 39.60
C LEU B 88 -2.00 -6.24 40.97
N ASN B 89 -1.45 -5.62 42.02
CA ASN B 89 -1.47 -6.17 43.37
C ASN B 89 -2.65 -5.62 44.18
N ILE B 90 -3.76 -6.36 44.23
CA ILE B 90 -4.94 -5.94 44.99
C ILE B 90 -5.01 -6.69 46.32
N THR B 91 -5.06 -5.95 47.43
CA THR B 91 -5.14 -6.54 48.77
C THR B 91 -6.56 -7.08 49.07
N ASP B 92 -6.70 -7.92 50.11
CA ASP B 92 -8.00 -8.47 50.49
C ASP B 92 -8.85 -7.39 51.15
N GLY B 93 -10.06 -7.22 50.64
CA GLY B 93 -11.00 -6.23 51.17
C GLY B 93 -10.63 -4.80 50.81
N ALA B 94 -9.95 -4.62 49.67
CA ALA B 94 -9.56 -3.29 49.20
C ALA B 94 -10.77 -2.45 48.77
N PHE B 95 -11.82 -3.09 48.24
CA PHE B 95 -13.03 -2.40 47.83
C PHE B 95 -14.21 -2.61 48.78
N LEU B 96 -13.99 -3.23 49.96
CA LEU B 96 -15.05 -3.52 50.92
C LEU B 96 -15.71 -2.29 51.54
N ASN B 97 -14.95 -1.20 51.69
CA ASN B 97 -15.50 0.04 52.27
C ASN B 97 -16.38 0.85 51.29
N LEU B 98 -16.59 0.36 50.06
CA LEU B 98 -17.41 1.01 49.06
C LEU B 98 -18.77 0.34 49.05
N LYS B 99 -19.68 0.78 49.94
CA LYS B 99 -21.01 0.19 50.08
C LYS B 99 -21.92 0.41 48.88
N ASN B 100 -21.62 1.40 48.03
CA ASN B 100 -22.44 1.68 46.85
C ASN B 100 -21.83 1.18 45.54
N LEU B 101 -20.76 0.35 45.59
CA LEU B 101 -20.10 -0.13 44.37
C LEU B 101 -20.91 -1.20 43.66
N ARG B 102 -21.47 -0.86 42.49
CA ARG B 102 -22.27 -1.80 41.73
C ARG B 102 -21.62 -2.26 40.41
N GLU B 103 -20.48 -1.67 40.01
CA GLU B 103 -19.81 -2.08 38.78
C GLU B 103 -18.29 -2.03 38.87
N LEU B 104 -17.63 -3.20 38.87
CA LEU B 104 -16.17 -3.27 38.94
C LEU B 104 -15.59 -3.87 37.66
N LEU B 105 -14.65 -3.17 37.03
CA LEU B 105 -14.03 -3.66 35.81
C LEU B 105 -12.52 -3.83 36.02
N LEU B 106 -12.03 -5.09 35.95
CA LEU B 106 -10.63 -5.41 36.15
C LEU B 106 -10.09 -6.26 34.98
N GLU B 107 -10.22 -5.75 33.75
CA GLU B 107 -9.75 -6.46 32.56
C GLU B 107 -8.28 -6.20 32.27
N ASP B 108 -7.57 -7.22 31.75
CA ASP B 108 -6.14 -7.15 31.39
C ASP B 108 -5.25 -6.63 32.52
N ASN B 109 -5.39 -7.20 33.71
CA ASN B 109 -4.61 -6.80 34.87
C ASN B 109 -3.59 -7.84 35.36
N GLN B 110 -3.54 -9.02 34.71
CA GLN B 110 -2.66 -10.14 35.06
C GLN B 110 -2.90 -10.62 36.48
N LEU B 111 -4.16 -10.65 36.91
CA LEU B 111 -4.52 -11.09 38.26
C LEU B 111 -4.40 -12.61 38.35
N PRO B 112 -3.63 -13.12 39.33
CA PRO B 112 -3.47 -14.58 39.44
C PRO B 112 -4.70 -15.31 39.95
N GLN B 113 -5.55 -14.62 40.71
CA GLN B 113 -6.77 -15.17 41.26
C GLN B 113 -7.87 -14.10 41.36
N ILE B 114 -9.12 -14.51 41.64
CA ILE B 114 -10.22 -13.55 41.79
C ILE B 114 -9.98 -12.77 43.08
N PRO B 115 -9.93 -11.43 43.01
CA PRO B 115 -9.68 -10.62 44.21
C PRO B 115 -10.61 -10.95 45.37
N SER B 116 -10.03 -11.28 46.54
CA SER B 116 -10.81 -11.63 47.71
C SER B 116 -11.26 -10.39 48.45
N GLY B 117 -12.50 -10.39 48.93
CA GLY B 117 -13.03 -9.27 49.67
C GLY B 117 -13.73 -8.23 48.82
N LEU B 118 -14.38 -8.65 47.75
CA LEU B 118 -15.12 -7.74 46.89
C LEU B 118 -16.46 -7.39 47.54
N PRO B 119 -16.95 -6.15 47.37
CA PRO B 119 -18.22 -5.76 48.01
C PRO B 119 -19.45 -6.51 47.50
N GLU B 120 -20.37 -6.84 48.43
CA GLU B 120 -21.60 -7.57 48.17
C GLU B 120 -22.56 -6.81 47.25
N SER B 121 -22.52 -5.47 47.29
CA SER B 121 -23.38 -4.62 46.47
C SER B 121 -23.14 -4.71 44.96
N LEU B 122 -22.02 -5.34 44.54
CA LEU B 122 -21.65 -5.49 43.13
C LEU B 122 -22.71 -6.19 42.30
N THR B 123 -22.87 -5.74 41.05
CA THR B 123 -23.83 -6.32 40.10
C THR B 123 -23.15 -6.66 38.77
N GLU B 124 -22.12 -5.90 38.37
CA GLU B 124 -21.43 -6.15 37.11
C GLU B 124 -19.93 -6.30 37.38
N LEU B 125 -19.40 -7.52 37.18
CA LEU B 125 -17.98 -7.77 37.43
C LEU B 125 -17.32 -8.33 36.19
N SER B 126 -16.26 -7.65 35.71
CA SER B 126 -15.56 -8.10 34.51
C SER B 126 -14.10 -8.39 34.81
N LEU B 127 -13.68 -9.65 34.71
CA LEU B 127 -12.30 -10.06 34.98
C LEU B 127 -11.69 -10.71 33.73
N ILE B 128 -11.95 -10.11 32.57
CA ILE B 128 -11.47 -10.57 31.26
C ILE B 128 -9.95 -10.39 31.10
N GLN B 129 -9.29 -11.30 30.38
CA GLN B 129 -7.85 -11.25 30.09
C GLN B 129 -6.95 -11.24 31.34
N ASN B 130 -7.21 -12.15 32.29
CA ASN B 130 -6.41 -12.27 33.49
C ASN B 130 -5.77 -13.68 33.58
N ASN B 131 -5.04 -13.98 34.67
CA ASN B 131 -4.45 -15.30 34.86
C ASN B 131 -5.26 -16.11 35.88
N ILE B 132 -6.58 -15.96 35.88
CA ILE B 132 -7.44 -16.66 36.83
C ILE B 132 -7.69 -18.09 36.37
N TYR B 133 -7.11 -19.05 37.08
CA TYR B 133 -7.28 -20.45 36.74
C TYR B 133 -8.30 -21.18 37.63
N ASN B 134 -8.58 -20.63 38.83
CA ASN B 134 -9.53 -21.24 39.75
C ASN B 134 -10.70 -20.32 40.06
N ILE B 135 -11.93 -20.81 39.89
CA ILE B 135 -13.14 -20.07 40.20
C ILE B 135 -13.64 -20.63 41.53
N THR B 136 -13.26 -19.98 42.64
CA THR B 136 -13.62 -20.48 43.96
C THR B 136 -14.79 -19.75 44.61
N LYS B 137 -15.47 -20.42 45.56
CA LYS B 137 -16.58 -19.84 46.31
C LYS B 137 -16.13 -18.73 47.28
N GLU B 138 -14.84 -18.73 47.65
CA GLU B 138 -14.23 -17.76 48.54
C GLU B 138 -14.37 -16.33 48.01
N GLY B 139 -14.22 -16.16 46.69
CA GLY B 139 -14.30 -14.85 46.08
C GLY B 139 -15.54 -14.56 45.25
N ILE B 140 -16.40 -15.57 45.01
CA ILE B 140 -17.58 -15.38 44.17
C ILE B 140 -18.90 -15.58 44.92
N SER B 141 -19.04 -16.67 45.68
CA SER B 141 -20.28 -17.00 46.40
C SER B 141 -20.79 -15.92 47.36
N ARG B 142 -19.92 -15.03 47.83
CA ARG B 142 -20.32 -13.93 48.70
C ARG B 142 -21.07 -12.83 47.91
N LEU B 143 -20.78 -12.69 46.61
CA LEU B 143 -21.39 -11.71 45.72
C LEU B 143 -22.76 -12.24 45.26
N ILE B 144 -23.79 -12.08 46.10
CA ILE B 144 -25.13 -12.59 45.79
C ILE B 144 -25.94 -11.67 44.87
N ASN B 145 -25.57 -10.38 44.78
CA ASN B 145 -26.30 -9.44 43.92
C ASN B 145 -25.82 -9.43 42.45
N LEU B 146 -24.78 -10.23 42.11
CA LEU B 146 -24.21 -10.29 40.77
C LEU B 146 -25.22 -10.64 39.70
N LYS B 147 -25.27 -9.81 38.65
CA LYS B 147 -26.15 -10.00 37.50
C LYS B 147 -25.30 -10.30 36.26
N ASN B 148 -24.19 -9.59 36.07
CA ASN B 148 -23.31 -9.81 34.92
C ASN B 148 -21.91 -10.23 35.36
N LEU B 149 -21.47 -11.42 34.95
CA LEU B 149 -20.14 -11.91 35.28
C LEU B 149 -19.35 -12.27 34.03
N TYR B 150 -18.23 -11.59 33.82
CA TYR B 150 -17.41 -11.83 32.64
C TYR B 150 -16.06 -12.44 33.05
N LEU B 151 -15.82 -13.69 32.70
CA LEU B 151 -14.57 -14.36 33.04
C LEU B 151 -13.86 -14.90 31.79
N ALA B 152 -13.98 -14.19 30.65
CA ALA B 152 -13.36 -14.63 29.41
C ALA B 152 -11.84 -14.41 29.34
N TRP B 153 -11.14 -15.20 28.51
CA TRP B 153 -9.70 -15.13 28.26
C TRP B 153 -8.81 -15.29 29.52
N ASN B 154 -8.98 -16.40 30.27
CA ASN B 154 -8.15 -16.64 31.45
C ASN B 154 -7.23 -17.85 31.26
N CYS B 155 -7.76 -18.96 30.73
CA CYS B 155 -6.97 -20.15 30.41
C CYS B 155 -6.95 -20.32 28.89
N TYR B 156 -6.15 -19.51 28.20
CA TYR B 156 -6.08 -19.58 26.74
C TYR B 156 -4.64 -19.68 26.23
N CYS B 161 -1.76 -23.79 33.03
CA CYS B 161 -3.15 -24.23 32.99
C CYS B 161 -3.40 -25.31 31.95
N GLU B 162 -4.07 -26.39 32.37
CA GLU B 162 -4.48 -27.48 31.49
C GLU B 162 -6.01 -27.37 31.31
N LYS B 163 -6.72 -27.14 32.43
CA LYS B 163 -8.16 -26.96 32.49
C LYS B 163 -8.51 -25.93 33.58
N THR B 164 -9.61 -25.20 33.40
CA THR B 164 -10.05 -24.22 34.39
C THR B 164 -10.77 -24.93 35.52
N ASN B 165 -10.28 -24.78 36.75
CA ASN B 165 -10.91 -25.43 37.89
C ASN B 165 -12.08 -24.61 38.39
N ILE B 166 -13.31 -25.07 38.15
CA ILE B 166 -14.50 -24.39 38.63
C ILE B 166 -15.04 -25.19 39.83
N GLU B 167 -15.17 -24.54 41.00
CA GLU B 167 -15.67 -25.22 42.19
C GLU B 167 -17.11 -25.66 41.98
N ASP B 168 -17.42 -26.91 42.36
CA ASP B 168 -18.75 -27.47 42.15
C ASP B 168 -19.85 -26.69 42.89
N GLY B 169 -20.58 -25.88 42.14
CA GLY B 169 -21.67 -25.08 42.69
C GLY B 169 -21.29 -23.67 43.07
N VAL B 170 -20.23 -23.13 42.44
CA VAL B 170 -19.78 -21.77 42.74
C VAL B 170 -20.80 -20.73 42.27
N PHE B 171 -21.47 -20.97 41.14
CA PHE B 171 -22.48 -20.04 40.64
C PHE B 171 -23.89 -20.29 41.21
N GLU B 172 -24.09 -21.42 41.92
CA GLU B 172 -25.35 -21.84 42.52
C GLU B 172 -25.96 -20.80 43.47
N THR B 173 -25.13 -20.16 44.30
CA THR B 173 -25.59 -19.15 45.24
C THR B 173 -25.94 -17.81 44.58
N LEU B 174 -25.42 -17.55 43.38
CA LEU B 174 -25.67 -16.32 42.64
C LEU B 174 -27.05 -16.43 41.97
N THR B 175 -28.12 -16.26 42.76
CA THR B 175 -29.49 -16.40 42.28
C THR B 175 -29.99 -15.22 41.44
N ASN B 176 -29.19 -14.15 41.31
CA ASN B 176 -29.58 -12.98 40.49
C ASN B 176 -28.76 -12.89 39.17
N LEU B 177 -27.92 -13.89 38.87
CA LEU B 177 -27.05 -13.94 37.71
C LEU B 177 -27.81 -14.12 36.41
N GLU B 178 -27.78 -13.10 35.55
CA GLU B 178 -28.45 -13.12 34.26
C GLU B 178 -27.46 -13.37 33.11
N LEU B 179 -26.19 -12.96 33.26
CA LEU B 179 -25.19 -13.16 32.23
C LEU B 179 -23.95 -13.82 32.80
N LEU B 180 -23.53 -14.93 32.19
CA LEU B 180 -22.30 -15.61 32.61
C LEU B 180 -21.45 -15.87 31.36
N SER B 181 -20.27 -15.25 31.30
CA SER B 181 -19.38 -15.42 30.16
C SER B 181 -18.13 -16.19 30.56
N LEU B 182 -17.97 -17.40 30.04
CA LEU B 182 -16.78 -18.21 30.34
C LEU B 182 -15.99 -18.56 29.07
N SER B 183 -16.15 -17.77 28.00
CA SER B 183 -15.51 -17.98 26.71
C SER B 183 -13.99 -17.88 26.74
N PHE B 184 -13.31 -18.54 25.79
CA PHE B 184 -11.85 -18.53 25.65
C PHE B 184 -11.14 -18.99 26.91
N ASN B 185 -11.55 -20.16 27.41
CA ASN B 185 -11.01 -20.82 28.60
C ASN B 185 -11.05 -22.33 28.37
N SER B 186 -10.02 -23.07 28.78
CA SER B 186 -10.00 -24.53 28.61
C SER B 186 -10.97 -25.17 29.61
N LEU B 187 -12.24 -25.32 29.22
CA LEU B 187 -13.26 -25.87 30.11
C LEU B 187 -13.44 -27.37 29.97
N SER B 188 -13.54 -27.86 28.72
CA SER B 188 -13.78 -29.27 28.36
C SER B 188 -15.23 -29.73 28.60
N HIS B 189 -15.87 -29.21 29.66
CA HIS B 189 -17.26 -29.55 29.99
C HIS B 189 -18.04 -28.32 30.43
N VAL B 190 -19.37 -28.35 30.22
CA VAL B 190 -20.23 -27.25 30.63
C VAL B 190 -20.33 -27.28 32.15
N PRO B 191 -20.03 -26.16 32.83
CA PRO B 191 -20.06 -26.16 34.31
C PRO B 191 -21.42 -26.54 34.89
N PRO B 192 -21.43 -27.54 35.79
CA PRO B 192 -22.71 -27.93 36.41
C PRO B 192 -23.15 -26.96 37.50
N LYS B 193 -24.40 -27.10 37.94
CA LYS B 193 -25.01 -26.27 39.00
C LYS B 193 -25.05 -24.78 38.64
N LEU B 194 -25.66 -24.45 37.50
CA LEU B 194 -25.79 -23.06 37.08
C LEU B 194 -27.15 -22.51 37.56
N PRO B 195 -27.22 -21.22 37.92
CA PRO B 195 -28.50 -20.67 38.42
C PRO B 195 -29.61 -20.66 37.37
N SER B 196 -30.86 -20.92 37.79
CA SER B 196 -32.00 -20.91 36.88
C SER B 196 -32.35 -19.51 36.36
N SER B 197 -31.84 -18.45 37.01
CA SER B 197 -32.05 -17.07 36.60
C SER B 197 -31.17 -16.65 35.40
N LEU B 198 -30.32 -17.56 34.88
CA LEU B 198 -29.43 -17.26 33.77
C LEU B 198 -30.23 -17.01 32.50
N ARG B 199 -29.84 -15.97 31.77
CA ARG B 199 -30.48 -15.61 30.52
C ARG B 199 -29.46 -15.70 29.36
N LYS B 200 -28.19 -15.36 29.61
CA LYS B 200 -27.17 -15.40 28.55
C LYS B 200 -25.93 -16.19 28.96
N LEU B 201 -25.75 -17.39 28.39
CA LEU B 201 -24.61 -18.26 28.68
C LEU B 201 -23.60 -18.27 27.53
N PHE B 202 -22.42 -17.69 27.74
CA PHE B 202 -21.39 -17.62 26.71
C PHE B 202 -20.29 -18.67 26.93
N LEU B 203 -20.18 -19.64 26.02
CA LEU B 203 -19.20 -20.72 26.12
C LEU B 203 -18.43 -20.88 24.79
N SER B 204 -18.04 -19.77 24.18
CA SER B 204 -17.30 -19.80 22.92
C SER B 204 -15.85 -20.18 23.12
N ASN B 205 -15.26 -20.98 22.21
CA ASN B 205 -13.85 -21.43 22.27
C ASN B 205 -13.48 -21.98 23.65
N THR B 206 -14.28 -22.93 24.13
CA THR B 206 -14.08 -23.51 25.46
C THR B 206 -13.65 -24.97 25.45
N GLN B 207 -13.33 -25.54 24.27
CA GLN B 207 -12.93 -26.94 24.13
C GLN B 207 -13.99 -27.93 24.63
N ILE B 208 -15.27 -27.54 24.54
CA ILE B 208 -16.36 -28.42 24.95
C ILE B 208 -16.81 -29.18 23.71
N LYS B 209 -16.36 -30.42 23.57
CA LYS B 209 -16.67 -31.23 22.38
C LYS B 209 -17.96 -32.05 22.49
N TYR B 210 -18.56 -32.14 23.69
CA TYR B 210 -19.78 -32.92 23.86
C TYR B 210 -20.82 -32.16 24.67
N ILE B 211 -22.07 -32.16 24.21
CA ILE B 211 -23.17 -31.49 24.89
C ILE B 211 -24.22 -32.54 25.28
N SER B 212 -24.41 -32.75 26.58
CA SER B 212 -25.37 -33.73 27.09
C SER B 212 -26.72 -33.09 27.42
N GLU B 213 -27.78 -33.92 27.54
CA GLU B 213 -29.14 -33.48 27.86
C GLU B 213 -29.26 -32.82 29.24
N GLU B 214 -28.35 -33.15 30.17
CA GLU B 214 -28.36 -32.59 31.52
C GLU B 214 -27.41 -31.39 31.70
N ASP B 215 -26.80 -30.88 30.62
CA ASP B 215 -25.89 -29.73 30.73
C ASP B 215 -26.64 -28.41 30.93
N PHE B 216 -27.86 -28.31 30.38
CA PHE B 216 -28.68 -27.10 30.54
C PHE B 216 -30.09 -27.53 31.02
N LYS B 217 -30.15 -28.49 31.94
CA LYS B 217 -31.41 -29.03 32.44
C LYS B 217 -32.26 -28.04 33.23
N GLY B 218 -31.61 -27.22 34.05
CA GLY B 218 -32.31 -26.26 34.90
C GLY B 218 -32.27 -24.82 34.41
N LEU B 219 -32.02 -24.62 33.12
CA LEU B 219 -31.93 -23.27 32.55
C LEU B 219 -33.16 -22.98 31.67
N ILE B 220 -34.34 -22.89 32.27
CA ILE B 220 -35.57 -22.67 31.51
C ILE B 220 -35.76 -21.23 31.02
N ASN B 221 -35.10 -20.25 31.65
CA ASN B 221 -35.24 -18.85 31.23
C ASN B 221 -34.10 -18.36 30.32
N LEU B 222 -33.28 -19.28 29.80
CA LEU B 222 -32.15 -18.97 28.94
C LEU B 222 -32.58 -18.46 27.57
N THR B 223 -32.19 -17.23 27.22
CA THR B 223 -32.52 -16.63 25.92
C THR B 223 -31.31 -16.62 24.96
N LEU B 224 -30.09 -16.85 25.45
CA LEU B 224 -28.91 -16.88 24.59
C LEU B 224 -27.98 -18.03 24.96
N LEU B 225 -27.50 -18.78 23.96
CA LEU B 225 -26.56 -19.86 24.19
C LEU B 225 -25.48 -19.84 23.12
N ASP B 226 -24.26 -19.45 23.50
CA ASP B 226 -23.14 -19.36 22.59
C ASP B 226 -22.24 -20.59 22.74
N LEU B 227 -22.28 -21.51 21.78
CA LEU B 227 -21.42 -22.69 21.83
C LEU B 227 -20.41 -22.71 20.65
N SER B 228 -20.10 -21.54 20.08
CA SER B 228 -19.19 -21.40 18.95
C SER B 228 -17.72 -21.73 19.27
N GLY B 229 -16.92 -21.97 18.24
CA GLY B 229 -15.49 -22.25 18.39
C GLY B 229 -15.12 -23.58 19.01
N ASN B 230 -16.11 -24.43 19.28
CA ASN B 230 -15.88 -25.74 19.86
C ASN B 230 -15.85 -26.73 18.71
N CYS B 231 -14.66 -27.30 18.44
CA CYS B 231 -14.31 -28.13 17.29
C CYS B 231 -14.32 -27.15 16.10
N PRO B 232 -13.35 -26.24 16.05
CA PRO B 232 -13.41 -25.18 15.04
C PRO B 232 -13.06 -25.54 13.61
N ARG B 233 -13.49 -24.67 12.69
CA ARG B 233 -13.14 -24.75 11.28
C ARG B 233 -12.24 -23.53 11.11
N CYS B 234 -10.93 -23.76 10.99
CA CYS B 234 -9.97 -22.67 10.93
C CYS B 234 -9.96 -21.91 9.62
N PHE B 235 -10.49 -20.67 9.64
CA PHE B 235 -10.53 -19.81 8.47
C PHE B 235 -10.12 -18.42 8.90
N ASN B 236 -8.83 -18.07 8.74
CA ASN B 236 -8.26 -16.77 9.09
C ASN B 236 -8.70 -16.27 10.48
N ALA B 237 -8.49 -17.10 11.50
CA ALA B 237 -8.91 -16.75 12.86
C ALA B 237 -7.94 -15.79 13.53
N PRO B 238 -8.46 -14.78 14.26
CA PRO B 238 -7.56 -13.85 14.95
C PRO B 238 -7.05 -14.34 16.31
N PHE B 239 -7.19 -15.65 16.58
CA PHE B 239 -6.79 -16.29 17.84
C PHE B 239 -6.47 -17.78 17.58
N PRO B 240 -5.67 -18.44 18.44
CA PRO B 240 -5.35 -19.86 18.21
C PRO B 240 -6.54 -20.75 17.86
N CYS B 241 -6.42 -21.50 16.77
CA CYS B 241 -7.47 -22.36 16.27
C CYS B 241 -6.97 -23.80 16.17
N VAL B 242 -7.51 -24.70 17.00
CA VAL B 242 -7.11 -26.11 16.96
C VAL B 242 -8.31 -27.03 16.70
N PRO B 243 -8.42 -27.58 15.48
CA PRO B 243 -9.57 -28.44 15.16
C PRO B 243 -9.61 -29.75 15.93
N CYS B 244 -10.80 -30.34 16.05
CA CYS B 244 -11.00 -31.60 16.77
C CYS B 244 -10.40 -32.80 16.07
N ASP B 245 -9.91 -33.77 16.85
CA ASP B 245 -9.29 -34.98 16.34
C ASP B 245 -10.24 -35.75 15.44
N GLY B 246 -9.77 -36.04 14.23
CA GLY B 246 -10.56 -36.75 13.24
C GLY B 246 -11.60 -35.90 12.52
N GLY B 247 -11.44 -34.58 12.58
CA GLY B 247 -12.34 -33.63 11.94
C GLY B 247 -13.76 -33.74 12.44
N ALA B 248 -13.92 -34.07 13.72
CA ALA B 248 -15.24 -34.23 14.31
C ALA B 248 -15.89 -32.89 14.63
N SER B 249 -17.22 -32.88 14.67
CA SER B 249 -17.99 -31.69 15.01
C SER B 249 -18.34 -31.69 16.51
N ILE B 250 -18.99 -30.62 17.03
CA ILE B 250 -19.44 -30.60 18.41
C ILE B 250 -20.58 -31.63 18.52
N ASN B 251 -20.51 -32.48 19.54
CA ASN B 251 -21.51 -33.54 19.69
C ASN B 251 -22.70 -33.11 20.56
N ILE B 252 -23.66 -32.42 19.96
CA ILE B 252 -24.85 -31.98 20.69
C ILE B 252 -25.89 -33.11 20.70
N ASP B 253 -26.30 -33.53 21.90
CA ASP B 253 -27.30 -34.58 22.05
C ASP B 253 -28.68 -34.12 21.52
N ARG B 254 -29.50 -35.07 21.08
CA ARG B 254 -30.84 -34.81 20.55
C ARG B 254 -31.71 -34.05 21.55
N PHE B 255 -31.65 -34.41 22.83
CA PHE B 255 -32.47 -33.78 23.86
C PHE B 255 -31.70 -32.79 24.72
N ALA B 256 -30.62 -32.19 24.20
CA ALA B 256 -29.83 -31.23 24.96
C ALA B 256 -30.56 -29.90 25.08
N PHE B 257 -31.20 -29.45 24.00
CA PHE B 257 -31.93 -28.18 24.01
C PHE B 257 -33.44 -28.36 24.18
N GLN B 258 -33.89 -29.52 24.73
CA GLN B 258 -35.33 -29.78 24.88
C GLN B 258 -36.00 -28.92 25.96
N ASN B 259 -35.22 -28.37 26.91
CA ASN B 259 -35.79 -27.53 27.97
C ASN B 259 -35.48 -26.04 27.81
N LEU B 260 -34.84 -25.62 26.68
CA LEU B 260 -34.55 -24.22 26.43
C LEU B 260 -35.67 -23.65 25.56
N THR B 261 -36.83 -23.42 26.16
CA THR B 261 -38.01 -22.92 25.45
C THR B 261 -37.94 -21.45 25.09
N GLN B 262 -37.27 -20.64 25.90
CA GLN B 262 -37.16 -19.20 25.64
C GLN B 262 -35.92 -18.80 24.83
N LEU B 263 -35.14 -19.78 24.32
CA LEU B 263 -33.93 -19.49 23.57
C LEU B 263 -34.21 -18.72 22.28
N ARG B 264 -33.58 -17.56 22.14
CA ARG B 264 -33.73 -16.69 20.98
C ARG B 264 -32.41 -16.45 20.23
N TYR B 265 -31.26 -16.74 20.84
CA TYR B 265 -29.97 -16.55 20.19
C TYR B 265 -29.10 -17.81 20.30
N LEU B 266 -28.93 -18.55 19.19
CA LEU B 266 -28.10 -19.75 19.21
C LEU B 266 -26.88 -19.57 18.31
N ASN B 267 -25.70 -19.47 18.90
CA ASN B 267 -24.46 -19.30 18.13
C ASN B 267 -23.70 -20.60 18.02
N LEU B 268 -23.81 -21.30 16.88
CA LEU B 268 -23.09 -22.54 16.64
C LEU B 268 -21.99 -22.37 15.59
N SER B 269 -21.39 -21.18 15.50
CA SER B 269 -20.34 -20.85 14.53
C SER B 269 -19.05 -21.61 14.78
N SER B 270 -18.31 -21.94 13.73
CA SER B 270 -17.03 -22.64 13.85
C SER B 270 -17.11 -23.90 14.74
N THR B 271 -18.07 -24.78 14.46
CA THR B 271 -18.25 -26.01 15.23
C THR B 271 -18.08 -27.29 14.37
N SER B 272 -17.60 -27.14 13.12
CA SER B 272 -17.36 -28.21 12.14
C SER B 272 -18.58 -29.09 11.89
N LEU B 273 -19.79 -28.58 12.14
CA LEU B 273 -21.03 -29.30 11.95
C LEU B 273 -21.26 -29.68 10.50
N ARG B 274 -21.61 -30.94 10.28
CA ARG B 274 -21.93 -31.43 8.95
C ARG B 274 -23.44 -31.71 8.80
N LYS B 275 -24.10 -32.07 9.92
CA LYS B 275 -25.53 -32.31 9.98
C LYS B 275 -26.15 -31.51 11.13
N ILE B 276 -27.33 -30.93 10.90
CA ILE B 276 -28.07 -30.17 11.91
C ILE B 276 -29.30 -30.99 12.28
N ASN B 277 -29.38 -31.48 13.53
CA ASN B 277 -30.51 -32.27 13.98
C ASN B 277 -31.72 -31.37 14.21
N ALA B 278 -32.84 -31.66 13.53
CA ALA B 278 -34.07 -30.88 13.65
C ALA B 278 -34.70 -30.95 15.05
N ALA B 279 -34.45 -32.06 15.77
CA ALA B 279 -34.94 -32.28 17.13
C ALA B 279 -34.46 -31.22 18.13
N TRP B 280 -33.35 -30.52 17.82
CA TRP B 280 -32.80 -29.47 18.66
C TRP B 280 -33.75 -28.27 18.76
N PHE B 281 -34.55 -28.02 17.71
CA PHE B 281 -35.44 -26.87 17.66
C PHE B 281 -36.91 -27.21 17.78
N LYS B 282 -37.25 -28.42 18.28
CA LYS B 282 -38.67 -28.79 18.42
C LYS B 282 -39.36 -27.98 19.52
N ASN B 283 -38.62 -27.72 20.61
CA ASN B 283 -39.15 -26.96 21.74
C ASN B 283 -38.50 -25.58 21.79
N MET B 284 -38.24 -24.98 20.61
CA MET B 284 -37.60 -23.66 20.51
C MET B 284 -38.41 -22.81 19.52
N PRO B 285 -39.63 -22.38 19.90
CA PRO B 285 -40.45 -21.62 18.95
C PRO B 285 -40.11 -20.13 18.82
N HIS B 286 -39.27 -19.59 19.72
CA HIS B 286 -38.94 -18.17 19.68
C HIS B 286 -37.58 -17.84 19.08
N LEU B 287 -36.78 -18.86 18.67
CA LEU B 287 -35.43 -18.67 18.10
C LEU B 287 -35.40 -17.60 17.02
N LYS B 288 -34.71 -16.48 17.30
CA LYS B 288 -34.64 -15.31 16.44
C LYS B 288 -33.34 -15.22 15.63
N VAL B 289 -32.20 -15.52 16.26
CA VAL B 289 -30.91 -15.44 15.57
C VAL B 289 -30.15 -16.77 15.61
N LEU B 290 -29.88 -17.34 14.44
CA LEU B 290 -29.15 -18.58 14.35
C LEU B 290 -27.86 -18.38 13.57
N ASP B 291 -26.73 -18.69 14.20
CA ASP B 291 -25.43 -18.51 13.60
C ASP B 291 -24.79 -19.86 13.27
N LEU B 292 -24.79 -20.23 12.00
CA LEU B 292 -24.19 -21.50 11.57
C LEU B 292 -23.01 -21.28 10.60
N GLU B 293 -22.30 -20.16 10.74
CA GLU B 293 -21.17 -19.86 9.90
C GLU B 293 -19.92 -20.67 10.26
N PHE B 294 -19.00 -20.85 9.30
CA PHE B 294 -17.75 -21.59 9.49
C PHE B 294 -17.98 -23.05 9.87
N ASN B 295 -18.87 -23.70 9.16
CA ASN B 295 -19.18 -25.11 9.35
C ASN B 295 -19.08 -25.85 7.98
N TYR B 296 -19.53 -27.10 7.89
CA TYR B 296 -19.51 -27.84 6.64
C TYR B 296 -20.94 -28.20 6.31
N LEU B 297 -21.78 -27.18 6.10
CA LEU B 297 -23.21 -27.38 5.88
C LEU B 297 -23.72 -27.14 4.46
N VAL B 298 -22.92 -27.46 3.42
CA VAL B 298 -23.40 -27.31 2.03
C VAL B 298 -24.57 -28.31 1.80
N GLY B 299 -24.43 -29.53 2.31
CA GLY B 299 -25.45 -30.55 2.22
C GLY B 299 -26.69 -30.19 3.02
N GLU B 300 -26.49 -29.57 4.19
CA GLU B 300 -27.62 -29.13 5.01
C GLU B 300 -28.36 -27.93 4.40
N ILE B 301 -27.67 -27.10 3.61
CA ILE B 301 -28.33 -25.98 2.93
C ILE B 301 -29.20 -26.50 1.76
N ALA B 302 -28.76 -27.60 1.12
CA ALA B 302 -29.47 -28.23 0.01
C ALA B 302 -30.71 -29.02 0.44
N SER B 303 -30.63 -29.77 1.54
CA SER B 303 -31.76 -30.57 2.01
C SER B 303 -32.51 -29.87 3.13
N GLY B 304 -31.81 -29.55 4.22
CA GLY B 304 -32.31 -28.81 5.37
C GLY B 304 -33.65 -29.22 5.96
N ALA B 305 -33.63 -30.21 6.85
CA ALA B 305 -34.84 -30.62 7.55
C ALA B 305 -35.17 -29.61 8.68
N PHE B 306 -34.13 -29.05 9.32
CA PHE B 306 -34.21 -28.08 10.40
C PHE B 306 -34.86 -26.74 10.00
N LEU B 307 -34.97 -26.45 8.70
CA LEU B 307 -35.57 -25.22 8.19
C LEU B 307 -37.07 -25.11 8.48
N THR B 308 -37.74 -26.25 8.63
CA THR B 308 -39.17 -26.28 8.96
C THR B 308 -39.43 -26.04 10.46
N MET B 309 -38.40 -26.09 11.31
CA MET B 309 -38.48 -25.90 12.76
C MET B 309 -38.24 -24.45 13.21
N LEU B 310 -37.99 -23.52 12.26
CA LEU B 310 -37.67 -22.13 12.63
C LEU B 310 -38.65 -21.12 12.01
N PRO B 311 -39.91 -21.08 12.48
CA PRO B 311 -40.88 -20.15 11.89
C PRO B 311 -40.77 -18.70 12.35
N ARG B 312 -40.01 -18.44 13.43
CA ARG B 312 -39.87 -17.09 13.95
C ARG B 312 -38.42 -16.56 13.88
N LEU B 313 -37.57 -17.20 13.06
CA LEU B 313 -36.17 -16.82 12.88
C LEU B 313 -36.09 -15.59 11.99
N GLU B 314 -35.37 -14.57 12.44
CA GLU B 314 -35.22 -13.33 11.67
C GLU B 314 -33.82 -13.21 11.04
N ILE B 315 -32.79 -13.72 11.72
CA ILE B 315 -31.43 -13.66 11.19
C ILE B 315 -30.81 -15.05 11.08
N LEU B 316 -30.49 -15.46 9.85
CA LEU B 316 -29.86 -16.74 9.59
C LEU B 316 -28.51 -16.48 8.92
N ASP B 317 -27.45 -17.07 9.45
CA ASP B 317 -26.12 -16.89 8.88
C ASP B 317 -25.49 -18.24 8.56
N LEU B 318 -25.31 -18.54 7.27
CA LEU B 318 -24.67 -19.78 6.85
C LEU B 318 -23.37 -19.48 6.09
N SER B 319 -22.66 -18.39 6.48
CA SER B 319 -21.44 -17.97 5.82
C SER B 319 -20.26 -18.93 5.97
N PHE B 320 -19.36 -18.92 4.98
CA PHE B 320 -18.15 -19.71 4.92
C PHE B 320 -18.37 -21.17 5.27
N ASN B 321 -19.32 -21.78 4.57
CA ASN B 321 -19.65 -23.20 4.71
C ASN B 321 -19.24 -24.03 3.48
N TYR B 322 -18.45 -23.44 2.57
CA TYR B 322 -17.96 -24.01 1.33
C TYR B 322 -17.25 -25.37 1.46
N ILE B 323 -17.26 -26.14 0.37
CA ILE B 323 -16.53 -27.39 0.28
C ILE B 323 -15.18 -26.99 -0.32
N LYS B 324 -14.08 -27.31 0.37
CA LYS B 324 -12.75 -26.96 -0.10
C LYS B 324 -12.40 -27.71 -1.38
N GLY B 325 -11.96 -26.97 -2.39
CA GLY B 325 -11.56 -27.55 -3.66
C GLY B 325 -12.64 -27.70 -4.70
N SER B 326 -13.83 -27.14 -4.45
CA SER B 326 -14.93 -27.23 -5.40
C SER B 326 -15.57 -25.88 -5.67
N TYR B 327 -15.95 -25.66 -6.92
CA TYR B 327 -16.54 -24.43 -7.43
C TYR B 327 -17.83 -24.81 -8.18
N PRO B 328 -18.93 -25.12 -7.46
CA PRO B 328 -20.16 -25.54 -8.15
C PRO B 328 -20.76 -24.46 -9.03
N GLN B 329 -21.45 -24.87 -10.09
CA GLN B 329 -22.07 -23.94 -11.04
C GLN B 329 -23.18 -23.14 -10.40
N HIS B 330 -24.00 -23.77 -9.55
CA HIS B 330 -25.12 -23.09 -8.91
C HIS B 330 -25.17 -23.30 -7.41
N ILE B 331 -25.87 -22.42 -6.70
CA ILE B 331 -26.06 -22.54 -5.26
C ILE B 331 -27.28 -23.43 -5.04
N ASN B 332 -27.14 -24.45 -4.19
CA ASN B 332 -28.24 -25.38 -3.94
C ASN B 332 -29.01 -24.97 -2.70
N ILE B 333 -30.12 -24.24 -2.89
CA ILE B 333 -30.96 -23.76 -1.79
C ILE B 333 -32.19 -24.68 -1.68
N SER B 334 -32.38 -25.28 -0.49
CA SER B 334 -33.52 -26.16 -0.21
C SER B 334 -34.84 -25.45 -0.38
N ARG B 335 -35.88 -26.18 -0.80
CA ARG B 335 -37.22 -25.62 -0.90
C ARG B 335 -37.74 -25.23 0.49
N ASN B 336 -37.29 -25.94 1.56
CA ASN B 336 -37.65 -25.66 2.95
C ASN B 336 -37.25 -24.26 3.43
N PHE B 337 -36.44 -23.52 2.64
CA PHE B 337 -36.08 -22.12 2.95
C PHE B 337 -37.34 -21.22 2.90
N SER B 338 -38.38 -21.63 2.15
CA SER B 338 -39.66 -20.93 2.05
C SER B 338 -40.45 -20.98 3.38
N LYS B 339 -40.14 -21.94 4.27
CA LYS B 339 -40.80 -22.08 5.56
C LYS B 339 -40.24 -21.10 6.63
N LEU B 340 -39.17 -20.34 6.30
CA LEU B 340 -38.58 -19.33 7.20
C LEU B 340 -39.38 -18.03 7.02
N LEU B 341 -40.66 -18.08 7.40
CA LEU B 341 -41.64 -17.01 7.24
C LEU B 341 -41.30 -15.70 7.93
N SER B 342 -40.47 -15.74 8.99
CA SER B 342 -40.09 -14.51 9.68
C SER B 342 -38.73 -13.94 9.27
N LEU B 343 -38.03 -14.59 8.31
CA LEU B 343 -36.69 -14.20 7.88
C LEU B 343 -36.59 -12.76 7.42
N ARG B 344 -35.58 -12.05 7.90
CA ARG B 344 -35.31 -10.65 7.55
C ARG B 344 -33.96 -10.52 6.90
N ALA B 345 -32.95 -11.24 7.40
CA ALA B 345 -31.61 -11.18 6.85
C ALA B 345 -31.00 -12.56 6.61
N LEU B 346 -30.56 -12.79 5.37
CA LEU B 346 -29.91 -14.04 4.99
C LEU B 346 -28.46 -13.75 4.66
N HIS B 347 -27.54 -14.34 5.43
CA HIS B 347 -26.12 -14.15 5.18
C HIS B 347 -25.59 -15.44 4.59
N LEU B 348 -25.19 -15.39 3.32
CA LEU B 348 -24.72 -16.55 2.60
C LEU B 348 -23.36 -16.30 1.93
N ARG B 349 -22.43 -15.69 2.67
CA ARG B 349 -21.08 -15.46 2.15
C ARG B 349 -20.28 -16.77 2.12
N GLY B 350 -19.17 -16.78 1.40
CA GLY B 350 -18.26 -17.93 1.35
C GLY B 350 -18.85 -19.29 0.99
N TYR B 351 -19.95 -19.33 0.24
CA TYR B 351 -20.50 -20.60 -0.24
C TYR B 351 -19.65 -21.09 -1.44
N VAL B 352 -19.15 -20.13 -2.26
CA VAL B 352 -18.30 -20.32 -3.43
C VAL B 352 -19.05 -21.01 -4.56
N PHE B 353 -19.67 -20.22 -5.44
CA PHE B 353 -20.42 -20.72 -6.59
C PHE B 353 -20.28 -19.80 -7.81
N GLN B 354 -20.39 -20.37 -9.02
CA GLN B 354 -20.17 -19.63 -10.26
C GLN B 354 -21.34 -18.80 -10.79
N GLU B 355 -22.59 -19.20 -10.53
CA GLU B 355 -23.73 -18.49 -11.12
C GLU B 355 -24.97 -18.46 -10.27
N LEU B 356 -25.62 -17.28 -10.20
CA LEU B 356 -26.87 -17.15 -9.48
C LEU B 356 -28.03 -17.06 -10.46
N ARG B 357 -28.79 -18.15 -10.59
CA ARG B 357 -29.93 -18.24 -11.50
C ARG B 357 -31.21 -17.76 -10.82
N GLU B 358 -32.23 -17.41 -11.62
CA GLU B 358 -33.52 -16.99 -11.06
C GLU B 358 -34.17 -18.13 -10.27
N ASP B 359 -34.12 -19.37 -10.80
CA ASP B 359 -34.71 -20.51 -10.11
C ASP B 359 -33.96 -20.95 -8.84
N ASP B 360 -32.69 -20.52 -8.68
CA ASP B 360 -31.91 -20.89 -7.50
C ASP B 360 -32.48 -20.23 -6.24
N PHE B 361 -32.95 -18.98 -6.36
CA PHE B 361 -33.48 -18.22 -5.24
C PHE B 361 -35.01 -18.16 -5.20
N GLN B 362 -35.70 -19.15 -5.78
CA GLN B 362 -37.15 -19.20 -5.75
C GLN B 362 -37.74 -19.38 -4.34
N PRO B 363 -37.18 -20.23 -3.43
CA PRO B 363 -37.78 -20.35 -2.08
C PRO B 363 -37.81 -19.05 -1.29
N LEU B 364 -36.87 -18.14 -1.55
CA LEU B 364 -36.79 -16.86 -0.84
C LEU B 364 -37.74 -15.78 -1.36
N MET B 365 -38.27 -15.94 -2.57
CA MET B 365 -39.11 -14.92 -3.20
C MET B 365 -40.47 -14.66 -2.54
N GLN B 366 -41.03 -15.64 -1.81
CA GLN B 366 -42.32 -15.42 -1.16
C GLN B 366 -42.22 -15.06 0.34
N LEU B 367 -41.00 -14.82 0.86
CA LEU B 367 -40.81 -14.43 2.25
C LEU B 367 -41.21 -12.95 2.40
N PRO B 368 -42.17 -12.65 3.27
CA PRO B 368 -42.68 -11.29 3.37
C PRO B 368 -41.76 -10.24 3.97
N ASN B 369 -40.82 -10.64 4.84
CA ASN B 369 -39.96 -9.68 5.52
C ASN B 369 -38.47 -9.76 5.16
N LEU B 370 -38.08 -10.56 4.17
CA LEU B 370 -36.67 -10.69 3.79
C LEU B 370 -36.16 -9.42 3.12
N SER B 371 -35.41 -8.60 3.87
CA SER B 371 -34.89 -7.32 3.37
C SER B 371 -33.41 -7.32 3.03
N THR B 372 -32.64 -8.27 3.58
CA THR B 372 -31.21 -8.32 3.33
C THR B 372 -30.73 -9.65 2.78
N ILE B 373 -30.03 -9.60 1.64
CA ILE B 373 -29.42 -10.78 1.05
C ILE B 373 -27.92 -10.51 0.96
N ASN B 374 -27.15 -11.23 1.76
CA ASN B 374 -25.71 -11.06 1.79
C ASN B 374 -25.09 -12.18 0.97
N LEU B 375 -24.44 -11.83 -0.13
CA LEU B 375 -23.79 -12.83 -0.98
C LEU B 375 -22.33 -12.46 -1.28
N GLY B 376 -21.67 -11.80 -0.34
CA GLY B 376 -20.27 -11.40 -0.51
C GLY B 376 -19.30 -12.57 -0.52
N ILE B 377 -18.11 -12.36 -1.09
CA ILE B 377 -17.04 -13.38 -1.15
C ILE B 377 -17.56 -14.75 -1.65
N ASN B 378 -18.22 -14.76 -2.80
CA ASN B 378 -18.76 -15.99 -3.37
C ASN B 378 -18.16 -16.35 -4.73
N PHE B 379 -17.33 -15.45 -5.32
CA PHE B 379 -16.66 -15.62 -6.60
C PHE B 379 -17.64 -15.85 -7.75
N ILE B 380 -18.85 -15.25 -7.66
CA ILE B 380 -19.88 -15.41 -8.68
C ILE B 380 -19.51 -14.73 -9.98
N LYS B 381 -19.44 -15.49 -11.08
CA LYS B 381 -19.10 -14.95 -12.38
C LYS B 381 -20.26 -14.16 -12.97
N GLN B 382 -21.48 -14.69 -12.88
CA GLN B 382 -22.65 -14.01 -13.43
C GLN B 382 -23.92 -14.22 -12.61
N ILE B 383 -24.73 -13.17 -12.50
CA ILE B 383 -25.99 -13.19 -11.78
C ILE B 383 -27.11 -12.82 -12.73
N ASP B 384 -28.24 -13.53 -12.65
CA ASP B 384 -29.41 -13.19 -13.44
C ASP B 384 -30.11 -12.10 -12.64
N PHE B 385 -29.69 -10.83 -12.79
CA PHE B 385 -30.20 -9.70 -12.01
C PHE B 385 -31.71 -9.47 -12.09
N LYS B 386 -32.41 -10.15 -12.99
CA LYS B 386 -33.86 -10.06 -13.11
C LYS B 386 -34.57 -10.64 -11.87
N LEU B 387 -33.92 -11.60 -11.16
CA LEU B 387 -34.48 -12.26 -9.98
C LEU B 387 -34.73 -11.31 -8.82
N PHE B 388 -33.99 -10.21 -8.73
CA PHE B 388 -34.16 -9.25 -7.63
C PHE B 388 -35.48 -8.49 -7.70
N GLN B 389 -36.03 -8.30 -8.91
CA GLN B 389 -37.34 -7.69 -9.10
C GLN B 389 -38.44 -8.57 -8.51
N ASN B 390 -38.25 -9.89 -8.57
CA ASN B 390 -39.16 -10.90 -8.08
C ASN B 390 -39.24 -11.00 -6.54
N PHE B 391 -38.53 -10.12 -5.81
CA PHE B 391 -38.57 -10.09 -4.35
C PHE B 391 -39.57 -9.06 -3.84
N SER B 392 -40.16 -9.29 -2.67
CA SER B 392 -41.18 -8.40 -2.13
C SER B 392 -40.63 -7.18 -1.35
N ASN B 393 -39.77 -7.40 -0.34
CA ASN B 393 -39.27 -6.30 0.49
C ASN B 393 -37.74 -6.19 0.52
N LEU B 394 -37.06 -6.43 -0.62
CA LEU B 394 -35.59 -6.32 -0.65
C LEU B 394 -35.10 -4.89 -0.53
N GLU B 395 -34.29 -4.62 0.48
CA GLU B 395 -33.73 -3.29 0.70
C GLU B 395 -32.20 -3.28 0.55
N ILE B 396 -31.53 -4.41 0.83
CA ILE B 396 -30.08 -4.49 0.73
C ILE B 396 -29.63 -5.73 -0.06
N ILE B 397 -28.94 -5.52 -1.18
CA ILE B 397 -28.40 -6.62 -1.97
C ILE B 397 -26.89 -6.47 -1.93
N TYR B 398 -26.22 -7.25 -1.09
CA TYR B 398 -24.78 -7.16 -0.92
C TYR B 398 -24.06 -8.16 -1.82
N LEU B 399 -23.40 -7.67 -2.88
CA LEU B 399 -22.69 -8.54 -3.81
C LEU B 399 -21.19 -8.23 -3.89
N SER B 400 -20.63 -7.56 -2.88
CA SER B 400 -19.22 -7.20 -2.86
C SER B 400 -18.29 -8.41 -2.90
N GLU B 401 -17.08 -8.22 -3.47
CA GLU B 401 -16.07 -9.27 -3.60
C GLU B 401 -16.57 -10.47 -4.39
N ASN B 402 -17.05 -10.22 -5.61
CA ASN B 402 -17.49 -11.24 -6.56
C ASN B 402 -16.82 -11.04 -7.94
N ARG B 403 -17.15 -11.86 -8.95
CA ARG B 403 -16.53 -11.74 -10.27
C ARG B 403 -17.50 -11.27 -11.36
N ILE B 404 -18.39 -10.31 -11.06
CA ILE B 404 -19.33 -9.78 -12.04
C ILE B 404 -18.57 -9.02 -13.13
N SER B 405 -18.84 -9.35 -14.40
CA SER B 405 -18.16 -8.77 -15.56
C SER B 405 -19.06 -7.74 -16.31
N PRO B 406 -18.53 -6.94 -17.27
CA PRO B 406 -19.38 -6.01 -18.02
C PRO B 406 -20.48 -6.72 -18.83
N LEU B 407 -21.65 -6.05 -18.93
CA LEU B 407 -22.89 -6.49 -19.58
C LEU B 407 -23.41 -7.80 -18.97
N ASP B 436 -9.98 -7.50 20.28
CA ASP B 436 -11.10 -7.05 21.10
C ASP B 436 -11.99 -8.21 21.52
N PRO B 437 -11.96 -8.58 22.81
CA PRO B 437 -12.81 -9.68 23.27
C PRO B 437 -14.29 -9.33 23.39
N HIS B 438 -14.64 -8.03 23.39
CA HIS B 438 -16.02 -7.58 23.48
C HIS B 438 -16.60 -7.40 22.07
N SER B 439 -16.29 -8.33 21.16
CA SER B 439 -16.75 -8.24 19.79
C SER B 439 -17.30 -9.56 19.24
N ASN B 440 -18.19 -9.48 18.24
CA ASN B 440 -18.73 -10.66 17.59
C ASN B 440 -17.66 -11.11 16.60
N PHE B 441 -16.89 -12.14 16.94
CA PHE B 441 -15.78 -12.61 16.11
C PHE B 441 -16.20 -13.31 14.83
N TYR B 442 -17.39 -13.91 14.80
CA TYR B 442 -17.81 -14.69 13.63
C TYR B 442 -18.79 -13.98 12.70
N HIS B 443 -19.55 -13.00 13.19
CA HIS B 443 -20.53 -12.30 12.37
C HIS B 443 -20.19 -10.82 12.29
N PHE B 444 -20.28 -10.22 11.09
CA PHE B 444 -19.98 -8.80 10.91
C PHE B 444 -21.11 -7.92 11.46
N THR B 445 -20.82 -7.14 12.51
CA THR B 445 -21.81 -6.27 13.14
C THR B 445 -22.00 -4.97 12.36
N ARG B 446 -20.94 -4.45 11.73
CA ARG B 446 -20.96 -3.24 10.91
C ARG B 446 -22.00 -3.35 9.80
N PRO B 447 -22.67 -2.23 9.45
CA PRO B 447 -23.67 -2.29 8.38
C PRO B 447 -23.02 -2.63 7.04
N LEU B 448 -23.64 -3.53 6.26
CA LEU B 448 -23.14 -3.96 4.96
C LEU B 448 -22.99 -2.78 4.00
N ILE B 449 -23.99 -1.88 4.00
CA ILE B 449 -23.97 -0.66 3.20
C ILE B 449 -23.91 0.51 4.18
N LYS B 450 -23.19 1.59 3.85
CA LYS B 450 -23.10 2.75 4.73
C LYS B 450 -24.50 3.35 4.94
N PRO B 451 -24.91 3.54 6.21
CA PRO B 451 -26.27 4.04 6.48
C PRO B 451 -26.74 5.24 5.68
N GLN B 452 -25.82 6.17 5.37
CA GLN B 452 -26.09 7.37 4.57
C GLN B 452 -26.58 7.00 3.18
N CYS B 453 -26.03 5.93 2.60
CA CYS B 453 -26.40 5.41 1.29
C CYS B 453 -27.73 4.66 1.35
N ALA B 454 -27.84 3.70 2.28
CA ALA B 454 -29.03 2.86 2.48
C ALA B 454 -30.28 3.64 2.85
N ALA B 455 -30.13 4.83 3.45
CA ALA B 455 -31.27 5.67 3.82
C ALA B 455 -32.04 6.19 2.60
N TYR B 456 -31.41 6.22 1.42
CA TYR B 456 -32.07 6.70 0.21
C TYR B 456 -33.07 5.71 -0.40
N GLY B 457 -32.92 4.43 -0.10
CA GLY B 457 -33.81 3.41 -0.63
C GLY B 457 -33.12 2.08 -0.85
N LYS B 458 -33.50 1.37 -1.93
CA LYS B 458 -32.90 0.07 -2.26
C LYS B 458 -31.42 0.23 -2.53
N ALA B 459 -30.60 -0.61 -1.92
CA ALA B 459 -29.16 -0.54 -2.04
C ALA B 459 -28.61 -1.78 -2.73
N LEU B 460 -27.68 -1.57 -3.66
CA LEU B 460 -27.02 -2.65 -4.38
C LEU B 460 -25.51 -2.42 -4.28
N ASP B 461 -24.79 -3.36 -3.68
CA ASP B 461 -23.34 -3.21 -3.54
C ASP B 461 -22.60 -4.11 -4.50
N LEU B 462 -22.13 -3.57 -5.62
CA LEU B 462 -21.36 -4.34 -6.59
C LEU B 462 -19.87 -3.96 -6.55
N SER B 463 -19.37 -3.47 -5.40
CA SER B 463 -17.96 -3.10 -5.27
C SER B 463 -17.04 -4.34 -5.27
N LEU B 464 -15.74 -4.13 -5.52
CA LEU B 464 -14.73 -5.18 -5.53
C LEU B 464 -15.11 -6.34 -6.45
N ASN B 465 -15.71 -6.01 -7.59
CA ASN B 465 -16.10 -6.98 -8.61
C ASN B 465 -15.16 -6.85 -9.83
N SER B 466 -15.48 -7.48 -10.97
CA SER B 466 -14.62 -7.40 -12.15
C SER B 466 -15.21 -6.51 -13.25
N ILE B 467 -15.98 -5.50 -12.87
CA ILE B 467 -16.61 -4.59 -13.82
C ILE B 467 -15.57 -3.56 -14.28
N PHE B 468 -14.73 -3.94 -15.26
CA PHE B 468 -13.67 -3.04 -15.74
C PHE B 468 -14.20 -1.88 -16.63
N PHE B 469 -15.47 -1.93 -17.01
CA PHE B 469 -16.19 -0.88 -17.74
C PHE B 469 -17.70 -1.15 -17.63
N ILE B 470 -18.51 -0.10 -17.60
CA ILE B 470 -19.96 -0.26 -17.50
C ILE B 470 -20.54 -0.73 -18.82
N GLY B 471 -20.98 -1.98 -18.85
CA GLY B 471 -21.56 -2.56 -20.05
C GLY B 471 -22.89 -1.94 -20.42
N PRO B 472 -23.33 -2.11 -21.68
CA PRO B 472 -24.62 -1.50 -22.08
C PRO B 472 -25.84 -2.13 -21.41
N ASN B 473 -25.75 -3.41 -21.02
CA ASN B 473 -26.85 -4.10 -20.33
C ASN B 473 -26.54 -4.32 -18.84
N GLN B 474 -25.59 -3.55 -18.26
CA GLN B 474 -25.13 -3.69 -16.89
C GLN B 474 -26.22 -3.62 -15.84
N PHE B 475 -27.16 -2.70 -16.00
CA PHE B 475 -28.19 -2.51 -14.97
C PHE B 475 -29.60 -2.82 -15.45
N GLU B 476 -29.75 -3.59 -16.54
CA GLU B 476 -31.08 -3.96 -17.02
C GLU B 476 -31.72 -4.99 -16.09
N ASN B 477 -33.05 -4.93 -15.95
CA ASN B 477 -33.84 -5.83 -15.10
C ASN B 477 -33.53 -5.71 -13.61
N LEU B 478 -33.05 -4.54 -13.18
CA LEU B 478 -32.74 -4.30 -11.77
C LEU B 478 -33.89 -3.53 -11.11
N PRO B 479 -34.11 -3.71 -9.79
CA PRO B 479 -35.17 -2.92 -9.12
C PRO B 479 -34.90 -1.41 -9.15
N ASP B 480 -35.79 -0.59 -8.55
CA ASP B 480 -35.59 0.86 -8.51
C ASP B 480 -34.49 1.17 -7.50
N ILE B 481 -33.23 1.10 -7.94
CA ILE B 481 -32.06 1.30 -7.12
C ILE B 481 -31.85 2.76 -6.75
N ALA B 482 -31.70 3.04 -5.45
CA ALA B 482 -31.45 4.39 -4.96
C ALA B 482 -30.01 4.58 -4.41
N CYS B 483 -29.34 3.48 -4.08
CA CYS B 483 -27.98 3.50 -3.55
C CYS B 483 -27.19 2.46 -4.33
N LEU B 484 -26.10 2.87 -4.98
CA LEU B 484 -25.28 1.95 -5.76
C LEU B 484 -23.80 2.07 -5.42
N ASN B 485 -23.13 0.93 -5.22
CA ASN B 485 -21.70 0.93 -4.94
C ASN B 485 -20.92 0.23 -6.04
N LEU B 486 -20.15 0.98 -6.81
CA LEU B 486 -19.28 0.41 -7.83
C LEU B 486 -17.80 0.66 -7.52
N SER B 487 -17.46 0.75 -6.23
CA SER B 487 -16.12 1.00 -5.74
C SER B 487 -15.12 -0.10 -6.10
N ALA B 488 -13.83 0.25 -6.21
CA ALA B 488 -12.72 -0.66 -6.47
C ALA B 488 -13.02 -1.73 -7.54
N ASN B 489 -13.48 -1.29 -8.69
CA ASN B 489 -13.79 -2.20 -9.80
C ASN B 489 -12.85 -2.05 -10.99
N SER B 490 -11.79 -1.20 -10.88
CA SER B 490 -10.86 -0.90 -11.98
C SER B 490 -11.62 -0.41 -13.22
N ASN B 491 -12.74 0.30 -13.01
CA ASN B 491 -13.62 0.74 -14.07
C ASN B 491 -13.03 1.91 -14.82
N ALA B 492 -12.67 1.70 -16.08
CA ALA B 492 -12.09 2.76 -16.90
C ALA B 492 -13.13 3.33 -17.88
N GLN B 493 -14.40 3.36 -17.48
CA GLN B 493 -15.50 3.86 -18.29
C GLN B 493 -15.40 5.34 -18.65
N VAL B 494 -15.64 5.67 -19.91
CA VAL B 494 -15.70 7.05 -20.34
C VAL B 494 -17.18 7.39 -20.21
N LEU B 495 -17.56 8.02 -19.10
CA LEU B 495 -18.95 8.39 -18.82
C LEU B 495 -19.47 9.41 -19.83
N SER B 496 -20.52 9.02 -20.57
CA SER B 496 -21.10 9.84 -21.63
C SER B 496 -22.54 10.31 -21.37
N GLY B 497 -23.19 9.78 -20.33
CA GLY B 497 -24.55 10.17 -19.99
C GLY B 497 -25.63 9.16 -20.26
N THR B 498 -25.25 7.92 -20.59
CA THR B 498 -26.20 6.85 -20.92
C THR B 498 -25.92 5.51 -20.21
N GLU B 499 -24.97 5.48 -19.27
CA GLU B 499 -24.59 4.25 -18.58
C GLU B 499 -25.56 3.80 -17.48
N PHE B 500 -26.16 4.74 -16.76
CA PHE B 500 -27.10 4.44 -15.68
C PHE B 500 -28.54 4.78 -16.10
N SER B 501 -28.89 4.55 -17.37
CA SER B 501 -30.24 4.85 -17.85
C SER B 501 -31.28 3.85 -17.31
N ALA B 502 -30.87 2.62 -17.02
CA ALA B 502 -31.78 1.59 -16.53
C ALA B 502 -32.12 1.76 -15.03
N ILE B 503 -31.32 2.53 -14.29
CA ILE B 503 -31.56 2.83 -12.88
C ILE B 503 -31.35 4.34 -12.69
N PRO B 504 -32.28 5.19 -13.18
CA PRO B 504 -32.04 6.64 -13.12
C PRO B 504 -32.43 7.34 -11.83
N HIS B 505 -32.91 6.59 -10.82
CA HIS B 505 -33.29 7.21 -9.55
C HIS B 505 -32.26 7.00 -8.44
N VAL B 506 -30.99 6.82 -8.81
CA VAL B 506 -29.91 6.63 -7.85
C VAL B 506 -29.60 7.97 -7.20
N LYS B 507 -29.79 8.06 -5.88
CA LYS B 507 -29.52 9.29 -5.14
C LYS B 507 -28.15 9.29 -4.45
N TYR B 508 -27.52 8.12 -4.28
CA TYR B 508 -26.20 8.02 -3.66
C TYR B 508 -25.36 7.08 -4.50
N LEU B 509 -24.33 7.60 -5.17
CA LEU B 509 -23.48 6.79 -6.03
C LEU B 509 -22.03 6.76 -5.56
N ASP B 510 -21.51 5.58 -5.25
CA ASP B 510 -20.13 5.43 -4.81
C ASP B 510 -19.31 4.86 -5.97
N LEU B 511 -18.42 5.67 -6.54
CA LEU B 511 -17.57 5.25 -7.64
C LEU B 511 -16.09 5.37 -7.25
N THR B 512 -15.76 5.23 -5.97
CA THR B 512 -14.39 5.37 -5.49
C THR B 512 -13.44 4.29 -5.99
N ASN B 513 -12.13 4.59 -6.00
CA ASN B 513 -11.08 3.65 -6.40
C ASN B 513 -11.27 3.06 -7.79
N ASN B 514 -11.52 3.92 -8.77
CA ASN B 514 -11.71 3.51 -10.17
C ASN B 514 -10.86 4.40 -11.12
N ARG B 515 -10.90 4.12 -12.43
CA ARG B 515 -10.15 4.88 -13.41
C ARG B 515 -11.13 5.58 -14.37
N LEU B 516 -12.25 6.09 -13.83
CA LEU B 516 -13.29 6.73 -14.61
C LEU B 516 -12.88 8.00 -15.34
N ASP B 517 -13.54 8.26 -16.47
CA ASP B 517 -13.33 9.44 -17.28
C ASP B 517 -14.65 10.19 -17.26
N PHE B 518 -14.69 11.33 -16.57
CA PHE B 518 -15.90 12.14 -16.52
C PHE B 518 -15.68 13.54 -17.11
N ASP B 519 -14.84 13.62 -18.16
CA ASP B 519 -14.55 14.88 -18.85
C ASP B 519 -15.71 15.39 -19.72
N ASN B 520 -16.66 14.51 -20.06
CA ASN B 520 -17.82 14.88 -20.84
C ASN B 520 -18.79 15.68 -19.96
N ALA B 521 -19.43 16.71 -20.54
CA ALA B 521 -20.40 17.51 -19.79
C ALA B 521 -21.69 16.72 -19.46
N SER B 522 -21.97 15.65 -20.22
CA SER B 522 -23.15 14.82 -19.98
C SER B 522 -22.90 13.67 -18.98
N ALA B 523 -21.67 13.51 -18.48
CA ALA B 523 -21.36 12.43 -17.54
C ALA B 523 -22.27 12.39 -16.31
N LEU B 524 -22.93 11.24 -16.08
CA LEU B 524 -23.81 10.97 -14.95
C LEU B 524 -25.11 11.80 -14.92
N THR B 525 -25.31 12.71 -15.88
CA THR B 525 -26.48 13.59 -15.92
C THR B 525 -27.82 12.86 -16.01
N GLU B 526 -27.82 11.59 -16.46
CA GLU B 526 -29.03 10.77 -16.51
C GLU B 526 -29.60 10.46 -15.10
N LEU B 527 -28.79 10.68 -14.04
CA LEU B 527 -29.20 10.49 -12.66
C LEU B 527 -29.66 11.86 -12.14
N SER B 528 -30.83 12.28 -12.57
CA SER B 528 -31.39 13.59 -12.20
C SER B 528 -31.64 13.78 -10.70
N ASP B 529 -31.90 12.70 -9.96
CA ASP B 529 -32.15 12.80 -8.51
C ASP B 529 -30.90 12.56 -7.66
N LEU B 530 -29.70 12.53 -8.26
CA LEU B 530 -28.44 12.28 -7.57
C LEU B 530 -28.14 13.36 -6.54
N GLU B 531 -27.91 12.95 -5.29
CA GLU B 531 -27.62 13.85 -4.18
C GLU B 531 -26.20 13.69 -3.64
N VAL B 532 -25.65 12.47 -3.67
CA VAL B 532 -24.28 12.24 -3.16
C VAL B 532 -23.42 11.53 -4.20
N LEU B 533 -22.34 12.15 -4.65
CA LEU B 533 -21.44 11.54 -5.61
C LEU B 533 -20.05 11.37 -4.99
N ASP B 534 -19.56 10.13 -4.94
CA ASP B 534 -18.26 9.85 -4.35
C ASP B 534 -17.28 9.38 -5.40
N LEU B 535 -16.30 10.24 -5.74
CA LEU B 535 -15.32 9.92 -6.76
C LEU B 535 -13.90 9.87 -6.21
N SER B 536 -13.73 9.57 -4.91
CA SER B 536 -12.42 9.49 -4.27
C SER B 536 -11.46 8.51 -4.92
N TYR B 537 -10.16 8.84 -4.94
CA TYR B 537 -9.08 8.01 -5.47
C TYR B 537 -9.27 7.62 -6.93
N ASN B 538 -9.83 8.54 -7.72
CA ASN B 538 -10.05 8.28 -9.13
C ASN B 538 -8.83 8.68 -9.93
N SER B 539 -8.16 7.70 -10.56
CA SER B 539 -6.96 7.95 -11.35
C SER B 539 -7.29 8.15 -12.83
N HIS B 549 -8.60 17.71 -16.93
CA HIS B 549 -9.90 17.54 -16.27
C HIS B 549 -10.96 18.50 -16.80
N HIS B 550 -12.24 18.11 -16.69
CA HIS B 550 -13.34 18.94 -17.16
C HIS B 550 -14.56 18.65 -16.29
N LEU B 551 -14.81 19.51 -15.30
CA LEU B 551 -15.88 19.31 -14.33
C LEU B 551 -17.18 20.06 -14.65
N GLU B 552 -17.59 20.07 -15.92
CA GLU B 552 -18.81 20.76 -16.33
C GLU B 552 -20.08 20.01 -15.93
N PHE B 553 -20.03 18.68 -15.89
CA PHE B 553 -21.18 17.84 -15.56
C PHE B 553 -21.90 18.20 -14.25
N ILE B 554 -21.15 18.73 -13.26
CA ILE B 554 -21.63 19.11 -11.94
C ILE B 554 -22.78 20.12 -11.94
N GLN B 555 -22.74 21.12 -12.83
CA GLN B 555 -23.79 22.15 -12.87
C GLN B 555 -25.15 21.65 -13.38
N ASN B 556 -25.18 20.52 -14.10
CA ASN B 556 -26.43 19.98 -14.63
C ASN B 556 -27.33 19.39 -13.53
N PHE B 557 -26.75 18.97 -12.40
CA PHE B 557 -27.51 18.39 -11.31
C PHE B 557 -28.28 19.43 -10.50
N THR B 558 -29.59 19.27 -10.40
CA THR B 558 -30.48 20.18 -9.67
C THR B 558 -30.60 19.85 -8.18
N ASN B 559 -30.19 18.64 -7.76
CA ASN B 559 -30.32 18.24 -6.36
C ASN B 559 -29.04 17.61 -5.78
N LEU B 560 -27.88 17.83 -6.41
CA LEU B 560 -26.62 17.29 -5.91
C LEU B 560 -26.22 18.10 -4.68
N LYS B 561 -26.05 17.44 -3.54
CA LYS B 561 -25.69 18.10 -2.28
C LYS B 561 -24.24 17.83 -1.87
N VAL B 562 -23.76 16.59 -1.99
CA VAL B 562 -22.40 16.24 -1.58
C VAL B 562 -21.56 15.69 -2.72
N LEU B 563 -20.40 16.29 -2.96
CA LEU B 563 -19.49 15.84 -4.00
C LEU B 563 -18.10 15.61 -3.40
N ASN B 564 -17.54 14.41 -3.58
CA ASN B 564 -16.22 14.10 -3.04
C ASN B 564 -15.23 13.80 -4.17
N LEU B 565 -14.34 14.75 -4.46
CA LEU B 565 -13.31 14.59 -5.48
C LEU B 565 -11.92 14.39 -4.85
N SER B 566 -11.86 13.77 -3.66
CA SER B 566 -10.58 13.60 -2.97
C SER B 566 -9.62 12.65 -3.67
N HIS B 567 -8.33 12.98 -3.62
CA HIS B 567 -7.23 12.22 -4.21
C HIS B 567 -7.44 11.88 -5.69
N ASN B 568 -7.93 12.86 -6.47
CA ASN B 568 -8.10 12.68 -7.91
C ASN B 568 -6.92 13.22 -8.73
N ASN B 569 -5.93 13.86 -8.06
CA ASN B 569 -4.75 14.45 -8.68
C ASN B 569 -5.16 15.49 -9.70
N ILE B 570 -6.06 16.39 -9.30
CA ILE B 570 -6.53 17.44 -10.19
C ILE B 570 -5.55 18.60 -10.16
N TYR B 571 -4.72 18.68 -11.19
CA TYR B 571 -3.76 19.78 -11.30
C TYR B 571 -4.06 20.73 -12.47
N THR B 572 -5.00 20.36 -13.37
CA THR B 572 -5.36 21.19 -14.50
C THR B 572 -6.86 21.09 -14.81
N LEU B 573 -7.46 22.21 -15.20
CA LEU B 573 -8.88 22.24 -15.56
C LEU B 573 -9.04 22.86 -16.95
N THR B 574 -9.89 22.27 -17.80
CA THR B 574 -10.11 22.75 -19.15
C THR B 574 -11.44 23.49 -19.34
N ASP B 575 -11.51 24.35 -20.38
CA ASP B 575 -12.64 25.18 -20.83
C ASP B 575 -13.41 25.90 -19.68
N LYS B 576 -14.35 25.21 -18.99
CA LYS B 576 -15.08 25.79 -17.88
C LYS B 576 -14.19 25.73 -16.66
N TYR B 577 -13.36 26.78 -16.46
CA TYR B 577 -12.43 26.85 -15.33
C TYR B 577 -13.12 26.99 -13.95
N ASN B 578 -14.45 27.22 -13.95
CA ASN B 578 -15.24 27.37 -12.74
C ASN B 578 -16.11 26.13 -12.50
N LEU B 579 -16.34 25.82 -11.23
CA LEU B 579 -17.21 24.72 -10.86
C LEU B 579 -18.49 25.38 -10.37
N GLU B 580 -19.57 25.32 -11.16
CA GLU B 580 -20.85 25.93 -10.79
C GLU B 580 -21.85 24.88 -10.30
N SER B 581 -22.77 25.29 -9.41
CA SER B 581 -23.84 24.46 -8.87
C SER B 581 -24.70 25.25 -7.90
N LYS B 582 -26.02 25.24 -8.09
CA LYS B 582 -26.93 25.96 -7.21
C LYS B 582 -27.45 25.11 -6.03
N SER B 583 -27.13 23.81 -6.00
CA SER B 583 -27.61 22.93 -4.93
C SER B 583 -26.50 22.35 -4.05
N LEU B 584 -25.26 22.28 -4.57
CA LEU B 584 -24.12 21.70 -3.85
C LEU B 584 -23.89 22.39 -2.52
N VAL B 585 -23.76 21.60 -1.46
CA VAL B 585 -23.58 22.11 -0.10
C VAL B 585 -22.20 21.72 0.45
N GLU B 586 -21.69 20.53 0.09
CA GLU B 586 -20.39 20.08 0.56
C GLU B 586 -19.48 19.63 -0.58
N LEU B 587 -18.25 20.14 -0.60
CA LEU B 587 -17.27 19.73 -1.60
C LEU B 587 -16.00 19.27 -0.92
N VAL B 588 -15.51 18.07 -1.26
CA VAL B 588 -14.26 17.56 -0.72
C VAL B 588 -13.23 17.58 -1.82
N PHE B 589 -12.29 18.52 -1.77
CA PHE B 589 -11.24 18.64 -2.78
C PHE B 589 -9.85 18.24 -2.24
N SER B 590 -9.79 17.53 -1.11
CA SER B 590 -8.51 17.11 -0.54
C SER B 590 -7.71 16.20 -1.45
N GLY B 591 -6.39 16.15 -1.26
CA GLY B 591 -5.52 15.31 -2.06
C GLY B 591 -5.42 15.68 -3.52
N ASN B 592 -5.58 16.96 -3.83
CA ASN B 592 -5.47 17.46 -5.20
C ASN B 592 -4.28 18.45 -5.32
N ARG B 593 -4.10 19.13 -6.47
CA ARG B 593 -2.99 20.06 -6.63
C ARG B 593 -3.43 21.52 -6.75
N LEU B 594 -4.04 22.08 -5.69
CA LEU B 594 -4.44 23.50 -5.73
C LEU B 594 -3.23 24.46 -5.74
N ASP B 595 -2.04 23.96 -5.36
CA ASP B 595 -0.80 24.74 -5.42
C ASP B 595 -0.43 25.00 -6.88
N ILE B 596 -0.61 24.00 -7.75
CA ILE B 596 -0.32 24.13 -9.18
C ILE B 596 -1.38 25.03 -9.84
N LEU B 597 -2.66 24.83 -9.47
CA LEU B 597 -3.77 25.63 -9.97
C LEU B 597 -3.67 27.12 -9.58
N TRP B 598 -2.91 27.44 -8.52
CA TRP B 598 -2.74 28.82 -8.07
C TRP B 598 -1.26 29.26 -8.20
N ASN B 599 -0.89 29.76 -9.40
CA ASN B 599 0.46 30.21 -9.77
C ASN B 599 0.47 31.75 -10.11
N ASP B 600 1.66 32.33 -10.40
CA ASP B 600 1.79 33.76 -10.73
C ASP B 600 1.19 34.08 -12.12
N ASP B 601 1.34 33.15 -13.08
CA ASP B 601 0.84 33.32 -14.45
C ASP B 601 -0.47 32.57 -14.69
N ASP B 602 -0.65 31.41 -14.01
CA ASP B 602 -1.85 30.59 -14.13
C ASP B 602 -3.00 31.15 -13.29
N ASN B 603 -3.39 32.41 -13.55
CA ASN B 603 -4.48 33.08 -12.84
C ASN B 603 -5.89 32.71 -13.33
N ARG B 604 -6.00 31.70 -14.22
CA ARG B 604 -7.28 31.24 -14.76
C ARG B 604 -8.13 30.50 -13.74
N TYR B 605 -7.56 30.08 -12.60
CA TYR B 605 -8.31 29.32 -11.60
C TYR B 605 -8.48 30.08 -10.29
N ILE B 606 -8.50 31.42 -10.36
CA ILE B 606 -8.68 32.28 -9.19
C ILE B 606 -10.10 32.20 -8.62
N SER B 607 -11.10 31.84 -9.46
CA SER B 607 -12.50 31.73 -9.07
C SER B 607 -13.04 30.32 -9.35
N ILE B 608 -12.22 29.30 -9.04
CA ILE B 608 -12.53 27.88 -9.25
C ILE B 608 -13.82 27.44 -8.52
N PHE B 609 -13.98 27.82 -7.25
CA PHE B 609 -15.17 27.43 -6.48
C PHE B 609 -16.17 28.56 -6.28
N LYS B 610 -16.07 29.66 -7.04
CA LYS B 610 -16.96 30.81 -6.91
C LYS B 610 -18.40 30.50 -7.31
N GLY B 611 -18.58 29.64 -8.30
CA GLY B 611 -19.89 29.25 -8.79
C GLY B 611 -20.69 28.37 -7.86
N LEU B 612 -20.11 27.95 -6.73
CA LEU B 612 -20.80 27.12 -5.75
C LEU B 612 -21.45 28.04 -4.72
N LYS B 613 -22.46 28.81 -5.15
CA LYS B 613 -23.16 29.80 -4.34
C LYS B 613 -23.97 29.24 -3.16
N ASN B 614 -24.18 27.94 -3.08
CA ASN B 614 -24.92 27.33 -1.97
C ASN B 614 -24.03 26.46 -1.05
N LEU B 615 -22.70 26.50 -1.23
CA LEU B 615 -21.74 25.71 -0.48
C LEU B 615 -21.56 26.18 0.95
N THR B 616 -21.61 25.24 1.92
CA THR B 616 -21.39 25.54 3.34
C THR B 616 -20.15 24.80 3.89
N ARG B 617 -19.78 23.65 3.31
CA ARG B 617 -18.59 22.92 3.76
C ARG B 617 -17.60 22.69 2.63
N LEU B 618 -16.34 23.11 2.82
CA LEU B 618 -15.31 22.95 1.79
C LEU B 618 -14.01 22.38 2.37
N ASP B 619 -13.51 21.28 1.78
CA ASP B 619 -12.29 20.65 2.24
C ASP B 619 -11.15 20.87 1.24
N LEU B 620 -10.13 21.61 1.65
CA LEU B 620 -8.97 21.90 0.83
C LEU B 620 -7.68 21.35 1.44
N SER B 621 -7.77 20.28 2.24
CA SER B 621 -6.59 19.68 2.86
C SER B 621 -5.71 18.89 1.87
N LEU B 622 -4.50 18.50 2.28
CA LEU B 622 -3.57 17.73 1.45
C LEU B 622 -3.38 18.27 0.03
N ASN B 623 -3.48 19.59 -0.15
CA ASN B 623 -3.32 20.20 -1.47
C ASN B 623 -1.93 20.78 -1.72
N ARG B 624 -0.95 20.54 -0.82
CA ARG B 624 0.41 21.05 -0.92
C ARG B 624 0.47 22.58 -1.03
N LEU B 625 -0.50 23.27 -0.41
CA LEU B 625 -0.60 24.72 -0.46
C LEU B 625 0.44 25.41 0.41
N LYS B 626 1.28 26.25 -0.21
CA LYS B 626 2.28 27.02 0.53
C LYS B 626 1.73 28.45 0.71
N HIS B 627 1.18 29.02 -0.36
CA HIS B 627 0.60 30.36 -0.33
C HIS B 627 -0.77 30.34 -1.00
N ILE B 628 -1.71 31.13 -0.49
CA ILE B 628 -3.03 31.23 -1.08
C ILE B 628 -3.18 32.66 -1.56
N PRO B 629 -3.36 32.87 -2.87
CA PRO B 629 -3.52 34.24 -3.38
C PRO B 629 -4.71 34.95 -2.74
N ASN B 630 -4.56 36.25 -2.45
CA ASN B 630 -5.61 37.03 -1.81
C ASN B 630 -6.90 37.07 -2.61
N GLU B 631 -6.80 37.22 -3.94
CA GLU B 631 -7.98 37.23 -4.81
C GLU B 631 -8.64 35.84 -4.85
N ALA B 632 -7.82 34.77 -4.79
CA ALA B 632 -8.32 33.39 -4.81
C ALA B 632 -9.09 33.07 -3.53
N PHE B 633 -8.60 33.58 -2.38
CA PHE B 633 -9.27 33.34 -1.11
C PHE B 633 -10.60 34.10 -1.04
N LEU B 634 -10.62 35.34 -1.55
CA LEU B 634 -11.84 36.15 -1.57
C LEU B 634 -12.89 35.61 -2.55
N ASN B 635 -12.48 34.79 -3.54
CA ASN B 635 -13.42 34.21 -4.49
C ASN B 635 -14.01 32.87 -4.03
N LEU B 636 -13.78 32.46 -2.77
CA LEU B 636 -14.37 31.26 -2.21
C LEU B 636 -15.85 31.54 -1.87
N PRO B 637 -16.72 30.52 -1.84
CA PRO B 637 -18.15 30.79 -1.57
C PRO B 637 -18.43 31.57 -0.29
N ALA B 638 -19.08 32.74 -0.43
CA ALA B 638 -19.42 33.58 0.72
C ALA B 638 -20.41 32.91 1.71
N SER B 639 -21.09 31.84 1.26
CA SER B 639 -22.03 31.08 2.07
C SER B 639 -21.34 30.05 2.99
N LEU B 640 -20.00 29.90 2.90
CA LEU B 640 -19.24 28.93 3.69
C LEU B 640 -19.39 29.10 5.19
N THR B 641 -19.70 27.99 5.87
CA THR B 641 -19.81 27.93 7.33
C THR B 641 -18.73 27.01 7.94
N GLU B 642 -18.03 26.22 7.14
CA GLU B 642 -17.03 25.27 7.61
C GLU B 642 -15.96 25.12 6.54
N LEU B 643 -14.75 25.61 6.80
CA LEU B 643 -13.66 25.53 5.85
C LEU B 643 -12.49 24.77 6.45
N HIS B 644 -11.93 23.81 5.71
CA HIS B 644 -10.80 23.03 6.20
C HIS B 644 -9.60 23.20 5.26
N ILE B 645 -8.53 23.84 5.72
CA ILE B 645 -7.30 23.96 4.92
C ILE B 645 -6.13 23.28 5.67
N ASN B 646 -6.43 22.21 6.43
CA ASN B 646 -5.46 21.50 7.24
C ASN B 646 -4.44 20.68 6.43
N ASP B 647 -3.39 20.17 7.10
CA ASP B 647 -2.33 19.35 6.51
C ASP B 647 -1.81 19.88 5.17
N ASN B 648 -1.43 21.14 5.16
CA ASN B 648 -0.83 21.83 4.02
C ASN B 648 0.53 22.42 4.49
N MET B 649 1.14 23.32 3.71
CA MET B 649 2.41 23.94 4.07
C MET B 649 2.27 25.47 4.07
N LEU B 650 1.14 25.97 4.59
CA LEU B 650 0.87 27.41 4.61
C LEU B 650 1.81 28.19 5.52
N LYS B 651 2.64 29.04 4.92
CA LYS B 651 3.56 29.88 5.69
C LYS B 651 2.82 31.08 6.27
N PHE B 652 1.82 31.61 5.56
CA PHE B 652 1.06 32.77 6.03
C PHE B 652 -0.46 32.63 5.81
N PHE B 653 -1.24 33.33 6.64
CA PHE B 653 -2.69 33.33 6.53
C PHE B 653 -3.20 34.75 6.76
N ASN B 654 -3.80 35.35 5.74
CA ASN B 654 -4.33 36.70 5.85
C ASN B 654 -5.68 36.67 6.54
N TRP B 655 -5.69 36.96 7.85
CA TRP B 655 -6.93 36.96 8.66
C TRP B 655 -7.91 38.07 8.29
N THR B 656 -7.43 39.12 7.59
CA THR B 656 -8.22 40.27 7.14
C THR B 656 -9.35 39.82 6.20
N LEU B 657 -9.04 38.84 5.33
CA LEU B 657 -9.95 38.28 4.32
C LEU B 657 -11.17 37.58 4.91
N LEU B 658 -11.13 37.20 6.20
CA LEU B 658 -12.27 36.56 6.88
C LEU B 658 -13.50 37.46 7.04
N GLN B 659 -13.38 38.75 6.68
CA GLN B 659 -14.48 39.71 6.73
C GLN B 659 -15.53 39.37 5.67
N GLN B 660 -15.10 38.86 4.51
CA GLN B 660 -16.03 38.51 3.43
C GLN B 660 -16.68 37.12 3.62
N PHE B 661 -16.64 36.56 4.83
CA PHE B 661 -17.26 35.29 5.17
C PHE B 661 -18.01 35.44 6.49
N PRO B 662 -19.20 36.07 6.46
CA PRO B 662 -19.94 36.30 7.71
C PRO B 662 -20.61 35.06 8.31
N ARG B 663 -20.76 33.98 7.54
CA ARG B 663 -21.39 32.76 8.04
C ARG B 663 -20.37 31.71 8.55
N LEU B 664 -19.06 31.93 8.30
CA LEU B 664 -17.99 31.00 8.69
C LEU B 664 -17.87 30.75 10.19
N GLU B 665 -18.20 29.53 10.63
CA GLU B 665 -18.13 29.15 12.04
C GLU B 665 -16.89 28.33 12.35
N LEU B 666 -16.45 27.47 11.43
CA LEU B 666 -15.28 26.61 11.66
C LEU B 666 -14.16 26.85 10.66
N LEU B 667 -12.99 27.24 11.16
CA LEU B 667 -11.81 27.40 10.32
C LEU B 667 -10.79 26.40 10.82
N ASP B 668 -10.38 25.49 9.95
CA ASP B 668 -9.42 24.46 10.32
C ASP B 668 -8.09 24.71 9.62
N LEU B 669 -7.07 25.12 10.37
CA LEU B 669 -5.75 25.35 9.81
C LEU B 669 -4.69 24.47 10.49
N ARG B 670 -5.07 23.26 10.93
CA ARG B 670 -4.17 22.31 11.58
C ARG B 670 -3.05 21.82 10.65
N GLY B 671 -1.95 21.35 11.22
CA GLY B 671 -0.83 20.82 10.46
C GLY B 671 -0.28 21.71 9.37
N ASN B 672 0.04 22.96 9.73
CA ASN B 672 0.61 23.92 8.78
C ASN B 672 1.90 24.56 9.36
N LYS B 673 2.52 25.51 8.65
CA LYS B 673 3.74 26.17 9.12
C LYS B 673 3.48 27.63 9.52
N LEU B 674 2.26 27.94 10.01
CA LEU B 674 1.91 29.31 10.42
C LEU B 674 2.73 29.78 11.61
N LEU B 675 3.33 30.96 11.51
CA LEU B 675 4.19 31.47 12.58
C LEU B 675 3.54 32.55 13.43
N PHE B 676 2.71 33.41 12.84
CA PHE B 676 2.09 34.51 13.58
C PHE B 676 0.57 34.57 13.48
N LEU B 677 -0.07 35.24 14.45
CA LEU B 677 -1.51 35.46 14.51
C LEU B 677 -1.82 36.98 14.44
N THR B 678 -3.11 37.38 14.58
CA THR B 678 -3.47 38.79 14.56
C THR B 678 -4.08 39.25 15.88
N ASP B 679 -3.79 40.49 16.28
CA ASP B 679 -4.34 41.06 17.51
C ASP B 679 -5.73 41.70 17.29
N SER B 680 -6.14 41.90 16.02
CA SER B 680 -7.43 42.49 15.68
C SER B 680 -8.33 41.45 15.01
N LEU B 681 -8.27 40.18 15.47
CA LEU B 681 -9.06 39.08 14.91
C LEU B 681 -10.57 39.30 15.03
N SER B 682 -10.99 39.97 16.11
CA SER B 682 -12.39 40.29 16.37
C SER B 682 -12.97 41.27 15.36
N ASP B 683 -12.13 42.14 14.78
CA ASP B 683 -12.56 43.12 13.79
C ASP B 683 -12.92 42.46 12.44
N PHE B 684 -12.27 41.34 12.12
CA PHE B 684 -12.51 40.64 10.85
C PHE B 684 -13.68 39.66 10.91
N THR B 685 -13.73 38.80 11.93
CA THR B 685 -14.81 37.83 12.06
C THR B 685 -15.79 38.18 13.16
N SER B 686 -17.04 37.72 13.02
CA SER B 686 -18.09 37.96 14.01
C SER B 686 -19.02 36.75 14.15
N SER B 687 -18.52 35.53 13.85
CA SER B 687 -19.30 34.29 13.91
C SER B 687 -18.43 33.03 14.09
N LEU B 688 -17.09 33.16 13.99
CA LEU B 688 -16.16 32.04 14.12
C LEU B 688 -16.24 31.40 15.50
N ARG B 689 -16.94 30.28 15.61
CA ARG B 689 -17.12 29.56 16.87
C ARG B 689 -16.01 28.55 17.15
N THR B 690 -15.41 27.95 16.11
CA THR B 690 -14.34 26.98 16.30
C THR B 690 -13.12 27.30 15.45
N LEU B 691 -11.95 27.45 16.08
CA LEU B 691 -10.72 27.74 15.36
C LEU B 691 -9.66 26.71 15.73
N LEU B 692 -9.31 25.82 14.80
CA LEU B 692 -8.32 24.77 15.05
C LEU B 692 -6.99 25.16 14.43
N LEU B 693 -5.97 25.40 15.26
CA LEU B 693 -4.64 25.78 14.76
C LEU B 693 -3.54 24.87 15.32
N SER B 694 -3.87 23.59 15.60
CA SER B 694 -2.89 22.66 16.15
C SER B 694 -1.79 22.25 15.16
N HIS B 695 -0.62 21.84 15.67
CA HIS B 695 0.53 21.42 14.89
C HIS B 695 1.05 22.52 13.94
N ASN B 696 1.24 23.73 14.47
CA ASN B 696 1.75 24.89 13.74
C ASN B 696 3.01 25.47 14.42
N ARG B 697 3.66 26.47 13.80
CA ARG B 697 4.86 27.08 14.36
C ARG B 697 4.59 28.38 15.10
N ILE B 698 3.40 28.54 15.68
CA ILE B 698 3.06 29.76 16.41
C ILE B 698 3.81 29.81 17.73
N SER B 699 4.71 30.80 17.87
CA SER B 699 5.51 30.95 19.07
C SER B 699 4.99 32.00 20.05
N HIS B 700 4.07 32.88 19.60
CA HIS B 700 3.53 33.92 20.48
C HIS B 700 2.05 34.19 20.24
N LEU B 701 1.24 34.16 21.30
CA LEU B 701 -0.18 34.47 21.21
C LEU B 701 -0.31 35.98 21.42
N PRO B 702 -0.94 36.69 20.47
CA PRO B 702 -1.03 38.15 20.60
C PRO B 702 -1.96 38.68 21.69
N SER B 703 -1.83 39.98 22.01
CA SER B 703 -2.62 40.64 23.05
C SER B 703 -4.08 40.81 22.64
N GLY B 704 -4.99 40.50 23.55
CA GLY B 704 -6.42 40.60 23.31
C GLY B 704 -6.96 39.49 22.43
N PHE B 705 -6.31 38.32 22.45
CA PHE B 705 -6.74 37.18 21.65
C PHE B 705 -7.94 36.48 22.25
N LEU B 706 -8.05 36.46 23.59
CA LEU B 706 -9.18 35.83 24.27
C LEU B 706 -10.28 36.86 24.63
N SER B 707 -10.31 38.01 23.94
CA SER B 707 -11.29 39.06 24.17
C SER B 707 -11.87 39.60 22.86
N GLU B 708 -13.08 40.21 22.94
CA GLU B 708 -13.83 40.81 21.83
C GLU B 708 -14.30 39.78 20.78
N VAL B 709 -13.80 38.53 20.84
CA VAL B 709 -14.20 37.46 19.94
C VAL B 709 -15.04 36.46 20.76
N SER B 710 -16.20 36.95 21.24
CA SER B 710 -17.14 36.19 22.05
C SER B 710 -17.78 35.01 21.32
N SER B 711 -17.74 35.00 19.99
CA SER B 711 -18.28 33.90 19.20
C SER B 711 -17.42 32.64 19.37
N LEU B 712 -16.10 32.81 19.53
CA LEU B 712 -15.15 31.71 19.70
C LEU B 712 -15.39 30.90 20.97
N LYS B 713 -15.93 29.69 20.81
CA LYS B 713 -16.19 28.78 21.91
C LYS B 713 -15.09 27.71 22.01
N HIS B 714 -14.48 27.33 20.88
CA HIS B 714 -13.40 26.34 20.90
C HIS B 714 -12.14 26.87 20.21
N LEU B 715 -11.03 26.98 20.95
CA LEU B 715 -9.77 27.44 20.40
C LEU B 715 -8.71 26.36 20.57
N ASP B 716 -8.16 25.86 19.45
CA ASP B 716 -7.15 24.81 19.50
C ASP B 716 -5.76 25.37 19.18
N LEU B 717 -4.86 25.35 20.17
CA LEU B 717 -3.48 25.81 19.97
C LEU B 717 -2.46 24.77 20.45
N SER B 718 -2.83 23.49 20.42
CA SER B 718 -1.95 22.40 20.87
C SER B 718 -0.85 22.08 19.87
N SER B 719 0.24 21.46 20.33
CA SER B 719 1.40 21.06 19.50
C SER B 719 2.00 22.22 18.69
N ASN B 720 2.06 23.40 19.30
CA ASN B 720 2.64 24.59 18.68
C ASN B 720 4.03 24.90 19.35
N LEU B 721 4.51 26.15 19.29
CA LEU B 721 5.79 26.51 19.91
C LEU B 721 5.61 27.55 21.00
N LEU B 722 4.46 27.56 21.69
CA LEU B 722 4.19 28.54 22.74
C LEU B 722 4.99 28.25 24.01
N LYS B 723 5.84 29.22 24.42
CA LYS B 723 6.64 29.08 25.63
C LYS B 723 5.91 29.66 26.84
N THR B 724 5.20 30.77 26.66
CA THR B 724 4.48 31.41 27.76
C THR B 724 3.25 32.20 27.26
N ILE B 725 2.31 32.49 28.18
CA ILE B 725 1.13 33.29 27.89
C ILE B 725 1.14 34.48 28.85
N ASN B 726 1.53 35.65 28.34
CA ASN B 726 1.65 36.86 29.15
C ASN B 726 0.30 37.48 29.58
N LYS B 727 0.32 38.36 30.59
CA LYS B 727 -0.86 39.03 31.13
C LYS B 727 -1.49 40.01 30.13
N SER B 728 -0.66 40.65 29.30
CA SER B 728 -1.16 41.60 28.30
C SER B 728 -1.90 40.88 27.16
N ALA B 729 -1.44 39.66 26.81
CA ALA B 729 -2.06 38.86 25.76
C ALA B 729 -3.40 38.25 26.22
N LEU B 730 -3.52 37.93 27.51
CA LEU B 730 -4.73 37.35 28.05
C LEU B 730 -5.54 38.35 28.87
N GLU B 731 -5.48 39.64 28.51
CA GLU B 731 -6.21 40.68 29.24
C GLU B 731 -7.62 40.84 28.68
N THR B 732 -8.54 39.96 29.07
CA THR B 732 -9.92 40.02 28.60
C THR B 732 -10.69 41.14 29.32
N LYS B 733 -10.92 42.26 28.62
CA LYS B 733 -11.62 43.41 29.18
C LYS B 733 -13.11 43.10 29.33
N THR B 736 -15.55 36.41 28.11
CA THR B 736 -15.19 35.48 27.04
C THR B 736 -16.05 34.22 27.09
N LYS B 737 -16.68 33.86 25.96
CA LYS B 737 -17.51 32.66 25.90
C LYS B 737 -16.74 31.45 25.37
N LEU B 738 -15.43 31.39 25.66
CA LEU B 738 -14.57 30.30 25.23
C LEU B 738 -14.73 29.15 26.21
N SER B 739 -15.44 28.09 25.81
CA SER B 739 -15.66 26.94 26.68
C SER B 739 -14.54 25.89 26.63
N MET B 740 -13.67 25.93 25.61
CA MET B 740 -12.58 24.96 25.50
C MET B 740 -11.32 25.55 24.89
N LEU B 741 -10.19 25.36 25.56
CA LEU B 741 -8.90 25.85 25.08
C LEU B 741 -7.88 24.71 25.18
N GLU B 742 -7.40 24.20 24.05
CA GLU B 742 -6.42 23.12 24.04
C GLU B 742 -5.02 23.71 23.98
N LEU B 743 -4.11 23.26 24.86
CA LEU B 743 -2.75 23.79 24.89
C LEU B 743 -1.66 22.74 25.15
N HIS B 744 -1.99 21.45 25.06
CA HIS B 744 -1.00 20.39 25.30
C HIS B 744 0.05 20.30 24.19
N GLY B 745 1.23 19.76 24.51
CA GLY B 745 2.29 19.61 23.52
C GLY B 745 3.04 20.88 23.19
N ASN B 746 2.97 21.89 24.06
CA ASN B 746 3.67 23.15 23.85
C ASN B 746 4.92 23.21 24.75
N PRO B 747 6.03 23.82 24.27
CA PRO B 747 7.24 23.87 25.11
C PRO B 747 7.21 24.99 26.15
N PHE B 748 6.33 24.84 27.14
CA PHE B 748 6.12 25.82 28.21
C PHE B 748 7.33 26.02 29.10
N GLU B 749 7.62 27.28 29.44
CA GLU B 749 8.70 27.62 30.36
C GLU B 749 8.07 27.71 31.74
N CYS B 750 8.19 26.64 32.54
CA CYS B 750 7.61 26.61 33.87
C CYS B 750 8.46 27.33 34.92
N THR B 751 8.67 28.63 34.70
CA THR B 751 9.43 29.51 35.59
C THR B 751 8.41 30.42 36.38
N CYS B 752 8.86 31.52 37.02
CA CYS B 752 7.96 32.39 37.77
C CYS B 752 7.00 33.19 36.89
N ASP B 753 7.31 33.37 35.59
CA ASP B 753 6.42 34.13 34.71
C ASP B 753 5.22 33.31 34.20
N ILE B 754 5.26 31.97 34.30
CA ILE B 754 4.11 31.14 33.92
C ILE B 754 2.95 31.22 34.95
N GLY B 755 3.22 31.74 36.14
CA GLY B 755 2.23 31.91 37.21
C GLY B 755 1.13 32.90 36.88
N ASP B 756 1.37 33.78 35.90
CA ASP B 756 0.37 34.76 35.46
C ASP B 756 -0.73 34.05 34.68
N PHE B 757 -0.36 33.07 33.83
CA PHE B 757 -1.34 32.28 33.07
C PHE B 757 -2.10 31.31 34.00
N ARG B 758 -1.41 30.80 35.04
CA ARG B 758 -1.99 29.90 36.03
C ARG B 758 -3.11 30.58 36.81
N ARG B 759 -2.95 31.89 37.11
CA ARG B 759 -3.96 32.67 37.82
C ARG B 759 -5.23 32.86 36.97
N TRP B 760 -5.06 32.97 35.64
CA TRP B 760 -6.16 33.11 34.69
C TRP B 760 -7.00 31.82 34.65
N MET B 761 -6.35 30.65 34.81
CA MET B 761 -7.02 29.36 34.84
C MET B 761 -7.87 29.20 36.09
N ASP B 762 -7.43 29.78 37.22
CA ASP B 762 -8.17 29.72 38.49
C ASP B 762 -9.37 30.68 38.47
N GLU B 763 -9.22 31.84 37.83
CA GLU B 763 -10.30 32.83 37.73
C GLU B 763 -11.34 32.39 36.69
N HIS B 764 -10.88 31.78 35.59
CA HIS B 764 -11.78 31.33 34.53
C HIS B 764 -11.93 29.81 34.56
N LEU B 765 -12.75 29.31 35.50
CA LEU B 765 -12.99 27.86 35.63
C LEU B 765 -13.89 27.29 34.52
N ASN B 766 -14.68 28.16 33.87
CA ASN B 766 -15.58 27.74 32.78
C ASN B 766 -14.80 27.35 31.52
N VAL B 767 -13.60 27.91 31.31
CA VAL B 767 -12.77 27.59 30.16
C VAL B 767 -12.12 26.23 30.40
N LYS B 768 -12.78 25.15 29.96
CA LYS B 768 -12.27 23.80 30.16
C LYS B 768 -11.05 23.49 29.31
N ILE B 769 -9.90 23.26 29.95
CA ILE B 769 -8.67 22.93 29.25
C ILE B 769 -8.47 21.41 29.32
N PRO B 770 -8.63 20.72 28.19
CA PRO B 770 -8.48 19.26 28.21
C PRO B 770 -7.03 18.80 28.20
N ARG B 771 -6.81 17.55 28.64
CA ARG B 771 -5.51 16.92 28.71
C ARG B 771 -4.48 17.75 29.49
N LEU B 772 -4.78 18.06 30.75
CA LEU B 772 -3.88 18.85 31.61
C LEU B 772 -2.57 18.12 31.90
N VAL B 773 -2.58 16.79 31.91
CA VAL B 773 -1.37 16.00 32.13
C VAL B 773 -0.39 16.08 30.95
N ASP B 774 -0.87 16.44 29.76
CA ASP B 774 -0.02 16.57 28.57
C ASP B 774 0.53 17.99 28.35
N VAL B 775 0.06 18.98 29.12
CA VAL B 775 0.58 20.35 29.05
C VAL B 775 1.89 20.30 29.82
N ILE B 776 2.99 20.03 29.11
CA ILE B 776 4.29 19.79 29.72
C ILE B 776 5.23 21.01 29.72
N CYS B 777 6.22 21.00 30.62
CA CYS B 777 7.21 22.07 30.71
C CYS B 777 8.48 21.59 30.04
N ALA B 778 9.04 22.40 29.13
CA ALA B 778 10.28 22.04 28.44
C ALA B 778 11.48 22.44 29.33
N SER B 779 11.39 23.62 29.96
CA SER B 779 12.40 24.18 30.86
C SER B 779 11.72 24.67 32.14
N PRO B 780 12.39 24.65 33.32
CA PRO B 780 13.77 24.22 33.58
C PRO B 780 13.91 22.70 33.76
N GLY B 781 15.14 22.23 33.98
CA GLY B 781 15.43 20.81 34.17
C GLY B 781 14.72 20.18 35.35
N ASP B 782 14.51 20.95 36.42
CA ASP B 782 13.82 20.46 37.60
C ASP B 782 12.30 20.33 37.39
N GLN B 783 11.72 21.14 36.49
CA GLN B 783 10.29 21.09 36.21
C GLN B 783 9.94 20.43 34.86
N ARG B 784 10.94 19.89 34.14
CA ARG B 784 10.72 19.23 32.85
C ARG B 784 9.93 17.94 33.02
N GLY B 785 8.87 17.79 32.25
CA GLY B 785 8.03 16.60 32.30
C GLY B 785 6.84 16.71 33.24
N LYS B 786 6.66 17.85 33.91
CA LYS B 786 5.53 18.04 34.82
C LYS B 786 4.46 18.97 34.24
N SER B 787 3.24 18.86 34.75
CA SER B 787 2.14 19.70 34.28
C SER B 787 2.29 21.13 34.80
N ILE B 788 1.78 22.12 34.04
CA ILE B 788 1.87 23.52 34.45
C ILE B 788 1.02 23.82 35.70
N VAL B 789 -0.03 23.03 35.96
CA VAL B 789 -0.87 23.23 37.13
C VAL B 789 -0.22 22.71 38.44
N SER B 790 0.86 21.90 38.33
CA SER B 790 1.56 21.38 39.50
C SER B 790 2.87 22.14 39.71
N LEU B 791 2.77 23.37 40.24
CA LEU B 791 3.91 24.24 40.48
C LEU B 791 3.83 24.92 41.86
N GLU B 792 4.93 25.53 42.31
CA GLU B 792 4.96 26.22 43.61
C GLU B 792 4.19 27.54 43.55
C1 NAG C . 9.58 3.22 -31.66
C2 NAG C . 10.07 3.71 -30.30
C3 NAG C . 11.60 3.85 -30.35
C4 NAG C . 12.26 2.55 -30.81
C5 NAG C . 11.67 2.11 -32.15
C6 NAG C . 12.19 0.78 -32.62
C7 NAG C . 8.84 5.21 -28.81
C8 NAG C . 8.36 6.62 -28.59
N2 NAG C . 9.46 4.98 -29.97
O3 NAG C . 12.05 4.21 -29.04
O4 NAG C . 13.66 2.72 -30.94
O5 NAG C . 10.24 2.00 -32.02
O6 NAG C . 12.09 -0.22 -31.62
O7 NAG C . 8.69 4.34 -27.97
C1 NAG C . 14.49 2.37 -29.85
C2 NAG C . 15.87 1.99 -30.39
C3 NAG C . 16.66 1.53 -29.17
C4 NAG C . 16.79 2.66 -28.16
C5 NAG C . 15.44 3.24 -27.79
C6 NAG C . 15.54 4.56 -27.06
C7 NAG C . 16.58 0.98 -32.50
C8 NAG C . 16.49 -0.21 -33.40
N2 NAG C . 15.82 0.95 -31.40
O3 NAG C . 17.95 1.09 -29.59
O4 NAG C . 17.44 2.19 -26.98
O5 NAG C . 14.66 3.50 -28.98
O6 NAG C . 14.27 5.16 -26.87
O7 NAG C . 17.30 1.95 -32.76
C1 BMA C . 18.72 2.68 -26.69
C2 BMA C . 19.08 2.29 -25.26
C3 BMA C . 20.50 2.74 -24.94
C4 BMA C . 21.50 2.26 -26.00
C5 BMA C . 21.02 2.69 -27.38
C6 BMA C . 21.90 2.21 -28.52
O2 BMA C . 18.96 0.88 -25.11
O3 BMA C . 20.89 2.28 -23.65
O4 BMA C . 22.78 2.84 -25.75
O5 BMA C . 19.70 2.17 -27.61
O6 BMA C . 21.88 0.79 -28.65
C1 MAN C . 20.84 3.22 -22.57
C2 MAN C . 21.72 2.70 -21.43
C3 MAN C . 21.03 1.54 -20.72
C4 MAN C . 19.60 1.88 -20.31
C5 MAN C . 18.81 2.39 -21.51
C6 MAN C . 17.44 2.90 -21.13
O2 MAN C . 22.00 3.76 -20.50
O3 MAN C . 21.78 1.14 -19.58
O4 MAN C . 18.95 0.72 -19.79
O5 MAN C . 19.51 3.49 -22.12
O6 MAN C . 17.51 3.99 -20.22
C1 MAN C . 22.96 0.29 -29.40
C2 MAN C . 22.56 -1.09 -29.94
C3 MAN C . 22.54 -2.12 -28.81
C4 MAN C . 23.85 -2.12 -28.02
C5 MAN C . 24.18 -0.70 -27.54
C6 MAN C . 25.54 -0.60 -26.88
O2 MAN C . 23.48 -1.49 -30.96
O3 MAN C . 22.30 -3.43 -29.33
O4 MAN C . 23.73 -2.98 -26.90
O5 MAN C . 24.18 0.21 -28.65
O6 MAN C . 25.75 0.69 -26.32
C1 NAG D . 5.53 -13.38 -11.72
C2 NAG D . 6.92 -12.82 -12.00
C3 NAG D . 7.10 -11.60 -11.11
C4 NAG D . 6.00 -10.57 -11.37
C5 NAG D . 4.62 -11.21 -11.19
C6 NAG D . 3.49 -10.31 -11.61
C7 NAG D . 8.72 -14.36 -12.66
C8 NAG D . 9.62 -15.47 -12.22
N2 NAG D . 7.94 -13.82 -11.72
O3 NAG D . 8.38 -11.03 -11.37
O4 NAG D . 6.14 -9.46 -10.49
O5 NAG D . 4.53 -12.39 -11.99
O6 NAG D . 3.59 -9.95 -12.99
O7 NAG D . 8.69 -13.97 -13.83
C1 NAG D . 6.56 -8.24 -11.08
C2 NAG D . 6.18 -7.07 -10.16
C3 NAG D . 6.58 -5.81 -10.92
C4 NAG D . 8.07 -5.82 -11.27
C5 NAG D . 8.46 -7.10 -12.00
C6 NAG D . 9.95 -7.28 -12.16
C7 NAG D . 4.22 -7.55 -8.76
C8 NAG D . 2.73 -7.44 -8.64
N2 NAG D . 4.76 -7.07 -9.88
O3 NAG D . 6.25 -4.65 -10.16
O4 NAG D . 8.35 -4.74 -12.16
O5 NAG D . 7.97 -8.24 -11.28
O6 NAG D . 10.56 -7.61 -10.92
O7 NAG D . 4.91 -8.07 -7.89
C1 BMA D . 9.08 -3.61 -11.68
C2 BMA D . 10.15 -3.25 -12.72
C3 BMA D . 10.86 -1.97 -12.31
C4 BMA D . 9.85 -0.85 -12.07
C5 BMA D . 8.81 -1.28 -11.04
C6 BMA D . 7.71 -0.27 -10.85
O2 BMA D . 9.57 -3.09 -14.02
O3 BMA D . 11.79 -1.59 -13.31
O4 BMA D . 10.51 0.33 -11.62
O5 BMA D . 8.19 -2.51 -11.48
O6 BMA D . 6.98 -0.05 -12.06
C1 NAG E . 13.32 -14.52 -3.55
C2 NAG E . 13.21 -13.23 -4.37
C3 NAG E . 13.94 -13.41 -5.69
C4 NAG E . 15.38 -13.89 -5.47
C5 NAG E . 15.40 -15.16 -4.61
C6 NAG E . 16.79 -15.60 -4.23
C7 NAG E . 11.26 -11.77 -4.19
C8 NAG E . 9.80 -11.60 -4.52
N2 NAG E . 11.82 -12.90 -4.60
O3 NAG E . 13.97 -12.18 -6.39
O4 NAG E . 15.98 -14.17 -6.72
O5 NAG E . 14.69 -14.91 -3.39
O6 NAG E . 17.49 -14.56 -3.57
O7 NAG E . 11.88 -10.91 -3.58
C1 NAG E . 17.23 -13.61 -7.00
C2 NAG E . 17.77 -14.21 -8.30
C3 NAG E . 19.14 -13.60 -8.55
C4 NAG E . 19.06 -12.07 -8.58
C5 NAG E . 18.42 -11.55 -7.31
C6 NAG E . 18.17 -10.05 -7.33
C7 NAG E . 16.99 -16.53 -8.64
C8 NAG E . 17.19 -17.97 -8.26
N2 NAG E . 17.87 -15.65 -8.14
O3 NAG E . 19.68 -14.10 -9.76
O4 NAG E . 20.37 -11.54 -8.69
O5 NAG E . 17.15 -12.18 -7.11
O6 NAG E . 17.67 -9.61 -6.08
O7 NAG E . 16.08 -16.18 -9.38
C1 BMA E . 20.73 -10.82 -9.86
C2 BMA E . 21.97 -9.99 -9.55
C3 BMA E . 22.43 -9.27 -10.81
C4 BMA E . 22.58 -10.24 -11.98
C5 BMA E . 21.30 -11.05 -12.18
C6 BMA E . 21.44 -12.13 -13.25
O2 BMA E . 23.00 -10.82 -9.03
O3 BMA E . 23.67 -8.60 -10.56
O4 BMA E . 22.87 -9.53 -13.18
O5 BMA E . 20.97 -11.71 -10.95
O6 BMA E . 22.42 -13.10 -12.92
C1 MAN E . 23.70 -7.18 -10.63
C2 MAN E . 25.15 -6.71 -10.51
C3 MAN E . 25.65 -6.86 -9.08
C4 MAN E . 24.70 -6.19 -8.09
C5 MAN E . 23.27 -6.71 -8.26
C6 MAN E . 22.26 -5.98 -7.41
O2 MAN E . 25.27 -5.35 -10.94
O3 MAN E . 26.95 -6.30 -8.96
O4 MAN E . 25.12 -6.46 -6.76
O5 MAN E . 22.87 -6.55 -9.63
O6 MAN E . 20.97 -6.54 -7.54
C1 MAN E . 23.20 -13.50 -14.01
C2 MAN E . 23.78 -14.89 -13.72
C3 MAN E . 24.94 -14.80 -12.73
C4 MAN E . 25.96 -13.75 -13.15
C5 MAN E . 25.28 -12.40 -13.37
C6 MAN E . 26.22 -11.33 -13.88
O2 MAN E . 24.20 -15.51 -14.94
O3 MAN E . 25.57 -16.07 -12.58
O4 MAN E . 26.98 -13.63 -12.18
O5 MAN E . 24.23 -12.55 -14.34
O6 MAN E . 25.55 -10.07 -14.00
C1 NAG F . -22.36 -15.54 19.09
C2 NAG F . -21.26 -14.49 19.30
C3 NAG F . -21.69 -13.54 20.42
C4 NAG F . -23.07 -12.95 20.14
C5 NAG F . -24.08 -14.08 19.91
C6 NAG F . -25.47 -13.58 19.53
C7 NAG F . -18.86 -14.87 18.98
C8 NAG F . -17.64 -15.54 19.52
N2 NAG F . -20.01 -15.13 19.63
O3 NAG F . -20.72 -12.52 20.53
O4 NAG F . -23.51 -12.16 21.24
O5 NAG F . -23.62 -14.91 18.83
O6 NAG F . -25.42 -12.64 18.46
O7 NAG F . -18.82 -14.13 18.01
C1 NAG F . -23.27 -10.77 21.21
C2 NAG F . -24.32 -10.06 22.05
C3 NAG F . -24.05 -8.57 21.89
C4 NAG F . -22.65 -8.22 22.41
C5 NAG F . -21.59 -9.08 21.74
C6 NAG F . -20.25 -8.99 22.42
C7 NAG F . -26.66 -10.63 22.54
C8 NAG F . -28.02 -10.87 21.97
N2 NAG F . -25.69 -10.39 21.66
O3 NAG F . -25.03 -7.83 22.62
O4 NAG F . -22.37 -6.86 22.14
O5 NAG F . -21.98 -10.48 21.77
O6 NAG F . -19.31 -9.93 21.91
O7 NAG F . -26.45 -10.67 23.75
C1 BMA F . -22.24 -5.98 23.23
C2 BMA F . -21.66 -4.66 22.72
C3 BMA F . -21.57 -3.65 23.86
C4 BMA F . -22.91 -3.51 24.58
C5 BMA F . -23.44 -4.88 25.02
C6 BMA F . -24.83 -4.84 25.63
O2 BMA F . -22.47 -4.15 21.66
O3 BMA F . -21.13 -2.39 23.35
O4 BMA F . -22.77 -2.68 25.73
O5 BMA F . -23.50 -5.75 23.87
O6 BMA F . -25.82 -4.44 24.69
C1 MAN F . -19.79 -2.01 23.56
C2 MAN F . -19.65 -0.49 23.38
C3 MAN F . -19.75 -0.12 21.91
C4 MAN F . -18.79 -0.93 21.05
C5 MAN F . -18.99 -2.43 21.28
C6 MAN F . -17.96 -3.27 20.58
O2 MAN F . -18.41 -0.05 23.93
O3 MAN F . -19.51 1.27 21.74
O4 MAN F . -19.00 -0.65 19.67
O5 MAN F . -18.88 -2.71 22.69
O6 MAN F . -16.64 -2.99 21.04
C1 MAN F . -27.02 -4.00 25.27
C2 MAN F . -28.14 -4.11 24.23
C3 MAN F . -27.97 -3.01 23.16
C4 MAN F . -27.85 -1.64 23.80
C5 MAN F . -26.73 -1.62 24.85
C6 MAN F . -26.66 -0.32 25.62
O2 MAN F . -29.40 -3.99 24.86
O3 MAN F . -29.05 -3.04 22.24
O4 MAN F . -27.56 -0.67 22.80
O5 MAN F . -26.96 -2.67 25.81
O6 MAN F . -25.54 -0.30 26.50
C1 NAG G . -18.54 0.65 -1.16
C2 NAG G . -18.80 1.20 0.24
C3 NAG G . -17.44 1.50 0.88
C4 NAG G . -16.58 0.24 0.91
C5 NAG G . -16.44 -0.36 -0.50
C6 NAG G . -15.76 -1.71 -0.51
C7 NAG G . -20.85 2.50 0.65
C8 NAG G . -21.57 3.79 0.39
N2 NAG G . -19.60 2.41 0.17
O3 NAG G . -17.64 2.00 2.18
O4 NAG G . -15.28 0.53 1.43
O5 NAG G . -17.74 -0.53 -1.07
O6 NAG G . -16.49 -2.65 0.27
O7 NAG G . -21.37 1.59 1.28
C1 NAG G . -14.97 0.05 2.72
C2 NAG G . -13.45 0.07 2.89
C3 NAG G . -13.14 -0.44 4.29
C4 NAG G . -13.84 0.41 5.34
C5 NAG G . -15.34 0.47 5.07
C6 NAG G . -16.08 1.45 5.96
C7 NAG G . -12.24 -0.27 0.77
C8 NAG G . -11.62 -1.27 -0.15
N2 NAG G . -12.81 -0.76 1.88
O3 NAG G . -11.73 -0.46 4.49
O4 NAG G . -13.58 -0.11 6.64
O5 NAG G . -15.58 0.88 3.72
O6 NAG G . -15.79 2.80 5.62
O7 NAG G . -12.23 0.94 0.54
C1 BMA G . -12.76 0.63 7.52
C2 BMA G . -13.42 0.64 8.91
C3 BMA G . -12.51 1.36 9.91
C4 BMA G . -11.09 0.80 9.88
C5 BMA G . -10.54 0.79 8.46
C6 BMA G . -9.19 0.11 8.35
O2 BMA G . -13.66 -0.69 9.35
O3 BMA G . -13.05 1.28 11.22
O4 BMA G . -10.25 1.59 10.71
O5 BMA G . -11.43 0.07 7.60
O6 BMA G . -9.26 -1.26 8.73
C1 NAG H . -16.18 11.61 0.60
C2 NAG H . -15.83 10.54 1.64
C3 NAG H . -17.08 10.22 2.46
C4 NAG H . -17.69 11.50 3.04
C5 NAG H . -17.97 12.51 1.94
C6 NAG H . -18.44 13.85 2.47
C7 NAG H . -14.11 8.84 1.22
C8 NAG H . -13.77 7.60 0.46
N2 NAG H . -15.33 9.34 0.99
O3 NAG H . -16.72 9.34 3.52
O4 NAG H . -18.92 11.17 3.69
O5 NAG H . -16.75 12.76 1.22
O6 NAG H . -17.51 14.38 3.41
O7 NAG H . -13.32 9.37 2.00
C1 NAG H . -19.12 11.62 5.01
C2 NAG H . -20.56 11.32 5.40
C3 NAG H . -20.74 11.85 6.83
C4 NAG H . -19.73 11.21 7.78
C5 NAG H . -18.31 11.46 7.27
C6 NAG H . -17.25 10.73 8.06
C7 NAG H . -22.11 11.41 3.48
C8 NAG H . -22.86 12.31 2.55
N2 NAG H . -21.45 12.02 4.49
O3 NAG H . -22.06 11.56 7.27
O4 NAG H . -19.84 11.81 9.07
O5 NAG H . -18.21 10.99 5.91
O6 NAG H . -15.95 11.06 7.59
O7 NAG H . -22.09 10.19 3.34
C1 BMA H . -20.24 10.99 10.14
C2 BMA H . -19.85 11.69 11.45
C3 BMA H . -20.35 10.89 12.65
C4 BMA H . -21.84 10.57 12.51
C5 BMA H . -22.14 9.91 11.16
C6 BMA H . -23.62 9.69 10.92
O2 BMA H . -20.38 13.01 11.47
O3 BMA H . -20.11 11.63 13.84
O4 BMA H . -22.23 9.68 13.56
O5 BMA H . -21.65 10.76 10.11
O6 BMA H . -24.35 10.91 10.90
C1 MAN H . -19.22 11.08 14.81
C2 MAN H . -19.27 11.96 16.08
C3 MAN H . -18.55 13.28 15.83
C4 MAN H . -17.14 13.05 15.30
C5 MAN H . -17.17 12.19 14.04
C6 MAN H . -15.79 11.80 13.55
O2 MAN H . -18.70 11.28 17.18
O3 MAN H . -18.51 14.04 17.03
O4 MAN H . -16.54 14.30 14.97
O5 MAN H . -17.87 10.96 14.33
O6 MAN H . -15.87 11.07 12.32
C1 MAN H . -25.60 10.81 11.55
C2 MAN H . -26.52 11.92 11.01
C3 MAN H . -26.14 13.28 11.58
C4 MAN H . -26.02 13.25 13.10
C5 MAN H . -25.04 12.14 13.52
C6 MAN H . -24.95 11.98 15.03
O2 MAN H . -27.88 11.60 11.33
O3 MAN H . -27.10 14.27 11.20
O4 MAN H . -25.54 14.50 13.57
O5 MAN H . -25.49 10.88 12.98
O6 MAN H . -23.98 11.00 15.38
C1 NAG I . -1.45 -34.36 3.26
C2 NAG I . -2.68 -34.57 4.12
C3 NAG I . -3.23 -35.97 3.88
C4 NAG I . -3.41 -36.26 2.40
C5 NAG I . -2.10 -36.02 1.65
C6 NAG I . -2.21 -36.22 0.15
C7 NAG I . -2.90 -33.79 6.45
C8 NAG I . -2.22 -33.66 7.77
N2 NAG I . -2.22 -34.44 5.50
O3 NAG I . -4.48 -36.14 4.55
O4 NAG I . -3.79 -37.61 2.19
O5 NAG I . -1.68 -34.67 1.88
O6 NAG I . -3.42 -35.71 -0.39
O7 NAG I . -4.02 -33.32 6.24
C1 NAG J . 30.86 -15.50 22.58
C2 NAG J . 30.70 -14.95 24.01
C3 NAG J . 31.49 -15.85 24.96
C4 NAG J . 31.05 -17.29 24.84
C5 NAG J . 31.23 -17.76 23.39
C6 NAG J . 30.71 -19.16 23.14
C7 NAG J . 30.33 -12.54 24.24
C8 NAG J . 30.96 -11.18 24.25
N2 NAG J . 31.15 -13.58 24.09
O3 NAG J . 31.29 -15.40 26.30
O4 NAG J . 31.81 -18.13 25.71
O5 NAG J . 30.50 -16.89 22.51
O6 NAG J . 29.31 -19.25 23.34
O7 NAG J . 29.11 -12.69 24.35
C1 NAG K . 14.74 -18.77 -36.54
C2 NAG K . 15.16 -18.62 -38.00
C3 NAG K . 16.64 -19.01 -38.09
C4 NAG K . 17.48 -18.14 -37.15
C5 NAG K . 16.97 -18.28 -35.71
C6 NAG K . 17.65 -17.33 -34.75
C7 NAG K . 13.68 -19.06 -39.92
C8 NAG K . 12.96 -20.11 -40.71
N2 NAG K . 14.36 -19.49 -38.85
O3 NAG K . 17.10 -18.88 -39.42
O4 NAG K . 18.84 -18.52 -37.21
O5 NAG K . 15.56 -17.98 -35.68
O6 NAG K . 17.09 -17.39 -33.45
O7 NAG K . 13.65 -17.87 -40.24
C1 NAG L . -3.70 -28.69 -34.33
C2 NAG L . -4.68 -29.77 -33.87
C3 NAG L . -5.29 -30.42 -35.12
C4 NAG L . -5.89 -29.38 -36.07
C5 NAG L . -4.80 -28.37 -36.46
C6 NAG L . -5.30 -27.25 -37.34
C7 NAG L . -4.46 -31.66 -32.28
C8 NAG L . -3.48 -32.55 -31.56
N2 NAG L . -3.92 -30.77 -33.13
O3 NAG L . -6.31 -31.36 -34.74
O4 NAG L . -6.39 -30.00 -37.24
O5 NAG L . -4.27 -27.77 -35.26
O6 NAG L . -4.30 -26.27 -37.58
O7 NAG L . -5.67 -31.76 -32.12
C1 NAG M . 25.54 -28.81 -2.98
C2 NAG M . 25.39 -30.24 -3.48
C3 NAG M . 25.94 -30.38 -4.91
C4 NAG M . 25.40 -29.27 -5.81
C5 NAG M . 25.72 -27.90 -5.22
C6 NAG M . 25.18 -26.75 -6.04
C7 NAG M . 25.52 -32.20 -2.00
C8 NAG M . 26.38 -32.98 -1.06
N2 NAG M . 26.09 -31.13 -2.58
O3 NAG M . 25.57 -31.66 -5.42
O4 NAG M . 25.97 -29.39 -7.11
O5 NAG M . 25.12 -27.81 -3.92
O6 NAG M . 23.76 -26.78 -6.13
O7 NAG M . 24.35 -32.50 -2.23
C1 NAG N . 47.24 12.52 -23.85
C2 NAG N . 48.19 13.15 -22.83
C3 NAG N . 49.61 12.97 -23.39
C4 NAG N . 49.92 11.49 -23.63
C5 NAG N . 48.85 10.85 -24.51
C6 NAG N . 48.98 9.35 -24.59
C7 NAG N . 47.78 15.18 -21.50
C8 NAG N . 47.36 16.62 -21.53
N2 NAG N . 47.88 14.57 -22.68
O3 NAG N . 50.54 13.52 -22.45
O4 NAG N . 51.18 11.37 -24.27
O5 NAG N . 47.54 11.13 -23.99
O6 NAG N . 47.98 8.78 -25.43
O7 NAG N . 48.00 14.58 -20.44
C1 I6A O . -11.35 -19.73 -1.21
C2 I6A O . -10.20 -19.13 -1.75
C3 I6A O . -12.22 -19.02 -0.35
C13 I6A O . -10.87 -23.44 -1.44
C14 I6A O . -12.86 -22.91 -2.60
C15 I6A O . -12.69 -21.56 -2.30
C16 I6A O . -10.67 -22.10 -1.12
C17 I6A O . -14.34 -19.00 0.93
C4 I6A O . -9.94 -17.80 -1.42
C5 I6A O . -10.78 -17.11 -0.56
N6 I6A O . -8.92 -17.01 -1.79
C7 I6A O . -11.94 -17.68 -0.02
C8 I6A O . -9.05 -15.82 -1.28
C9 I6A O . -10.14 -15.75 -0.51
C10 I6A O . -11.59 -21.14 -1.53
N11 I6A O . -11.95 -23.81 -2.17
O12 I6A O . -13.35 -19.67 0.15
C1 NAG P . -20.09 13.24 -24.71
C2 NAG P . -19.24 13.13 -25.98
C3 NAG P . -20.16 13.11 -27.19
C4 NAG P . -21.26 12.06 -27.04
C5 NAG P . -22.04 12.30 -25.74
C6 NAG P . -23.11 11.27 -25.47
C7 NAG P . -17.11 14.32 -26.33
C8 NAG P . -16.38 15.62 -26.18
N2 NAG P . -18.40 14.32 -26.00
O3 NAG P . -19.41 12.85 -28.37
O4 NAG P . -22.18 12.15 -28.13
O5 NAG P . -21.11 12.24 -24.64
O6 NAG P . -22.68 9.94 -25.78
O7 NAG P . -16.55 13.30 -26.72
C1 NAG Q . -4.63 40.81 3.05
C2 NAG Q . -3.25 41.43 2.82
C3 NAG Q . -3.44 42.90 2.46
C4 NAG Q . -4.37 43.03 1.24
C5 NAG Q . -5.71 42.37 1.54
C6 NAG Q . -6.64 42.35 0.35
C7 NAG Q . -1.39 40.48 4.10
C8 NAG Q . -0.68 40.44 5.42
N2 NAG Q . -2.43 41.30 4.01
O3 NAG Q . -2.17 43.48 2.16
O4 NAG Q . -4.57 44.40 0.92
O5 NAG Q . -5.49 41.01 1.92
O6 NAG Q . -6.12 41.57 -0.72
O7 NAG Q . -1.03 39.80 3.15
C1 NAG R . -41.91 -7.71 9.62
C2 NAG R . -42.94 -8.45 10.47
C3 NAG R . -43.73 -7.38 11.23
C4 NAG R . -42.78 -6.52 12.08
C5 NAG R . -41.74 -5.86 11.19
C6 NAG R . -40.69 -5.10 11.96
C7 NAG R . -44.05 -10.55 9.80
C8 NAG R . -45.06 -11.17 8.89
N2 NAG R . -43.82 -9.23 9.63
O3 NAG R . -44.72 -8.00 12.04
O4 NAG R . -43.53 -5.53 12.78
O5 NAG R . -41.06 -6.87 10.41
O6 NAG R . -39.67 -4.59 11.12
O7 NAG R . -43.47 -11.19 10.68
C1 NAG S . -41.02 -14.99 -10.13
C2 NAG S . -41.10 -14.97 -11.66
C3 NAG S . -42.16 -15.98 -12.09
C4 NAG S . -41.89 -17.36 -11.49
C5 NAG S . -41.86 -17.27 -9.97
C6 NAG S . -41.50 -18.57 -9.28
C7 NAG S . -41.32 -13.12 -13.29
C8 NAG S . -41.71 -11.69 -13.48
N2 NAG S . -41.49 -13.62 -12.06
O3 NAG S . -42.20 -16.06 -13.51
O4 NAG S . -42.90 -18.28 -11.89
O5 NAG S . -40.86 -16.31 -9.59
O6 NAG S . -41.40 -18.42 -7.88
O7 NAG S . -40.89 -13.80 -14.22
C1 NAG T . -29.12 25.15 -0.71
C2 NAG T . -30.37 25.23 -1.57
C3 NAG T . -31.59 24.74 -0.78
C4 NAG T . -31.31 23.39 -0.13
C5 NAG T . -30.08 23.48 0.76
C6 NAG T . -29.71 22.17 1.42
C7 NAG T . -30.72 26.96 -3.27
C8 NAG T . -30.88 28.43 -3.54
N2 NAG T . -30.57 26.61 -1.99
O3 NAG T . -32.71 24.64 -1.66
O4 NAG T . -32.44 22.97 0.64
O5 NAG T . -28.95 23.90 -0.03
O6 NAG T . -29.35 21.18 0.46
O7 NAG T . -30.72 26.14 -4.18
C1 NAG U . -22.97 11.79 47.85
C2 NAG U . -22.16 12.87 48.56
C3 NAG U . -23.10 13.56 49.54
C4 NAG U . -24.31 14.15 48.81
C5 NAG U . -25.02 13.07 47.99
C6 NAG U . -26.10 13.62 47.08
C7 NAG U . -19.79 12.74 49.20
C8 NAG U . -18.75 11.93 49.91
N2 NAG U . -21.04 12.26 49.25
O3 NAG U . -22.40 14.60 50.22
O4 NAG U . -25.24 14.69 49.75
O5 NAG U . -24.06 12.40 47.14
O6 NAG U . -26.75 12.59 46.35
O7 NAG U . -19.51 13.77 48.60
C1 I6A V . -10.45 -1.52 -20.53
C2 I6A V . -10.84 -1.23 -19.22
C3 I6A V . -9.11 -1.78 -20.87
C13 I6A V . -13.22 -0.12 -22.65
C14 I6A V . -12.88 -2.35 -23.34
C15 I6A V . -11.86 -2.51 -22.39
C16 I6A V . -12.21 -0.23 -21.69
C17 I6A V . -7.46 -2.49 -22.60
C4 I6A V . -9.85 -1.25 -18.24
C5 I6A V . -8.54 -1.54 -18.56
N6 I6A V . -9.97 -1.03 -16.91
C7 I6A V . -8.13 -1.81 -19.85
C8 I6A V . -8.81 -1.16 -16.32
C9 I6A V . -7.85 -1.48 -17.22
C10 I6A V . -11.51 -1.42 -21.57
N11 I6A V . -13.53 -1.17 -23.44
O12 I6A V . -8.77 -2.03 -22.21
#